data_7Q9X
#
_entry.id   7Q9X
#
_cell.length_a   60.330
_cell.length_b   61.380
_cell.length_c   116.480
_cell.angle_alpha   103.560
_cell.angle_beta   89.380
_cell.angle_gamma   105.420
#
_symmetry.space_group_name_H-M   'P 1'
#
loop_
_entity.id
_entity.type
_entity.pdbx_description
1 polymer 'Probable aminotransferase'
2 non-polymer '(3E)-4-{3-hydroxy-2-methyl-5-[(phosphonooxy)methyl]pyridin-4-yl}-2-oxobut-3-enoic acid'
3 non-polymer 1,2-ETHANEDIOL
4 non-polymer 'SODIUM ION'
5 non-polymer "PYRIDOXAL-5'-PHOSPHATE"
6 non-polymer 'PHOSPHATE ION'
7 non-polymer DI(HYDROXYETHYL)ETHER
8 water water
#
_entity_poly.entity_id   1
_entity_poly.type   'polypeptide(L)'
_entity_poly.pdbx_seq_one_letter_code
;MGSSHHHHHHSSGLVPRGSHMASMTGGQQMGRGSMQKQRTTSQWRELDAAHHLHPFTDTASLNQAGARVMTRGEGVYLWD
SEGNKIIDGMAGLWCVNVGYGRKDFAEAARRQMEELPFYNTFFKTTHPAVVELSSLLAEVTPAGFDRVFYTNSGSESVDT
MIRMVRRYWDVQGKPEKKTLIGRWNGYHGSTIGGASLGGMKYMHEQGDLPIPGMAHIEQPWWYKHGKDMTPDEFGVVAAR
WLEEKILEIGADKVAAFVGEPIQGAGGVIVPPATYWPEIERICRKYDVLLVADEVICGFGRTGEWFGHQHFGFQPDLFTA
AKGLSSGYLPIGAVFVGKRVAEGLIAGGDFNHGFTYSGHPVCAAVAHANVAALRDEGIVQRVKDDIGPYMQKRWRETFSR
FEHVDDVRGVGMVQAFTLVKNKAKRELFPDFGEIGTLCRDIFFRNNLIMRACGDHIVSAPPLVMTRAEVDEMLAVAERCL
EEFEQTLKARGLA
;
_entity_poly.pdbx_strand_id   AAA,BBB,CCC,DDD
#
# COMPACT_ATOMS: atom_id res chain seq x y z
N ARG A 39 0.19 0.16 -29.53
CA ARG A 39 0.95 -0.85 -28.75
C ARG A 39 1.35 -2.01 -29.65
N THR A 40 2.58 -2.52 -29.48
CA THR A 40 3.12 -3.69 -30.20
C THR A 40 2.58 -4.99 -29.56
N THR A 41 2.73 -6.10 -30.27
CA THR A 41 2.43 -7.48 -29.77
C THR A 41 3.22 -7.73 -28.48
N SER A 42 4.52 -7.43 -28.50
CA SER A 42 5.45 -7.64 -27.36
CA SER A 42 5.46 -7.63 -27.35
C SER A 42 4.95 -6.87 -26.12
N GLN A 43 4.50 -5.63 -26.32
CA GLN A 43 4.05 -4.71 -25.24
C GLN A 43 2.75 -5.24 -24.61
N TRP A 44 1.76 -5.59 -25.44
CA TRP A 44 0.47 -6.17 -24.98
C TRP A 44 0.73 -7.45 -24.19
N ARG A 45 1.66 -8.30 -24.66
CA ARG A 45 1.99 -9.59 -24.02
C ARG A 45 2.63 -9.34 -22.65
N GLU A 46 3.55 -8.37 -22.58
N GLU A 46 3.55 -8.37 -22.58
CA GLU A 46 4.26 -7.97 -21.33
CA GLU A 46 4.26 -7.97 -21.33
C GLU A 46 3.23 -7.54 -20.28
C GLU A 46 3.23 -7.55 -20.28
N LEU A 47 2.29 -6.68 -20.66
CA LEU A 47 1.25 -6.12 -19.75
C LEU A 47 0.28 -7.23 -19.36
N ASP A 48 -0.14 -8.08 -20.31
CA ASP A 48 -1.07 -9.20 -20.03
C ASP A 48 -0.45 -10.13 -18.97
N ALA A 49 0.82 -10.51 -19.17
CA ALA A 49 1.56 -11.43 -18.27
C ALA A 49 1.69 -10.79 -16.88
N ALA A 50 1.92 -9.48 -16.83
CA ALA A 50 2.21 -8.77 -15.57
C ALA A 50 0.93 -8.58 -14.75
N HIS A 51 -0.26 -8.52 -15.38
CA HIS A 51 -1.46 -7.93 -14.72
C HIS A 51 -2.75 -8.77 -14.85
N HIS A 52 -2.81 -9.80 -15.70
CA HIS A 52 -4.09 -10.47 -16.06
C HIS A 52 -4.04 -11.96 -15.70
N LEU A 53 -4.99 -12.42 -14.87
CA LEU A 53 -5.20 -13.87 -14.57
C LEU A 53 -6.39 -14.35 -15.42
N HIS A 54 -6.15 -15.33 -16.30
CA HIS A 54 -7.11 -15.82 -17.32
C HIS A 54 -7.94 -16.97 -16.76
N PRO A 55 -9.19 -17.15 -17.25
CA PRO A 55 -9.96 -18.37 -17.01
C PRO A 55 -9.26 -19.63 -17.50
N PHE A 56 -9.36 -20.72 -16.72
CA PHE A 56 -9.03 -22.10 -17.15
C PHE A 56 -7.66 -22.11 -17.84
N THR A 57 -6.66 -21.51 -17.20
CA THR A 57 -5.33 -21.27 -17.78
C THR A 57 -4.23 -21.69 -16.78
N ASP A 58 -3.15 -22.25 -17.33
CA ASP A 58 -1.84 -22.40 -16.66
C ASP A 58 -1.10 -21.07 -16.81
N THR A 59 -1.29 -20.16 -15.85
CA THR A 59 -0.77 -18.77 -15.88
C THR A 59 0.76 -18.76 -16.08
N ALA A 60 1.48 -19.56 -15.32
CA ALA A 60 2.97 -19.65 -15.40
C ALA A 60 3.38 -19.88 -16.85
N SER A 61 2.78 -20.89 -17.50
CA SER A 61 3.07 -21.31 -18.89
C SER A 61 2.73 -20.17 -19.85
N LEU A 62 1.50 -19.63 -19.78
CA LEU A 62 1.01 -18.58 -20.71
C LEU A 62 1.92 -17.35 -20.65
N ASN A 63 2.32 -16.93 -19.45
CA ASN A 63 3.13 -15.69 -19.24
C ASN A 63 4.50 -15.83 -19.93
N GLN A 64 5.00 -17.06 -20.07
CA GLN A 64 6.29 -17.36 -20.75
C GLN A 64 6.08 -17.45 -22.27
N ALA A 65 5.08 -18.22 -22.70
CA ALA A 65 4.77 -18.51 -24.13
C ALA A 65 4.25 -17.26 -24.83
N GLY A 66 3.48 -16.43 -24.13
CA GLY A 66 2.89 -15.19 -24.66
C GLY A 66 1.49 -15.44 -25.16
N ALA A 67 0.54 -14.58 -24.78
CA ALA A 67 -0.88 -14.66 -25.18
C ALA A 67 -1.01 -14.20 -26.63
N ARG A 68 -1.88 -14.86 -27.40
CA ARG A 68 -2.27 -14.39 -28.75
C ARG A 68 -3.25 -13.24 -28.58
N VAL A 69 -2.95 -12.07 -29.14
CA VAL A 69 -3.77 -10.83 -28.98
C VAL A 69 -4.75 -10.70 -30.15
N MET A 70 -6.04 -10.94 -29.89
CA MET A 70 -7.13 -10.76 -30.88
C MET A 70 -7.58 -9.30 -30.81
N THR A 71 -7.60 -8.61 -31.96
CA THR A 71 -7.76 -7.14 -32.01
C THR A 71 -9.08 -6.75 -32.69
N ARG A 72 -9.56 -7.56 -33.64
CA ARG A 72 -10.68 -7.17 -34.53
CA ARG A 72 -10.68 -7.17 -34.53
C ARG A 72 -11.47 -8.40 -34.97
N GLY A 73 -12.78 -8.24 -35.16
CA GLY A 73 -13.69 -9.29 -35.63
C GLY A 73 -14.55 -8.77 -36.75
N GLU A 74 -14.83 -9.59 -37.77
CA GLU A 74 -15.84 -9.29 -38.82
C GLU A 74 -16.41 -10.61 -39.38
N GLY A 75 -17.73 -10.76 -39.32
CA GLY A 75 -18.44 -11.98 -39.74
C GLY A 75 -17.94 -13.20 -38.97
N VAL A 76 -17.27 -14.13 -39.64
CA VAL A 76 -16.74 -15.38 -39.03
C VAL A 76 -15.24 -15.25 -38.76
N TYR A 77 -14.65 -14.09 -39.04
CA TYR A 77 -13.17 -13.91 -38.98
C TYR A 77 -12.73 -13.01 -37.82
N LEU A 78 -11.55 -13.32 -37.31
CA LEU A 78 -10.77 -12.48 -36.38
C LEU A 78 -9.46 -12.09 -37.03
N TRP A 79 -8.86 -11.01 -36.55
CA TRP A 79 -7.46 -10.62 -36.84
C TRP A 79 -6.72 -10.52 -35.50
N ASP A 80 -5.47 -10.99 -35.47
CA ASP A 80 -4.62 -10.87 -34.27
C ASP A 80 -3.66 -9.70 -34.49
N SER A 81 -2.88 -9.36 -33.46
CA SER A 81 -1.98 -8.19 -33.42
C SER A 81 -0.83 -8.35 -34.43
N GLU A 82 -0.65 -9.55 -34.99
CA GLU A 82 0.42 -9.86 -35.98
CA GLU A 82 0.43 -9.86 -35.97
C GLU A 82 -0.16 -9.87 -37.39
N GLY A 83 -1.44 -9.54 -37.56
CA GLY A 83 -2.09 -9.35 -38.87
C GLY A 83 -2.65 -10.64 -39.47
N ASN A 84 -2.58 -11.75 -38.75
CA ASN A 84 -3.16 -13.03 -39.21
C ASN A 84 -4.68 -12.91 -39.28
N LYS A 85 -5.28 -13.37 -40.39
CA LYS A 85 -6.75 -13.55 -40.51
CA LYS A 85 -6.75 -13.55 -40.51
C LYS A 85 -7.10 -14.97 -40.07
N ILE A 86 -8.03 -15.09 -39.12
CA ILE A 86 -8.32 -16.36 -38.39
C ILE A 86 -9.80 -16.71 -38.62
N ILE A 87 -10.07 -17.96 -38.97
CA ILE A 87 -11.44 -18.50 -39.06
C ILE A 87 -11.85 -18.88 -37.65
N ASP A 88 -12.88 -18.23 -37.12
CA ASP A 88 -13.35 -18.51 -35.74
C ASP A 88 -14.40 -19.61 -35.80
N GLY A 89 -13.95 -20.86 -35.79
CA GLY A 89 -14.85 -22.02 -35.83
C GLY A 89 -15.49 -22.27 -34.48
N MET A 90 -15.25 -21.40 -33.49
CA MET A 90 -15.88 -21.54 -32.14
C MET A 90 -16.77 -20.32 -31.80
N ALA A 91 -16.96 -19.35 -32.70
CA ALA A 91 -17.84 -18.18 -32.49
C ALA A 91 -17.59 -17.54 -31.12
N GLY A 92 -16.37 -17.09 -30.88
CA GLY A 92 -15.92 -16.56 -29.58
C GLY A 92 -15.79 -17.70 -28.59
N LEU A 93 -16.86 -18.00 -27.87
CA LEU A 93 -16.94 -19.21 -27.02
C LEU A 93 -18.34 -19.78 -27.12
N TRP A 94 -18.65 -20.38 -28.27
CA TRP A 94 -19.95 -21.01 -28.62
C TRP A 94 -21.06 -19.96 -28.62
N CYS A 95 -20.77 -18.67 -28.78
CA CYS A 95 -21.76 -17.62 -28.39
C CYS A 95 -21.98 -16.55 -29.46
N VAL A 96 -21.03 -16.26 -30.35
CA VAL A 96 -21.22 -15.10 -31.28
C VAL A 96 -22.07 -15.57 -32.47
N ASN A 97 -23.35 -15.84 -32.20
CA ASN A 97 -24.24 -16.58 -33.10
C ASN A 97 -24.54 -15.77 -34.37
N VAL A 98 -24.63 -14.44 -34.30
CA VAL A 98 -24.90 -13.61 -35.51
C VAL A 98 -23.59 -13.12 -36.13
N GLY A 99 -22.44 -13.56 -35.63
CA GLY A 99 -21.12 -13.16 -36.12
C GLY A 99 -20.68 -11.81 -35.60
N TYR A 100 -19.46 -11.43 -35.90
CA TYR A 100 -18.85 -10.14 -35.49
C TYR A 100 -19.30 -9.04 -36.47
N GLY A 101 -19.30 -7.78 -36.02
CA GLY A 101 -19.41 -6.59 -36.88
C GLY A 101 -20.81 -6.03 -36.96
N ARG A 102 -21.70 -6.40 -36.03
CA ARG A 102 -23.08 -5.84 -35.98
C ARG A 102 -23.02 -4.40 -35.46
N LYS A 103 -22.86 -3.44 -36.37
CA LYS A 103 -22.86 -1.99 -36.03
C LYS A 103 -24.21 -1.60 -35.42
N ASP A 104 -25.30 -2.29 -35.80
CA ASP A 104 -26.67 -2.00 -35.30
C ASP A 104 -26.75 -2.34 -33.81
N PHE A 105 -26.00 -3.35 -33.35
CA PHE A 105 -25.98 -3.73 -31.91
C PHE A 105 -25.21 -2.66 -31.12
N ALA A 106 -24.10 -2.17 -31.66
CA ALA A 106 -23.30 -1.08 -31.08
C ALA A 106 -24.13 0.21 -30.98
N GLU A 107 -24.99 0.47 -31.96
CA GLU A 107 -25.89 1.66 -31.93
C GLU A 107 -26.93 1.49 -30.82
N ALA A 108 -27.53 0.31 -30.69
CA ALA A 108 -28.54 0.00 -29.65
C ALA A 108 -27.91 0.16 -28.26
N ALA A 109 -26.66 -0.25 -28.09
CA ALA A 109 -25.90 -0.10 -26.83
C ALA A 109 -25.68 1.37 -26.54
N ARG A 110 -25.16 2.13 -27.50
CA ARG A 110 -24.89 3.59 -27.37
C ARG A 110 -26.18 4.31 -26.97
N ARG A 111 -27.28 4.08 -27.68
CA ARG A 111 -28.57 4.79 -27.46
CA ARG A 111 -28.57 4.79 -27.46
C ARG A 111 -29.04 4.52 -26.03
N GLN A 112 -29.03 3.25 -25.61
CA GLN A 112 -29.53 2.89 -24.26
C GLN A 112 -28.59 3.44 -23.19
N MET A 113 -27.27 3.37 -23.38
CA MET A 113 -26.28 3.81 -22.37
C MET A 113 -26.37 5.33 -22.17
N GLU A 114 -26.73 6.08 -23.21
CA GLU A 114 -26.90 7.55 -23.13
C GLU A 114 -28.18 7.88 -22.37
N GLU A 115 -29.26 7.11 -22.55
CA GLU A 115 -30.57 7.40 -21.93
C GLU A 115 -30.57 7.02 -20.45
N LEU A 116 -30.25 5.75 -20.17
CA LEU A 116 -30.24 5.23 -18.80
C LEU A 116 -29.26 4.06 -18.80
N PRO A 117 -27.99 4.28 -18.40
CA PRO A 117 -26.96 3.24 -18.46
C PRO A 117 -27.28 2.07 -17.54
N PHE A 118 -27.92 2.37 -16.40
CA PHE A 118 -28.24 1.37 -15.38
C PHE A 118 -29.37 1.88 -14.49
N TYR A 119 -30.33 1.03 -14.22
CA TYR A 119 -31.14 1.14 -12.99
C TYR A 119 -31.44 -0.26 -12.50
N ASN A 120 -31.60 -0.41 -11.19
CA ASN A 120 -31.78 -1.73 -10.54
C ASN A 120 -33.24 -2.18 -10.68
N THR A 121 -33.47 -3.49 -10.58
CA THR A 121 -34.82 -4.13 -10.63
C THR A 121 -35.24 -4.60 -9.23
N PHE A 122 -34.52 -4.14 -8.19
CA PHE A 122 -34.67 -4.55 -6.77
C PHE A 122 -35.70 -3.70 -6.01
N PHE A 123 -35.84 -2.42 -6.36
CA PHE A 123 -36.58 -1.44 -5.50
C PHE A 123 -38.04 -1.30 -5.93
N LYS A 124 -38.73 -2.40 -6.23
CA LYS A 124 -40.10 -2.39 -6.83
C LYS A 124 -40.03 -1.50 -8.10
N THR A 125 -38.92 -1.63 -8.83
CA THR A 125 -38.57 -0.80 -10.00
C THR A 125 -38.34 -1.66 -11.24
N THR A 126 -38.56 -1.10 -12.41
CA THR A 126 -38.18 -1.71 -13.71
C THR A 126 -37.74 -0.59 -14.66
N HIS A 127 -37.49 -0.94 -15.91
CA HIS A 127 -37.08 0.02 -16.97
C HIS A 127 -37.45 -0.57 -18.31
N PRO A 128 -37.68 0.26 -19.36
CA PRO A 128 -38.20 -0.23 -20.63
C PRO A 128 -37.37 -1.35 -21.29
N ALA A 129 -36.03 -1.24 -21.30
CA ALA A 129 -35.17 -2.21 -22.00
C ALA A 129 -35.46 -3.62 -21.46
N VAL A 130 -35.55 -3.80 -20.13
CA VAL A 130 -35.76 -5.15 -19.53
C VAL A 130 -37.21 -5.59 -19.80
N VAL A 131 -38.20 -4.68 -19.73
CA VAL A 131 -39.62 -5.06 -19.99
C VAL A 131 -39.76 -5.51 -21.45
N GLU A 132 -39.18 -4.76 -22.40
CA GLU A 132 -39.22 -5.05 -23.86
C GLU A 132 -38.55 -6.40 -24.15
N LEU A 133 -37.39 -6.67 -23.56
CA LEU A 133 -36.68 -7.95 -23.78
C LEU A 133 -37.55 -9.09 -23.26
N SER A 134 -38.09 -8.95 -22.05
CA SER A 134 -38.93 -9.98 -21.39
C SER A 134 -40.12 -10.32 -22.30
N SER A 135 -40.71 -9.29 -22.93
CA SER A 135 -41.86 -9.45 -23.85
C SER A 135 -41.43 -10.19 -25.13
N LEU A 136 -40.32 -9.79 -25.73
CA LEU A 136 -39.79 -10.44 -26.96
C LEU A 136 -39.43 -11.90 -26.67
N LEU A 137 -38.80 -12.17 -25.52
CA LEU A 137 -38.34 -13.56 -25.20
C LEU A 137 -39.54 -14.48 -25.13
N ALA A 138 -40.67 -14.01 -24.57
CA ALA A 138 -41.92 -14.80 -24.47
C ALA A 138 -42.43 -15.13 -25.88
N GLU A 139 -42.14 -14.31 -26.89
CA GLU A 139 -42.56 -14.57 -28.30
C GLU A 139 -41.75 -15.71 -28.93
N VAL A 140 -40.49 -15.91 -28.53
CA VAL A 140 -39.56 -16.83 -29.26
C VAL A 140 -39.35 -18.12 -28.47
N THR A 141 -39.70 -18.15 -27.19
CA THR A 141 -39.51 -19.34 -26.33
C THR A 141 -40.72 -20.25 -26.51
N PRO A 142 -40.59 -21.55 -26.17
CA PRO A 142 -41.71 -22.48 -26.29
C PRO A 142 -42.90 -22.04 -25.42
N ALA A 143 -44.09 -22.54 -25.75
CA ALA A 143 -45.34 -22.28 -25.01
C ALA A 143 -45.13 -22.63 -23.54
N GLY A 144 -45.68 -21.81 -22.63
CA GLY A 144 -45.61 -22.05 -21.18
C GLY A 144 -44.43 -21.35 -20.53
N PHE A 145 -43.50 -20.80 -21.31
CA PHE A 145 -42.33 -20.03 -20.81
C PHE A 145 -42.61 -18.54 -20.94
N ASP A 146 -43.33 -18.00 -19.95
CA ASP A 146 -43.80 -16.59 -19.96
C ASP A 146 -42.83 -15.70 -19.16
N ARG A 147 -42.22 -16.26 -18.11
CA ARG A 147 -41.45 -15.48 -17.11
C ARG A 147 -39.96 -15.81 -17.16
N VAL A 148 -39.14 -14.77 -17.06
CA VAL A 148 -37.65 -14.87 -17.14
CA VAL A 148 -37.65 -14.87 -17.13
C VAL A 148 -37.05 -14.14 -15.94
N PHE A 149 -36.04 -14.75 -15.33
CA PHE A 149 -35.16 -14.15 -14.31
C PHE A 149 -33.80 -13.88 -14.96
N TYR A 150 -33.30 -12.66 -14.85
CA TYR A 150 -32.05 -12.24 -15.53
C TYR A 150 -30.84 -12.39 -14.63
N THR A 151 -29.73 -12.73 -15.26
CA THR A 151 -28.38 -12.83 -14.67
C THR A 151 -27.39 -12.20 -15.62
N ASN A 152 -26.11 -12.23 -15.26
CA ASN A 152 -25.00 -11.75 -16.10
C ASN A 152 -24.39 -12.90 -16.91
N SER A 153 -24.53 -14.15 -16.48
CA SER A 153 -23.74 -15.28 -17.02
C SER A 153 -24.56 -16.57 -16.98
N GLY A 154 -24.10 -17.56 -17.74
CA GLY A 154 -24.64 -18.92 -17.68
C GLY A 154 -24.42 -19.51 -16.30
N SER A 155 -23.27 -19.21 -15.67
CA SER A 155 -22.92 -19.73 -14.33
C SER A 155 -23.93 -19.19 -13.32
N GLU A 156 -24.21 -17.90 -13.36
CA GLU A 156 -25.21 -17.28 -12.46
C GLU A 156 -26.60 -17.85 -12.75
N SER A 157 -26.93 -18.13 -14.01
CA SER A 157 -28.23 -18.73 -14.38
CA SER A 157 -28.23 -18.73 -14.38
C SER A 157 -28.36 -20.12 -13.73
N VAL A 158 -27.28 -20.89 -13.74
CA VAL A 158 -27.31 -22.24 -13.12
C VAL A 158 -27.49 -22.11 -11.60
N ASP A 159 -26.76 -21.21 -10.95
CA ASP A 159 -26.91 -20.96 -9.50
C ASP A 159 -28.34 -20.53 -9.19
N THR A 160 -28.90 -19.65 -10.02
CA THR A 160 -30.29 -19.16 -9.87
C THR A 160 -31.24 -20.36 -9.96
N MET A 161 -31.03 -21.21 -10.96
CA MET A 161 -31.88 -22.40 -11.20
C MET A 161 -31.80 -23.33 -9.99
N ILE A 162 -30.61 -23.53 -9.42
CA ILE A 162 -30.44 -24.43 -8.25
C ILE A 162 -31.30 -23.90 -7.08
N ARG A 163 -31.18 -22.61 -6.77
CA ARG A 163 -31.93 -21.98 -5.66
C ARG A 163 -33.42 -21.99 -5.96
N MET A 164 -33.82 -21.79 -7.22
CA MET A 164 -35.24 -21.84 -7.65
C MET A 164 -35.82 -23.23 -7.43
N VAL A 165 -35.08 -24.27 -7.81
CA VAL A 165 -35.52 -25.68 -7.74
C VAL A 165 -35.73 -26.02 -6.25
N ARG A 166 -34.78 -25.63 -5.42
CA ARG A 166 -34.83 -25.95 -3.96
C ARG A 166 -35.97 -25.15 -3.32
N ARG A 167 -36.11 -23.87 -3.66
CA ARG A 167 -37.20 -23.00 -3.14
C ARG A 167 -38.56 -23.60 -3.53
N TYR A 168 -38.70 -24.01 -4.79
CA TYR A 168 -39.94 -24.62 -5.32
C TYR A 168 -40.40 -25.75 -4.39
N TRP A 169 -39.51 -26.69 -4.09
CA TRP A 169 -39.88 -27.88 -3.29
C TRP A 169 -40.17 -27.48 -1.84
N ASP A 170 -39.48 -26.48 -1.31
CA ASP A 170 -39.79 -25.93 0.05
C ASP A 170 -41.22 -25.39 0.06
N VAL A 171 -41.62 -24.66 -0.98
CA VAL A 171 -42.99 -24.07 -1.09
C VAL A 171 -44.01 -25.21 -1.15
N GLN A 172 -43.67 -26.32 -1.80
CA GLN A 172 -44.58 -27.50 -1.96
C GLN A 172 -44.67 -28.30 -0.66
N GLY A 173 -43.95 -27.90 0.39
CA GLY A 173 -43.91 -28.59 1.69
C GLY A 173 -43.04 -29.83 1.65
N LYS A 174 -41.99 -29.84 0.81
CA LYS A 174 -41.08 -31.01 0.65
C LYS A 174 -39.64 -30.53 0.84
N PRO A 175 -39.25 -30.04 2.04
CA PRO A 175 -37.91 -29.50 2.24
C PRO A 175 -36.79 -30.56 2.12
N GLU A 176 -37.15 -31.85 2.10
CA GLU A 176 -36.23 -32.99 1.87
C GLU A 176 -35.82 -33.08 0.38
N LYS A 177 -36.61 -32.50 -0.51
CA LYS A 177 -36.48 -32.71 -1.97
C LYS A 177 -35.47 -31.68 -2.49
N LYS A 178 -34.17 -31.97 -2.39
CA LYS A 178 -33.14 -30.92 -2.55
C LYS A 178 -31.95 -31.36 -3.42
N THR A 179 -31.81 -32.65 -3.73
CA THR A 179 -30.64 -33.12 -4.51
C THR A 179 -30.90 -32.88 -6.00
N LEU A 180 -29.94 -32.25 -6.67
CA LEU A 180 -29.90 -32.14 -8.14
C LEU A 180 -28.91 -33.16 -8.70
N ILE A 181 -29.31 -33.87 -9.73
CA ILE A 181 -28.48 -34.91 -10.40
C ILE A 181 -27.99 -34.34 -11.72
N GLY A 182 -26.70 -34.38 -11.91
CA GLY A 182 -26.04 -34.05 -13.18
C GLY A 182 -25.26 -35.26 -13.68
N ARG A 183 -24.29 -35.01 -14.54
CA ARG A 183 -23.53 -36.07 -15.21
C ARG A 183 -22.03 -35.82 -15.15
N TRP A 184 -21.27 -36.91 -15.05
CA TRP A 184 -19.82 -36.86 -15.27
C TRP A 184 -19.58 -36.31 -16.68
N ASN A 185 -18.65 -35.36 -16.78
CA ASN A 185 -18.29 -34.65 -18.03
C ASN A 185 -19.41 -33.70 -18.48
N GLY A 186 -20.41 -33.46 -17.64
CA GLY A 186 -21.36 -32.36 -17.87
C GLY A 186 -20.73 -31.07 -17.46
N TYR A 187 -21.14 -29.96 -18.06
CA TYR A 187 -20.60 -28.63 -17.69
C TYR A 187 -21.77 -27.68 -17.48
N HIS A 188 -21.81 -27.07 -16.30
CA HIS A 188 -22.90 -26.14 -15.89
C HIS A 188 -22.30 -24.87 -15.29
N GLY A 189 -21.10 -24.49 -15.72
CA GLY A 189 -20.48 -23.23 -15.34
C GLY A 189 -19.50 -23.35 -14.20
N SER A 190 -19.09 -22.21 -13.68
CA SER A 190 -17.86 -22.08 -12.86
CA SER A 190 -17.85 -22.08 -12.86
C SER A 190 -18.14 -21.38 -11.53
N THR A 191 -19.40 -21.11 -11.22
CA THR A 191 -19.79 -20.79 -9.83
C THR A 191 -19.54 -22.05 -9.01
N ILE A 192 -19.47 -21.92 -7.69
CA ILE A 192 -19.37 -23.10 -6.80
C ILE A 192 -20.57 -24.02 -7.06
N GLY A 193 -21.77 -23.47 -7.20
CA GLY A 193 -22.98 -24.26 -7.50
C GLY A 193 -22.90 -24.94 -8.85
N GLY A 194 -22.57 -24.18 -9.89
CA GLY A 194 -22.46 -24.68 -11.28
C GLY A 194 -21.36 -25.70 -11.43
N ALA A 195 -20.22 -25.49 -10.81
CA ALA A 195 -19.05 -26.41 -10.84
C ALA A 195 -19.40 -27.71 -10.13
N SER A 196 -20.22 -27.63 -9.08
CA SER A 196 -20.69 -28.78 -8.29
C SER A 196 -21.63 -29.66 -9.12
N LEU A 197 -22.57 -29.04 -9.84
CA LEU A 197 -23.58 -29.73 -10.67
C LEU A 197 -22.92 -30.27 -11.94
N GLY A 198 -21.98 -29.51 -12.50
CA GLY A 198 -21.06 -30.00 -13.53
C GLY A 198 -20.33 -31.25 -13.04
N GLY A 199 -19.78 -32.02 -13.97
CA GLY A 199 -19.12 -33.30 -13.65
C GLY A 199 -17.66 -33.31 -14.08
N MET A 200 -16.98 -32.17 -13.96
CA MET A 200 -15.54 -32.05 -14.29
C MET A 200 -14.71 -32.25 -13.02
N LYS A 201 -14.07 -33.41 -12.86
CA LYS A 201 -13.30 -33.72 -11.63
C LYS A 201 -12.18 -32.68 -11.45
N TYR A 202 -11.59 -32.21 -12.54
CA TYR A 202 -10.51 -31.17 -12.51
C TYR A 202 -11.04 -29.87 -11.89
N MET A 203 -12.36 -29.64 -11.91
CA MET A 203 -13.00 -28.46 -11.27
C MET A 203 -13.36 -28.80 -9.82
N HIS A 204 -13.89 -29.99 -9.57
CA HIS A 204 -14.32 -30.45 -8.22
C HIS A 204 -13.15 -30.35 -7.25
N GLU A 205 -11.94 -30.71 -7.70
CA GLU A 205 -10.74 -30.80 -6.83
C GLU A 205 -10.20 -29.40 -6.50
N GLN A 206 -10.79 -28.33 -7.04
CA GLN A 206 -10.40 -26.93 -6.75
C GLN A 206 -11.61 -26.20 -6.12
N GLY A 207 -11.69 -26.21 -4.79
CA GLY A 207 -12.80 -25.58 -4.03
C GLY A 207 -13.55 -26.56 -3.15
N ASP A 208 -13.14 -27.84 -3.11
CA ASP A 208 -13.78 -28.90 -2.28
C ASP A 208 -15.23 -29.13 -2.73
N LEU A 209 -15.44 -29.36 -4.03
CA LEU A 209 -16.77 -29.60 -4.63
C LEU A 209 -16.92 -31.09 -4.95
N PRO A 210 -18.15 -31.61 -5.15
CA PRO A 210 -19.39 -30.82 -5.10
C PRO A 210 -19.91 -30.49 -3.69
N ILE A 211 -20.66 -29.40 -3.63
CA ILE A 211 -21.47 -29.03 -2.43
C ILE A 211 -22.53 -30.11 -2.19
N PRO A 212 -23.13 -30.15 -1.00
CA PRO A 212 -24.19 -31.11 -0.71
C PRO A 212 -25.41 -31.03 -1.63
N GLY A 213 -26.13 -32.14 -1.71
CA GLY A 213 -27.38 -32.22 -2.49
C GLY A 213 -27.07 -32.17 -3.96
N MET A 214 -25.94 -32.78 -4.33
CA MET A 214 -25.53 -32.94 -5.74
C MET A 214 -25.17 -34.41 -5.94
N ALA A 215 -25.54 -34.97 -7.09
CA ALA A 215 -25.18 -36.34 -7.46
C ALA A 215 -24.89 -36.39 -8.95
N HIS A 216 -24.24 -37.46 -9.40
CA HIS A 216 -23.79 -37.54 -10.80
C HIS A 216 -23.96 -38.96 -11.31
N ILE A 217 -24.42 -39.06 -12.55
CA ILE A 217 -24.50 -40.34 -13.29
C ILE A 217 -23.54 -40.27 -14.46
N GLU A 218 -23.23 -41.42 -15.03
CA GLU A 218 -22.28 -41.48 -16.17
C GLU A 218 -22.91 -40.80 -17.39
N GLN A 219 -22.08 -40.28 -18.29
CA GLN A 219 -22.53 -39.57 -19.51
C GLN A 219 -22.86 -40.56 -20.61
N PRO A 220 -23.83 -40.23 -21.48
CA PRO A 220 -24.26 -41.11 -22.58
C PRO A 220 -23.27 -41.03 -23.75
N TRP A 221 -22.04 -41.44 -23.49
CA TRP A 221 -20.90 -41.43 -24.44
C TRP A 221 -20.77 -42.85 -25.01
N TRP A 222 -21.43 -43.10 -26.13
CA TRP A 222 -21.56 -44.45 -26.73
C TRP A 222 -20.16 -44.98 -27.10
N TYR A 223 -19.29 -44.14 -27.65
CA TYR A 223 -17.98 -44.62 -28.17
C TYR A 223 -17.21 -45.37 -27.07
N LYS A 224 -17.24 -44.86 -25.84
CA LYS A 224 -16.52 -45.45 -24.68
C LYS A 224 -17.37 -46.49 -23.95
N HIS A 225 -18.65 -46.21 -23.69
CA HIS A 225 -19.49 -46.97 -22.73
C HIS A 225 -20.46 -47.91 -23.44
N GLY A 226 -20.53 -47.88 -24.77
CA GLY A 226 -21.55 -48.57 -25.56
C GLY A 226 -21.38 -50.09 -25.62
N LYS A 227 -20.21 -50.61 -25.27
CA LYS A 227 -19.94 -52.08 -25.32
C LYS A 227 -20.40 -52.62 -26.68
N ASP A 228 -21.27 -53.62 -26.69
CA ASP A 228 -21.78 -54.27 -27.94
CA ASP A 228 -21.78 -54.27 -27.95
C ASP A 228 -23.21 -53.79 -28.24
N MET A 229 -23.68 -52.74 -27.54
CA MET A 229 -25.03 -52.16 -27.78
C MET A 229 -24.98 -51.25 -29.00
N THR A 230 -26.11 -51.15 -29.72
CA THR A 230 -26.36 -50.08 -30.70
C THR A 230 -26.50 -48.78 -29.91
N PRO A 231 -26.25 -47.62 -30.55
CA PRO A 231 -26.52 -46.34 -29.92
C PRO A 231 -27.91 -46.25 -29.27
N ASP A 232 -28.96 -46.68 -29.99
CA ASP A 232 -30.36 -46.60 -29.50
C ASP A 232 -30.51 -47.50 -28.27
N GLU A 233 -29.96 -48.70 -28.29
CA GLU A 233 -30.00 -49.59 -27.11
C GLU A 233 -29.28 -48.90 -25.95
N PHE A 234 -28.13 -48.32 -26.23
CA PHE A 234 -27.26 -47.67 -25.22
C PHE A 234 -27.98 -46.46 -24.62
N GLY A 235 -28.74 -45.73 -25.42
CA GLY A 235 -29.49 -44.54 -24.98
C GLY A 235 -30.44 -44.88 -23.86
N VAL A 236 -31.15 -46.00 -23.99
CA VAL A 236 -32.10 -46.44 -22.93
C VAL A 236 -31.30 -46.80 -21.68
N VAL A 237 -30.23 -47.54 -21.82
CA VAL A 237 -29.37 -47.97 -20.68
C VAL A 237 -28.77 -46.73 -19.98
N ALA A 238 -28.25 -45.77 -20.73
CA ALA A 238 -27.58 -44.57 -20.17
C ALA A 238 -28.61 -43.70 -19.45
N ALA A 239 -29.84 -43.63 -19.98
CA ALA A 239 -30.96 -42.91 -19.32
C ALA A 239 -31.34 -43.63 -18.03
N ARG A 240 -31.37 -44.96 -18.03
CA ARG A 240 -31.81 -45.73 -16.84
CA ARG A 240 -31.81 -45.74 -16.84
C ARG A 240 -30.80 -45.58 -15.70
N TRP A 241 -29.56 -45.15 -15.98
CA TRP A 241 -28.61 -44.80 -14.91
C TRP A 241 -29.23 -43.71 -14.01
N LEU A 242 -30.04 -42.83 -14.58
CA LEU A 242 -30.77 -41.82 -13.76
C LEU A 242 -31.76 -42.50 -12.82
N GLU A 243 -32.57 -43.44 -13.31
CA GLU A 243 -33.55 -44.18 -12.47
CA GLU A 243 -33.55 -44.18 -12.47
C GLU A 243 -32.80 -44.90 -11.34
N GLU A 244 -31.69 -45.55 -11.67
CA GLU A 244 -30.84 -46.27 -10.67
CA GLU A 244 -30.84 -46.27 -10.67
C GLU A 244 -30.40 -45.29 -9.59
N LYS A 245 -29.91 -44.12 -9.98
CA LYS A 245 -29.38 -43.12 -9.02
C LYS A 245 -30.54 -42.59 -8.17
N ILE A 246 -31.69 -42.30 -8.78
CA ILE A 246 -32.89 -41.81 -8.04
C ILE A 246 -33.28 -42.85 -6.98
N LEU A 247 -33.30 -44.13 -7.33
CA LEU A 247 -33.72 -45.19 -6.38
C LEU A 247 -32.67 -45.37 -5.29
N GLU A 248 -31.39 -45.16 -5.61
CA GLU A 248 -30.27 -45.22 -4.62
C GLU A 248 -30.44 -44.10 -3.59
N ILE A 249 -30.68 -42.87 -4.03
CA ILE A 249 -30.81 -41.68 -3.15
C ILE A 249 -32.15 -41.74 -2.42
N GLY A 250 -33.21 -42.17 -3.12
CA GLY A 250 -34.62 -42.03 -2.70
C GLY A 250 -35.27 -40.87 -3.43
N ALA A 251 -36.32 -41.14 -4.21
CA ALA A 251 -37.02 -40.15 -5.04
C ALA A 251 -37.46 -38.96 -4.17
N ASP A 252 -37.82 -39.21 -2.91
CA ASP A 252 -38.33 -38.14 -2.03
C ASP A 252 -37.23 -37.10 -1.75
N LYS A 253 -35.96 -37.42 -2.02
CA LYS A 253 -34.83 -36.48 -1.75
C LYS A 253 -34.33 -35.84 -3.05
N VAL A 254 -34.89 -36.20 -4.20
CA VAL A 254 -34.36 -35.75 -5.52
C VAL A 254 -35.24 -34.63 -6.06
N ALA A 255 -34.67 -33.44 -6.21
CA ALA A 255 -35.35 -32.22 -6.68
C ALA A 255 -35.41 -32.16 -8.20
N ALA A 256 -34.32 -32.50 -8.87
CA ALA A 256 -34.21 -32.25 -10.32
C ALA A 256 -33.09 -33.08 -10.95
N PHE A 257 -33.25 -33.34 -12.24
CA PHE A 257 -32.16 -33.78 -13.14
C PHE A 257 -31.88 -32.61 -14.09
N VAL A 258 -30.60 -32.31 -14.28
CA VAL A 258 -30.11 -31.18 -15.10
C VAL A 258 -29.17 -31.75 -16.17
N GLY A 259 -29.40 -31.38 -17.43
CA GLY A 259 -28.47 -31.74 -18.50
C GLY A 259 -28.48 -30.77 -19.66
N GLU A 260 -27.31 -30.58 -20.24
CA GLU A 260 -27.13 -29.99 -21.58
C GLU A 260 -27.71 -30.96 -22.60
N PRO A 261 -28.59 -30.50 -23.52
CA PRO A 261 -29.14 -31.39 -24.54
C PRO A 261 -28.01 -32.14 -25.27
N ILE A 262 -27.02 -31.37 -25.70
CA ILE A 262 -25.69 -31.85 -26.19
C ILE A 262 -24.65 -31.32 -25.20
N GLN A 263 -23.82 -32.19 -24.65
CA GLN A 263 -22.71 -31.79 -23.76
C GLN A 263 -21.68 -31.00 -24.57
N GLY A 264 -21.45 -29.74 -24.20
CA GLY A 264 -20.59 -28.80 -24.95
C GLY A 264 -19.15 -28.96 -24.59
N ALA A 265 -18.73 -28.40 -23.47
CA ALA A 265 -17.33 -28.36 -23.00
C ALA A 265 -16.79 -29.77 -22.80
N GLY A 266 -17.68 -30.74 -22.56
CA GLY A 266 -17.31 -32.18 -22.46
C GLY A 266 -16.87 -32.78 -23.78
N GLY A 267 -17.18 -32.14 -24.92
CA GLY A 267 -16.71 -32.58 -26.26
C GLY A 267 -17.82 -32.85 -27.24
N VAL A 268 -18.94 -32.11 -27.20
CA VAL A 268 -20.08 -32.27 -28.14
C VAL A 268 -20.50 -33.74 -28.10
N ILE A 269 -20.87 -34.21 -26.91
CA ILE A 269 -21.40 -35.57 -26.71
C ILE A 269 -22.87 -35.52 -27.10
N VAL A 270 -23.19 -36.13 -28.24
CA VAL A 270 -24.57 -36.16 -28.80
C VAL A 270 -25.22 -37.45 -28.34
N PRO A 271 -26.25 -37.39 -27.46
CA PRO A 271 -26.83 -38.62 -26.95
C PRO A 271 -27.63 -39.32 -28.04
N PRO A 272 -27.86 -40.64 -27.92
CA PRO A 272 -28.75 -41.32 -28.86
C PRO A 272 -30.18 -40.77 -28.82
N ALA A 273 -30.96 -41.03 -29.88
CA ALA A 273 -32.33 -40.49 -30.04
C ALA A 273 -33.23 -41.02 -28.91
N THR A 274 -32.92 -42.19 -28.37
CA THR A 274 -33.71 -42.85 -27.30
C THR A 274 -33.42 -42.25 -25.92
N TYR A 275 -32.36 -41.46 -25.76
CA TYR A 275 -31.90 -41.01 -24.43
C TYR A 275 -32.88 -40.04 -23.76
N TRP A 276 -33.10 -38.88 -24.34
CA TRP A 276 -33.89 -37.80 -23.69
C TRP A 276 -35.32 -38.25 -23.41
N PRO A 277 -36.03 -38.96 -24.33
CA PRO A 277 -37.36 -39.46 -24.00
C PRO A 277 -37.40 -40.36 -22.76
N GLU A 278 -36.38 -41.17 -22.56
CA GLU A 278 -36.25 -42.08 -21.39
C GLU A 278 -35.93 -41.24 -20.15
N ILE A 279 -35.02 -40.27 -20.27
CA ILE A 279 -34.68 -39.36 -19.14
C ILE A 279 -35.99 -38.68 -18.70
N GLU A 280 -36.79 -38.20 -19.65
CA GLU A 280 -38.02 -37.44 -19.33
C GLU A 280 -39.03 -38.39 -18.67
N ARG A 281 -39.21 -39.60 -19.22
CA ARG A 281 -40.12 -40.60 -18.61
C ARG A 281 -39.74 -40.81 -17.14
N ILE A 282 -38.45 -41.03 -16.90
CA ILE A 282 -37.92 -41.31 -15.53
C ILE A 282 -38.19 -40.11 -14.62
N CYS A 283 -37.85 -38.89 -15.05
CA CYS A 283 -38.06 -37.69 -14.20
C CYS A 283 -39.55 -37.60 -13.83
N ARG A 284 -40.45 -37.77 -14.81
CA ARG A 284 -41.90 -37.57 -14.54
C ARG A 284 -42.37 -38.68 -13.60
N LYS A 285 -41.90 -39.90 -13.80
CA LYS A 285 -42.35 -41.05 -12.97
C LYS A 285 -42.07 -40.75 -11.49
N TYR A 286 -40.92 -40.13 -11.17
CA TYR A 286 -40.43 -39.99 -9.78
C TYR A 286 -40.68 -38.59 -9.24
N ASP A 287 -41.46 -37.77 -9.96
CA ASP A 287 -41.82 -36.38 -9.58
C ASP A 287 -40.55 -35.58 -9.31
N VAL A 288 -39.63 -35.65 -10.27
CA VAL A 288 -38.35 -34.91 -10.27
C VAL A 288 -38.47 -33.86 -11.35
N LEU A 289 -38.04 -32.62 -11.09
CA LEU A 289 -38.05 -31.55 -12.12
C LEU A 289 -37.00 -31.90 -13.17
N LEU A 290 -37.25 -31.46 -14.40
CA LEU A 290 -36.35 -31.71 -15.57
C LEU A 290 -35.85 -30.35 -16.05
N VAL A 291 -34.55 -30.19 -16.11
CA VAL A 291 -33.92 -28.88 -16.44
C VAL A 291 -32.98 -29.10 -17.62
N ALA A 292 -33.19 -28.33 -18.68
CA ALA A 292 -32.24 -28.22 -19.80
C ALA A 292 -31.26 -27.08 -19.50
N ASP A 293 -29.98 -27.35 -19.67
CA ASP A 293 -28.97 -26.29 -19.69
C ASP A 293 -28.78 -25.92 -21.16
N GLU A 294 -29.38 -24.81 -21.58
CA GLU A 294 -29.39 -24.33 -22.99
C GLU A 294 -28.32 -23.26 -23.22
N VAL A 295 -27.32 -23.13 -22.36
CA VAL A 295 -26.37 -22.00 -22.45
C VAL A 295 -25.62 -22.08 -23.80
N ILE A 296 -25.29 -23.28 -24.29
CA ILE A 296 -24.70 -23.43 -25.67
C ILE A 296 -25.79 -23.71 -26.70
N CYS A 297 -26.66 -24.67 -26.43
CA CYS A 297 -27.65 -25.17 -27.41
C CYS A 297 -28.70 -24.10 -27.72
N GLY A 298 -28.84 -23.09 -26.86
CA GLY A 298 -29.92 -22.11 -26.97
C GLY A 298 -29.67 -21.11 -28.09
N PHE A 299 -30.73 -20.46 -28.56
CA PHE A 299 -30.69 -19.38 -29.57
C PHE A 299 -30.08 -19.90 -30.89
N GLY A 300 -30.50 -21.09 -31.28
CA GLY A 300 -30.50 -21.55 -32.69
C GLY A 300 -29.38 -22.52 -33.00
N ARG A 301 -28.52 -22.87 -32.05
CA ARG A 301 -27.31 -23.70 -32.29
C ARG A 301 -27.64 -25.04 -32.98
N THR A 302 -28.76 -25.69 -32.65
CA THR A 302 -29.15 -27.02 -33.21
C THR A 302 -30.02 -26.88 -34.46
N GLY A 303 -30.44 -25.66 -34.78
CA GLY A 303 -31.44 -25.36 -35.83
C GLY A 303 -32.82 -25.15 -35.24
N GLU A 304 -33.10 -25.77 -34.09
CA GLU A 304 -34.24 -25.34 -33.25
C GLU A 304 -33.81 -24.12 -32.45
N TRP A 305 -34.78 -23.35 -31.93
CA TRP A 305 -34.43 -22.24 -31.00
C TRP A 305 -33.64 -22.82 -29.81
N PHE A 306 -34.04 -23.99 -29.30
CA PHE A 306 -33.47 -24.60 -28.08
C PHE A 306 -33.20 -26.08 -28.33
N GLY A 307 -32.11 -26.59 -27.75
CA GLY A 307 -31.70 -27.99 -27.90
C GLY A 307 -32.75 -28.98 -27.44
N HIS A 308 -33.52 -28.65 -26.40
CA HIS A 308 -34.56 -29.58 -25.90
C HIS A 308 -35.63 -29.79 -26.95
N GLN A 309 -35.86 -28.81 -27.81
CA GLN A 309 -36.87 -28.94 -28.90
C GLN A 309 -36.37 -29.96 -29.92
N HIS A 310 -35.07 -29.92 -30.25
CA HIS A 310 -34.48 -30.87 -31.19
C HIS A 310 -34.61 -32.31 -30.65
N PHE A 311 -34.32 -32.51 -29.37
CA PHE A 311 -34.31 -33.85 -28.73
C PHE A 311 -35.69 -34.26 -28.24
N GLY A 312 -36.66 -33.35 -28.28
CA GLY A 312 -38.08 -33.66 -28.03
C GLY A 312 -38.39 -33.90 -26.57
N PHE A 313 -37.85 -33.09 -25.66
CA PHE A 313 -38.27 -33.12 -24.23
C PHE A 313 -38.74 -31.75 -23.78
N GLN A 314 -39.56 -31.75 -22.73
CA GLN A 314 -40.25 -30.55 -22.21
C GLN A 314 -39.76 -30.25 -20.80
N PRO A 315 -38.67 -29.47 -20.64
CA PRO A 315 -38.12 -29.13 -19.33
C PRO A 315 -39.04 -28.16 -18.57
N ASP A 316 -38.91 -28.11 -17.24
CA ASP A 316 -39.66 -27.21 -16.34
C ASP A 316 -38.99 -25.84 -16.27
N LEU A 317 -37.68 -25.81 -16.51
CA LEU A 317 -36.83 -24.61 -16.49
C LEU A 317 -35.72 -24.86 -17.50
N PHE A 318 -35.16 -23.80 -18.05
CA PHE A 318 -33.89 -23.91 -18.80
C PHE A 318 -33.05 -22.65 -18.56
N THR A 319 -31.75 -22.86 -18.56
CA THR A 319 -30.72 -21.83 -18.33
C THR A 319 -30.16 -21.38 -19.68
N ALA A 320 -29.84 -20.10 -19.80
CA ALA A 320 -29.41 -19.49 -21.08
C ALA A 320 -28.38 -18.41 -20.81
N ALA A 321 -27.50 -18.19 -21.78
CA ALA A 321 -26.59 -17.04 -21.90
C ALA A 321 -26.02 -17.08 -23.32
N LYS A 322 -24.74 -16.76 -23.50
CA LYS A 322 -24.03 -16.91 -24.79
CA LYS A 322 -24.03 -16.91 -24.79
C LYS A 322 -24.88 -16.32 -25.93
N GLY A 323 -25.52 -17.17 -26.74
CA GLY A 323 -26.32 -16.79 -27.91
C GLY A 323 -27.44 -15.82 -27.60
N LEU A 324 -27.89 -15.74 -26.33
CA LEU A 324 -28.94 -14.77 -25.92
C LEU A 324 -28.61 -13.36 -26.42
N SER A 325 -27.35 -12.93 -26.33
CA SER A 325 -26.86 -11.63 -26.81
C SER A 325 -25.80 -11.78 -27.90
N SER A 326 -25.58 -12.98 -28.44
CA SER A 326 -24.44 -13.33 -29.31
C SER A 326 -23.12 -12.89 -28.66
N GLY A 327 -23.04 -12.91 -27.32
CA GLY A 327 -21.85 -12.50 -26.58
C GLY A 327 -21.51 -11.02 -26.69
N TYR A 328 -22.37 -10.19 -27.28
CA TYR A 328 -22.07 -8.75 -27.51
C TYR A 328 -22.03 -8.01 -26.16
N LEU A 329 -22.85 -8.43 -25.21
CA LEU A 329 -22.76 -7.97 -23.80
C LEU A 329 -23.17 -9.10 -22.87
N PRO A 330 -22.68 -9.08 -21.61
CA PRO A 330 -22.99 -10.14 -20.65
C PRO A 330 -24.45 -10.11 -20.20
N ILE A 331 -25.17 -11.19 -20.45
CA ILE A 331 -26.54 -11.38 -19.95
C ILE A 331 -26.83 -12.89 -19.99
N GLY A 332 -27.49 -13.37 -18.96
CA GLY A 332 -28.02 -14.72 -18.90
C GLY A 332 -29.43 -14.69 -18.41
N ALA A 333 -30.09 -15.83 -18.42
CA ALA A 333 -31.49 -15.90 -17.99
C ALA A 333 -31.82 -17.32 -17.53
N VAL A 334 -32.77 -17.40 -16.61
CA VAL A 334 -33.54 -18.63 -16.35
C VAL A 334 -34.94 -18.42 -16.92
N PHE A 335 -35.29 -19.27 -17.88
CA PHE A 335 -36.65 -19.39 -18.45
C PHE A 335 -37.44 -20.34 -17.55
N VAL A 336 -38.48 -19.81 -16.91
CA VAL A 336 -39.23 -20.54 -15.86
C VAL A 336 -40.60 -20.95 -16.42
N GLY A 337 -40.85 -22.25 -16.45
CA GLY A 337 -42.12 -22.82 -16.90
C GLY A 337 -43.23 -22.47 -15.93
N LYS A 338 -44.46 -22.71 -16.34
CA LYS A 338 -45.68 -22.34 -15.58
CA LYS A 338 -45.68 -22.33 -15.57
C LYS A 338 -45.68 -23.00 -14.20
N ARG A 339 -45.33 -24.29 -14.12
CA ARG A 339 -45.35 -25.07 -12.85
C ARG A 339 -44.45 -24.39 -11.80
N VAL A 340 -43.18 -24.20 -12.14
CA VAL A 340 -42.19 -23.68 -11.16
C VAL A 340 -42.47 -22.19 -10.92
N ALA A 341 -42.89 -21.43 -11.93
CA ALA A 341 -43.16 -19.99 -11.79
C ALA A 341 -44.30 -19.78 -10.76
N GLU A 342 -45.36 -20.58 -10.85
CA GLU A 342 -46.52 -20.47 -9.92
CA GLU A 342 -46.51 -20.47 -9.93
C GLU A 342 -46.04 -20.82 -8.51
N GLY A 343 -45.18 -21.84 -8.40
CA GLY A 343 -44.62 -22.24 -7.09
C GLY A 343 -43.77 -21.15 -6.48
N LEU A 344 -42.93 -20.49 -7.27
CA LEU A 344 -42.06 -19.40 -6.77
C LEU A 344 -42.93 -18.21 -6.36
N ILE A 345 -43.93 -17.87 -7.17
CA ILE A 345 -44.80 -16.68 -6.93
C ILE A 345 -45.62 -16.95 -5.66
N ALA A 346 -46.04 -18.18 -5.44
CA ALA A 346 -46.76 -18.63 -4.22
C ALA A 346 -45.86 -18.48 -2.98
N GLY A 347 -44.54 -18.38 -3.14
CA GLY A 347 -43.57 -18.39 -2.02
C GLY A 347 -43.17 -17.02 -1.52
N GLY A 348 -43.85 -15.94 -1.93
CA GLY A 348 -43.52 -14.57 -1.48
C GLY A 348 -42.15 -14.11 -1.96
N ASP A 349 -41.28 -13.69 -1.04
CA ASP A 349 -39.93 -13.15 -1.38
C ASP A 349 -39.06 -14.27 -1.99
N PHE A 350 -38.38 -14.00 -3.10
CA PHE A 350 -37.26 -14.82 -3.61
C PHE A 350 -35.99 -14.01 -3.36
N ASN A 351 -35.24 -14.39 -2.32
CA ASN A 351 -34.10 -13.64 -1.76
C ASN A 351 -32.85 -13.96 -2.58
N HIS A 352 -32.88 -13.53 -3.84
CA HIS A 352 -31.89 -13.90 -4.88
C HIS A 352 -31.82 -12.83 -5.96
N GLY A 353 -30.63 -12.60 -6.51
CA GLY A 353 -30.43 -11.74 -7.69
C GLY A 353 -29.14 -10.95 -7.63
N PHE A 354 -28.82 -10.31 -8.75
CA PHE A 354 -27.52 -9.63 -9.00
C PHE A 354 -27.78 -8.16 -9.30
N THR A 355 -26.88 -7.30 -8.83
CA THR A 355 -26.92 -5.84 -9.04
C THR A 355 -27.30 -5.57 -10.51
N TYR A 356 -26.65 -6.27 -11.44
CA TYR A 356 -26.77 -6.01 -12.90
C TYR A 356 -27.85 -6.87 -13.55
N SER A 357 -28.65 -7.61 -12.78
CA SER A 357 -29.82 -8.37 -13.31
C SER A 357 -30.68 -7.42 -14.12
N GLY A 358 -30.89 -7.70 -15.41
CA GLY A 358 -31.79 -6.93 -16.28
C GLY A 358 -31.15 -5.67 -16.81
N HIS A 359 -29.82 -5.56 -16.69
CA HIS A 359 -29.03 -4.37 -17.07
C HIS A 359 -29.59 -3.77 -18.36
N PRO A 360 -30.00 -2.48 -18.36
CA PRO A 360 -30.64 -1.90 -19.53
C PRO A 360 -29.86 -2.06 -20.84
N VAL A 361 -28.56 -1.82 -20.81
CA VAL A 361 -27.72 -1.80 -22.05
C VAL A 361 -27.59 -3.24 -22.56
N CYS A 362 -27.30 -4.19 -21.67
CA CYS A 362 -27.26 -5.64 -22.02
C CYS A 362 -28.61 -6.10 -22.55
N ALA A 363 -29.71 -5.64 -21.94
CA ALA A 363 -31.09 -5.99 -22.34
C ALA A 363 -31.36 -5.43 -23.74
N ALA A 364 -30.93 -4.19 -24.01
CA ALA A 364 -31.15 -3.51 -25.31
C ALA A 364 -30.45 -4.30 -26.42
N VAL A 365 -29.23 -4.74 -26.15
CA VAL A 365 -28.41 -5.53 -27.13
C VAL A 365 -29.01 -6.92 -27.30
N ALA A 366 -29.37 -7.63 -26.21
CA ALA A 366 -30.03 -8.95 -26.31
C ALA A 366 -31.29 -8.83 -27.16
N HIS A 367 -32.03 -7.74 -27.00
CA HIS A 367 -33.31 -7.52 -27.75
C HIS A 367 -32.99 -7.48 -29.25
N ALA A 368 -32.03 -6.64 -29.62
CA ALA A 368 -31.56 -6.49 -31.03
C ALA A 368 -31.13 -7.87 -31.56
N ASN A 369 -30.37 -8.62 -30.76
CA ASN A 369 -29.86 -9.95 -31.12
C ASN A 369 -31.00 -10.93 -31.35
N VAL A 370 -31.94 -11.04 -30.42
CA VAL A 370 -33.05 -12.03 -30.54
C VAL A 370 -33.94 -11.63 -31.72
N ALA A 371 -34.22 -10.35 -31.90
CA ALA A 371 -35.05 -9.86 -33.04
C ALA A 371 -34.34 -10.20 -34.35
N ALA A 372 -33.02 -10.10 -34.40
CA ALA A 372 -32.22 -10.43 -35.61
C ALA A 372 -32.33 -11.93 -35.89
N LEU A 373 -32.14 -12.75 -34.85
CA LEU A 373 -32.20 -14.23 -34.98
C LEU A 373 -33.53 -14.64 -35.59
N ARG A 374 -34.64 -13.99 -35.18
CA ARG A 374 -35.98 -14.27 -35.73
C ARG A 374 -36.14 -13.59 -37.09
N ASP A 375 -36.05 -12.25 -37.12
CA ASP A 375 -36.58 -11.41 -38.25
C ASP A 375 -35.70 -11.59 -39.50
N GLU A 376 -34.42 -11.86 -39.32
CA GLU A 376 -33.48 -12.06 -40.45
C GLU A 376 -33.41 -13.55 -40.85
N GLY A 377 -34.16 -14.42 -40.17
CA GLY A 377 -34.35 -15.84 -40.53
C GLY A 377 -33.11 -16.68 -40.23
N ILE A 378 -32.26 -16.22 -39.32
CA ILE A 378 -30.95 -16.85 -38.98
C ILE A 378 -31.19 -18.24 -38.38
N VAL A 379 -32.13 -18.39 -37.44
CA VAL A 379 -32.40 -19.72 -36.80
C VAL A 379 -32.99 -20.66 -37.85
N GLN A 380 -33.98 -20.19 -38.62
CA GLN A 380 -34.66 -20.99 -39.66
C GLN A 380 -33.62 -21.46 -40.68
N ARG A 381 -32.65 -20.60 -40.99
CA ARG A 381 -31.57 -20.91 -41.98
C ARG A 381 -30.69 -22.04 -41.43
N VAL A 382 -30.45 -22.09 -40.13
CA VAL A 382 -29.68 -23.23 -39.54
C VAL A 382 -30.48 -24.51 -39.78
N LYS A 383 -31.78 -24.50 -39.53
CA LYS A 383 -32.61 -25.73 -39.61
CA LYS A 383 -32.61 -25.73 -39.61
C LYS A 383 -32.67 -26.25 -41.05
N ASP A 384 -32.93 -25.36 -42.02
CA ASP A 384 -33.34 -25.75 -43.41
CA ASP A 384 -33.32 -25.84 -43.39
C ASP A 384 -32.18 -25.68 -44.39
N ASP A 385 -31.13 -24.92 -44.08
CA ASP A 385 -30.11 -24.58 -45.11
C ASP A 385 -28.69 -24.91 -44.63
N ILE A 386 -28.09 -24.06 -43.80
CA ILE A 386 -26.64 -24.17 -43.48
C ILE A 386 -26.40 -25.36 -42.55
N GLY A 387 -27.34 -25.69 -41.67
CA GLY A 387 -27.19 -26.86 -40.79
C GLY A 387 -26.98 -28.14 -41.60
N PRO A 388 -27.95 -28.54 -42.45
CA PRO A 388 -27.79 -29.75 -43.26
C PRO A 388 -26.52 -29.72 -44.13
N TYR A 389 -26.14 -28.55 -44.66
CA TYR A 389 -24.91 -28.40 -45.48
C TYR A 389 -23.68 -28.69 -44.61
N MET A 390 -23.58 -28.02 -43.46
CA MET A 390 -22.47 -28.22 -42.50
C MET A 390 -22.39 -29.70 -42.17
N GLN A 391 -23.50 -30.33 -41.81
CA GLN A 391 -23.49 -31.71 -41.26
C GLN A 391 -23.03 -32.67 -42.36
N LYS A 392 -23.52 -32.50 -43.59
CA LYS A 392 -23.12 -33.34 -44.75
C LYS A 392 -21.62 -33.15 -45.03
N ARG A 393 -21.17 -31.91 -45.11
CA ARG A 393 -19.78 -31.56 -45.48
C ARG A 393 -18.85 -32.02 -44.35
N TRP A 394 -19.27 -31.85 -43.10
CA TRP A 394 -18.48 -32.32 -41.93
C TRP A 394 -18.20 -33.82 -42.06
N ARG A 395 -19.23 -34.61 -42.35
CA ARG A 395 -19.11 -36.10 -42.46
C ARG A 395 -18.28 -36.46 -43.70
N GLU A 396 -18.51 -35.79 -44.84
CA GLU A 396 -17.71 -35.98 -46.09
C GLU A 396 -16.22 -35.77 -45.81
N THR A 397 -15.87 -34.72 -45.06
CA THR A 397 -14.47 -34.30 -44.82
C THR A 397 -13.73 -35.27 -43.89
N PHE A 398 -14.31 -35.64 -42.75
CA PHE A 398 -13.55 -36.23 -41.61
C PHE A 398 -13.69 -37.76 -41.55
N SER A 399 -14.66 -38.35 -42.24
CA SER A 399 -14.98 -39.80 -42.08
CA SER A 399 -14.99 -39.80 -42.09
C SER A 399 -13.82 -40.69 -42.55
N ARG A 400 -13.03 -40.23 -43.52
CA ARG A 400 -12.00 -41.08 -44.18
C ARG A 400 -10.73 -41.25 -43.32
N PHE A 401 -10.50 -40.41 -42.31
CA PHE A 401 -9.20 -40.38 -41.59
C PHE A 401 -9.05 -41.62 -40.70
N GLU A 402 -7.85 -42.20 -40.70
CA GLU A 402 -7.52 -43.43 -39.95
C GLU A 402 -7.67 -43.20 -38.44
N HIS A 403 -7.36 -42.01 -37.95
CA HIS A 403 -7.34 -41.71 -36.49
C HIS A 403 -8.48 -40.74 -36.12
N VAL A 404 -9.53 -40.66 -36.94
CA VAL A 404 -10.77 -39.88 -36.62
C VAL A 404 -11.97 -40.83 -36.55
N ASP A 405 -12.80 -40.69 -35.51
CA ASP A 405 -14.03 -41.51 -35.40
C ASP A 405 -15.12 -40.71 -34.70
N ASP A 406 -16.32 -41.26 -34.73
CA ASP A 406 -17.53 -40.67 -34.08
C ASP A 406 -17.74 -39.27 -34.64
N VAL A 407 -17.70 -39.17 -35.97
CA VAL A 407 -17.99 -37.88 -36.65
C VAL A 407 -19.48 -37.60 -36.40
N ARG A 408 -19.78 -36.40 -35.91
CA ARG A 408 -21.10 -36.15 -35.31
C ARG A 408 -21.42 -34.66 -35.38
N GLY A 409 -22.69 -34.36 -35.13
CA GLY A 409 -23.17 -32.99 -35.09
C GLY A 409 -24.62 -32.85 -35.48
N VAL A 410 -25.17 -31.72 -35.07
CA VAL A 410 -26.57 -31.28 -35.31
CA VAL A 410 -26.58 -31.29 -35.31
C VAL A 410 -26.53 -29.78 -35.60
N GLY A 411 -27.22 -29.30 -36.65
CA GLY A 411 -27.33 -27.86 -36.93
C GLY A 411 -25.96 -27.24 -37.15
N MET A 412 -25.46 -26.44 -36.21
CA MET A 412 -24.15 -25.77 -36.35
C MET A 412 -23.25 -26.10 -35.16
N VAL A 413 -23.47 -27.24 -34.51
CA VAL A 413 -22.50 -27.80 -33.53
C VAL A 413 -22.08 -29.17 -34.06
N GLN A 414 -20.77 -29.39 -34.18
CA GLN A 414 -20.25 -30.65 -34.75
C GLN A 414 -18.90 -30.99 -34.14
N ALA A 415 -18.51 -32.25 -34.26
CA ALA A 415 -17.29 -32.75 -33.60
C ALA A 415 -16.82 -34.08 -34.19
N PHE A 416 -15.68 -34.52 -33.71
CA PHE A 416 -15.18 -35.89 -33.91
C PHE A 416 -14.21 -36.19 -32.79
N THR A 417 -13.76 -37.44 -32.71
CA THR A 417 -12.77 -37.87 -31.72
C THR A 417 -11.52 -38.40 -32.45
N LEU A 418 -10.36 -37.95 -32.00
CA LEU A 418 -9.04 -38.53 -32.39
C LEU A 418 -8.88 -39.83 -31.60
N VAL A 419 -8.63 -40.94 -32.31
CA VAL A 419 -8.60 -42.30 -31.71
C VAL A 419 -7.33 -43.02 -32.19
N LYS A 420 -6.78 -43.89 -31.35
CA LYS A 420 -5.58 -44.70 -31.67
C LYS A 420 -5.95 -45.74 -32.74
N ASN A 421 -7.13 -46.35 -32.59
CA ASN A 421 -7.56 -47.48 -33.44
C ASN A 421 -9.09 -47.51 -33.52
N LYS A 422 -9.65 -47.19 -34.69
CA LYS A 422 -11.12 -47.14 -34.93
C LYS A 422 -11.75 -48.52 -34.70
N ALA A 423 -11.16 -49.58 -35.26
CA ALA A 423 -11.73 -50.94 -35.25
C ALA A 423 -11.91 -51.44 -33.81
N LYS A 424 -11.06 -50.99 -32.89
CA LYS A 424 -11.08 -51.41 -31.47
C LYS A 424 -11.79 -50.38 -30.59
N ARG A 425 -12.21 -49.25 -31.16
CA ARG A 425 -12.70 -48.06 -30.43
C ARG A 425 -11.68 -47.74 -29.32
N GLU A 426 -10.40 -47.77 -29.65
CA GLU A 426 -9.28 -47.56 -28.68
C GLU A 426 -8.88 -46.09 -28.70
N LEU A 427 -9.00 -45.43 -27.56
CA LEU A 427 -8.58 -44.02 -27.37
C LEU A 427 -7.07 -43.96 -27.12
N PHE A 428 -6.48 -42.80 -27.41
CA PHE A 428 -5.09 -42.48 -27.09
C PHE A 428 -4.93 -42.44 -25.57
N PRO A 429 -3.75 -42.81 -25.04
CA PRO A 429 -3.50 -42.67 -23.61
C PRO A 429 -3.43 -41.17 -23.25
N ASP A 430 -3.59 -40.84 -21.97
CA ASP A 430 -3.45 -39.47 -21.45
C ASP A 430 -4.47 -38.58 -22.17
N PHE A 431 -5.70 -39.08 -22.33
CA PHE A 431 -6.81 -38.44 -23.09
C PHE A 431 -6.70 -36.92 -22.91
N GLY A 432 -6.48 -36.18 -23.99
CA GLY A 432 -6.22 -34.73 -23.97
C GLY A 432 -4.88 -34.35 -24.60
N GLU A 433 -3.85 -35.20 -24.47
CA GLU A 433 -2.51 -34.89 -25.01
CA GLU A 433 -2.51 -34.89 -25.01
C GLU A 433 -2.57 -34.80 -26.53
N ILE A 434 -3.25 -35.75 -27.18
CA ILE A 434 -3.32 -35.81 -28.67
C ILE A 434 -4.24 -34.69 -29.15
N GLY A 435 -5.34 -34.41 -28.43
CA GLY A 435 -6.24 -33.28 -28.76
C GLY A 435 -5.49 -31.96 -28.78
N THR A 436 -4.63 -31.74 -27.79
CA THR A 436 -3.82 -30.50 -27.65
CA THR A 436 -3.82 -30.49 -27.64
C THR A 436 -2.89 -30.36 -28.86
N LEU A 437 -2.22 -31.45 -29.23
CA LEU A 437 -1.34 -31.52 -30.42
C LEU A 437 -2.12 -31.05 -31.65
N CYS A 438 -3.34 -31.55 -31.83
CA CYS A 438 -4.17 -31.25 -33.03
C CYS A 438 -4.64 -29.80 -32.99
N ARG A 439 -5.14 -29.35 -31.84
CA ARG A 439 -5.62 -27.96 -31.61
C ARG A 439 -4.50 -26.97 -31.96
N ASP A 440 -3.27 -27.24 -31.51
CA ASP A 440 -2.10 -26.35 -31.73
C ASP A 440 -1.82 -26.23 -33.23
N ILE A 441 -1.99 -27.32 -34.00
CA ILE A 441 -1.83 -27.34 -35.49
C ILE A 441 -2.90 -26.43 -36.10
N PHE A 442 -4.16 -26.57 -35.71
CA PHE A 442 -5.28 -25.70 -36.17
C PHE A 442 -4.93 -24.23 -35.94
N PHE A 443 -4.52 -23.91 -34.70
CA PHE A 443 -4.27 -22.53 -34.23
CA PHE A 443 -4.27 -22.53 -34.22
C PHE A 443 -3.14 -21.90 -35.05
N ARG A 444 -2.08 -22.67 -35.29
CA ARG A 444 -0.91 -22.27 -36.13
C ARG A 444 -1.38 -21.97 -37.55
N ASN A 445 -2.40 -22.68 -38.03
CA ASN A 445 -2.97 -22.52 -39.40
C ASN A 445 -4.18 -21.56 -39.35
N ASN A 446 -4.27 -20.74 -38.31
CA ASN A 446 -5.25 -19.62 -38.21
C ASN A 446 -6.68 -20.16 -38.33
N LEU A 447 -6.93 -21.31 -37.70
CA LEU A 447 -8.28 -21.91 -37.55
C LEU A 447 -8.51 -22.18 -36.07
N ILE A 448 -9.61 -21.66 -35.53
CA ILE A 448 -10.01 -21.95 -34.13
C ILE A 448 -11.02 -23.09 -34.13
N MET A 449 -10.59 -24.24 -33.64
CA MET A 449 -11.45 -25.36 -33.19
C MET A 449 -10.89 -25.81 -31.85
N ARG A 450 -11.75 -26.26 -30.96
CA ARG A 450 -11.38 -26.51 -29.55
C ARG A 450 -11.14 -28.00 -29.38
N ALA A 451 -10.14 -28.37 -28.57
CA ALA A 451 -9.95 -29.75 -28.08
C ALA A 451 -10.61 -29.88 -26.69
N CYS A 452 -11.50 -30.84 -26.56
CA CYS A 452 -12.11 -31.27 -25.28
C CYS A 452 -11.63 -32.70 -25.04
N GLY A 453 -10.62 -32.87 -24.19
CA GLY A 453 -9.79 -34.09 -24.25
C GLY A 453 -9.29 -34.29 -25.68
N ASP A 454 -9.57 -35.46 -26.27
CA ASP A 454 -9.19 -35.79 -27.67
C ASP A 454 -10.38 -35.60 -28.60
N HIS A 455 -11.48 -35.03 -28.11
CA HIS A 455 -12.59 -34.55 -28.96
C HIS A 455 -12.18 -33.21 -29.60
N ILE A 456 -12.37 -33.08 -30.92
CA ILE A 456 -12.25 -31.79 -31.64
C ILE A 456 -13.65 -31.28 -31.92
N VAL A 457 -13.95 -30.05 -31.51
CA VAL A 457 -15.32 -29.49 -31.59
C VAL A 457 -15.30 -28.18 -32.38
N SER A 458 -16.43 -27.85 -32.98
CA SER A 458 -16.69 -26.62 -33.74
C SER A 458 -18.10 -26.12 -33.45
N ALA A 459 -18.23 -24.81 -33.29
CA ALA A 459 -19.54 -24.12 -33.20
C ALA A 459 -19.37 -22.73 -33.77
N PRO A 460 -19.30 -22.57 -35.11
CA PRO A 460 -19.06 -21.27 -35.70
C PRO A 460 -20.29 -20.38 -35.66
N PRO A 461 -20.17 -19.09 -36.01
CA PRO A 461 -21.34 -18.22 -36.11
C PRO A 461 -22.42 -18.86 -37.00
N LEU A 462 -23.69 -18.72 -36.61
CA LEU A 462 -24.83 -19.36 -37.32
C LEU A 462 -24.94 -18.78 -38.73
N VAL A 463 -24.43 -17.57 -38.93
CA VAL A 463 -24.55 -16.80 -40.20
C VAL A 463 -23.47 -17.26 -41.19
N MET A 464 -22.59 -18.19 -40.79
CA MET A 464 -21.53 -18.71 -41.68
C MET A 464 -22.16 -19.11 -43.04
N THR A 465 -21.55 -18.71 -44.16
CA THR A 465 -22.05 -19.09 -45.50
C THR A 465 -21.52 -20.49 -45.89
N ARG A 466 -22.14 -21.08 -46.90
CA ARG A 466 -21.69 -22.36 -47.49
C ARG A 466 -20.21 -22.24 -47.90
N ALA A 467 -19.85 -21.13 -48.55
CA ALA A 467 -18.45 -20.87 -48.98
C ALA A 467 -17.54 -20.88 -47.74
N GLU A 468 -18.00 -20.29 -46.64
CA GLU A 468 -17.20 -20.19 -45.40
C GLU A 468 -17.11 -21.57 -44.75
N VAL A 469 -18.17 -22.37 -44.82
CA VAL A 469 -18.11 -23.77 -44.32
C VAL A 469 -16.98 -24.50 -45.07
N ASP A 470 -16.98 -24.41 -46.39
CA ASP A 470 -15.99 -25.16 -47.23
C ASP A 470 -14.57 -24.63 -46.97
N GLU A 471 -14.42 -23.32 -46.78
CA GLU A 471 -13.11 -22.68 -46.47
CA GLU A 471 -13.10 -22.69 -46.47
C GLU A 471 -12.58 -23.26 -45.15
N MET A 472 -13.44 -23.30 -44.14
CA MET A 472 -13.08 -23.81 -42.79
C MET A 472 -12.67 -25.28 -42.87
N LEU A 473 -13.47 -26.11 -43.53
CA LEU A 473 -13.21 -27.57 -43.66
C LEU A 473 -11.94 -27.83 -44.48
N ALA A 474 -11.65 -27.02 -45.49
CA ALA A 474 -10.40 -27.14 -46.29
C ALA A 474 -9.18 -26.98 -45.38
N VAL A 475 -9.18 -25.99 -44.49
CA VAL A 475 -8.06 -25.76 -43.53
C VAL A 475 -8.01 -26.94 -42.55
N ALA A 476 -9.14 -27.33 -41.97
CA ALA A 476 -9.21 -28.43 -40.99
C ALA A 476 -8.66 -29.72 -41.64
N GLU A 477 -9.07 -29.99 -42.88
CA GLU A 477 -8.66 -31.20 -43.64
C GLU A 477 -7.13 -31.22 -43.76
N ARG A 478 -6.53 -30.14 -44.23
CA ARG A 478 -5.05 -30.04 -44.41
CA ARG A 478 -5.05 -30.04 -44.41
C ARG A 478 -4.37 -30.23 -43.06
N CYS A 479 -4.95 -29.69 -41.99
CA CYS A 479 -4.41 -29.79 -40.62
C CYS A 479 -4.42 -31.24 -40.16
N LEU A 480 -5.51 -31.97 -40.43
CA LEU A 480 -5.63 -33.40 -40.04
CA LEU A 480 -5.63 -33.40 -40.04
C LEU A 480 -4.62 -34.24 -40.84
N GLU A 481 -4.41 -33.91 -42.10
CA GLU A 481 -3.39 -34.59 -42.95
C GLU A 481 -2.03 -34.43 -42.28
N GLU A 482 -1.68 -33.23 -41.84
CA GLU A 482 -0.41 -32.96 -41.11
C GLU A 482 -0.41 -33.68 -39.74
N PHE A 483 -1.52 -33.63 -39.00
CA PHE A 483 -1.62 -34.33 -37.70
C PHE A 483 -1.27 -35.82 -37.87
N GLU A 484 -1.83 -36.47 -38.88
CA GLU A 484 -1.67 -37.92 -39.13
CA GLU A 484 -1.66 -37.93 -39.13
C GLU A 484 -0.21 -38.20 -39.52
N GLN A 485 0.37 -37.33 -40.34
CA GLN A 485 1.80 -37.42 -40.76
C GLN A 485 2.68 -37.44 -39.50
N THR A 486 2.48 -36.47 -38.59
CA THR A 486 3.28 -36.30 -37.35
C THR A 486 3.10 -37.52 -36.45
N LEU A 487 1.86 -37.97 -36.28
CA LEU A 487 1.49 -39.19 -35.50
C LEU A 487 2.39 -40.35 -35.92
N LYS A 488 2.45 -40.66 -37.22
CA LYS A 488 3.18 -41.83 -37.79
C LYS A 488 4.69 -41.59 -37.63
N ALA A 489 5.14 -40.35 -37.87
CA ALA A 489 6.55 -39.90 -37.73
C ALA A 489 7.05 -40.21 -36.31
N ARG A 490 6.21 -39.95 -35.30
CA ARG A 490 6.57 -40.14 -33.86
C ARG A 490 6.30 -41.59 -33.43
N GLY A 491 5.85 -42.45 -34.35
CA GLY A 491 5.50 -43.87 -34.08
C GLY A 491 4.37 -44.01 -33.07
N LEU A 492 3.43 -43.06 -33.08
CA LEU A 492 2.26 -43.00 -32.15
C LEU A 492 1.03 -43.60 -32.84
N ALA A 493 1.10 -43.88 -34.15
CA ALA A 493 -0.03 -44.29 -35.01
C ALA A 493 -0.31 -45.79 -34.87
N ARG B 39 -45.00 3.55 -25.32
CA ARG B 39 -45.71 2.69 -24.33
C ARG B 39 -46.10 3.54 -23.11
N THR B 40 -47.30 3.33 -22.57
CA THR B 40 -47.81 3.99 -21.34
C THR B 40 -47.22 3.29 -20.11
N THR B 41 -47.36 3.93 -18.94
CA THR B 41 -47.01 3.37 -17.61
C THR B 41 -47.78 2.06 -17.40
N SER B 42 -49.08 2.07 -17.67
CA SER B 42 -49.99 0.90 -17.51
CA SER B 42 -49.99 0.91 -17.51
C SER B 42 -49.50 -0.27 -18.35
N GLN B 43 -49.07 0.00 -19.59
CA GLN B 43 -48.64 -1.03 -20.58
C GLN B 43 -47.32 -1.67 -20.12
N TRP B 44 -46.32 -0.84 -19.76
CA TRP B 44 -45.01 -1.28 -19.21
CA TRP B 44 -45.02 -1.32 -19.24
C TRP B 44 -45.24 -2.18 -17.99
N ARG B 45 -46.15 -1.78 -17.10
CA ARG B 45 -46.45 -2.51 -15.84
C ARG B 45 -47.07 -3.86 -16.16
N GLU B 46 -48.01 -3.89 -17.12
CA GLU B 46 -48.72 -5.12 -17.56
CA GLU B 46 -48.71 -5.12 -17.55
C GLU B 46 -47.69 -6.13 -18.08
N LEU B 47 -46.78 -5.68 -18.94
CA LEU B 47 -45.74 -6.54 -19.57
C LEU B 47 -44.74 -6.99 -18.51
N ASP B 48 -44.32 -6.09 -17.61
CA ASP B 48 -43.36 -6.42 -16.53
C ASP B 48 -43.95 -7.54 -15.66
N ALA B 49 -45.19 -7.37 -15.22
CA ALA B 49 -45.92 -8.33 -14.35
C ALA B 49 -46.05 -9.68 -15.05
N ALA B 50 -46.31 -9.67 -16.36
CA ALA B 50 -46.60 -10.89 -17.14
C ALA B 50 -45.31 -11.68 -17.40
N HIS B 51 -44.14 -11.04 -17.45
CA HIS B 51 -42.94 -11.66 -18.08
C HIS B 51 -41.64 -11.57 -17.27
N HIS B 52 -41.56 -10.77 -16.21
CA HIS B 52 -40.26 -10.42 -15.56
C HIS B 52 -40.27 -10.87 -14.09
N LEU B 53 -39.31 -11.70 -13.69
CA LEU B 53 -39.07 -12.07 -12.26
C LEU B 53 -37.88 -11.26 -11.76
N HIS B 54 -38.09 -10.43 -10.73
CA HIS B 54 -37.14 -9.42 -10.21
C HIS B 54 -36.27 -10.03 -9.11
N PRO B 55 -35.03 -9.53 -8.92
CA PRO B 55 -34.22 -9.84 -7.75
C PRO B 55 -34.91 -9.41 -6.44
N PHE B 56 -34.77 -10.24 -5.39
CA PHE B 56 -35.08 -9.87 -3.99
C PHE B 56 -36.47 -9.22 -3.92
N THR B 57 -37.47 -9.85 -4.55
CA THR B 57 -38.83 -9.29 -4.73
C THR B 57 -39.88 -10.32 -4.36
N ASP B 58 -40.96 -9.84 -3.74
CA ASP B 58 -42.25 -10.54 -3.59
C ASP B 58 -43.03 -10.31 -4.89
N THR B 59 -42.87 -11.21 -5.86
CA THR B 59 -43.43 -11.08 -7.24
C THR B 59 -44.96 -10.86 -7.18
N ALA B 60 -45.67 -11.68 -6.41
CA ALA B 60 -47.15 -11.59 -6.28
C ALA B 60 -47.54 -10.15 -5.92
N SER B 61 -46.90 -9.57 -4.90
CA SER B 61 -47.18 -8.21 -4.39
CA SER B 61 -47.17 -8.21 -4.39
C SER B 61 -46.85 -7.16 -5.46
N LEU B 62 -45.64 -7.23 -6.04
CA LEU B 62 -45.18 -6.24 -7.06
C LEU B 62 -46.14 -6.22 -8.25
N ASN B 63 -46.56 -7.39 -8.73
CA ASN B 63 -47.41 -7.53 -9.96
C ASN B 63 -48.78 -6.87 -9.71
N GLN B 64 -49.23 -6.80 -8.46
CA GLN B 64 -50.53 -6.18 -8.07
CA GLN B 64 -50.52 -6.17 -8.05
C GLN B 64 -50.33 -4.66 -7.91
N ALA B 65 -49.30 -4.23 -7.17
CA ALA B 65 -49.01 -2.82 -6.84
C ALA B 65 -48.55 -2.07 -8.09
N GLY B 66 -47.80 -2.73 -8.99
CA GLY B 66 -47.23 -2.15 -10.20
C GLY B 66 -45.82 -1.63 -9.95
N ALA B 67 -44.89 -1.96 -10.85
CA ALA B 67 -43.47 -1.55 -10.80
C ALA B 67 -43.35 -0.09 -11.19
N ARG B 68 -42.47 0.65 -10.52
CA ARG B 68 -42.10 2.03 -10.92
C ARG B 68 -41.14 1.93 -12.10
N VAL B 69 -41.47 2.57 -13.22
CA VAL B 69 -40.68 2.46 -14.48
C VAL B 69 -39.71 3.64 -14.58
N MET B 70 -38.41 3.37 -14.37
CA MET B 70 -37.33 4.38 -14.55
C MET B 70 -36.93 4.40 -16.02
N THR B 71 -36.91 5.57 -16.63
CA THR B 71 -36.75 5.71 -18.09
C THR B 71 -35.44 6.41 -18.45
N ARG B 72 -34.96 7.34 -17.61
CA ARG B 72 -33.86 8.26 -17.97
C ARG B 72 -33.07 8.65 -16.72
N GLY B 73 -31.79 8.92 -16.90
CA GLY B 73 -30.87 9.36 -15.84
C GLY B 73 -30.02 10.50 -16.33
N GLU B 74 -29.74 11.47 -15.46
CA GLU B 74 -28.76 12.55 -15.73
C GLU B 74 -28.17 13.05 -14.41
N GLY B 75 -26.84 13.00 -14.29
CA GLY B 75 -26.11 13.38 -13.06
C GLY B 75 -26.57 12.54 -11.88
N VAL B 76 -27.24 13.16 -10.90
CA VAL B 76 -27.73 12.46 -9.66
C VAL B 76 -29.23 12.20 -9.78
N TYR B 77 -29.85 12.52 -10.91
CA TYR B 77 -31.32 12.44 -11.06
C TYR B 77 -31.77 11.31 -12.00
N LEU B 78 -32.93 10.77 -11.69
CA LEU B 78 -33.72 9.85 -12.55
C LEU B 78 -35.05 10.49 -12.91
N TRP B 79 -35.64 10.04 -13.99
CA TRP B 79 -37.05 10.33 -14.35
C TRP B 79 -37.78 9.01 -14.51
N ASP B 80 -39.03 8.94 -14.02
CA ASP B 80 -39.87 7.74 -14.19
C ASP B 80 -40.86 8.01 -15.33
N SER B 81 -41.65 7.00 -15.70
CA SER B 81 -42.57 7.01 -16.85
C SER B 81 -43.72 8.01 -16.62
N GLU B 82 -43.88 8.52 -15.39
CA GLU B 82 -44.94 9.49 -15.04
CA GLU B 82 -44.94 9.49 -15.04
C GLU B 82 -44.36 10.92 -15.00
N GLY B 83 -43.07 11.08 -15.32
CA GLY B 83 -42.43 12.42 -15.46
C GLY B 83 -41.86 12.94 -14.15
N ASN B 84 -41.92 12.16 -13.06
CA ASN B 84 -41.33 12.57 -11.76
C ASN B 84 -39.81 12.66 -11.90
N LYS B 85 -39.22 13.75 -11.41
CA LYS B 85 -37.75 13.90 -11.25
C LYS B 85 -37.37 13.39 -9.86
N ILE B 86 -36.41 12.46 -9.80
CA ILE B 86 -36.10 11.66 -8.58
C ILE B 86 -34.63 11.90 -8.23
N ILE B 87 -34.34 12.18 -6.96
CA ILE B 87 -32.95 12.25 -6.45
C ILE B 87 -32.51 10.82 -6.15
N ASP B 88 -31.48 10.36 -6.85
CA ASP B 88 -31.02 8.97 -6.66
C ASP B 88 -29.93 8.98 -5.57
N GLY B 89 -30.37 8.88 -4.31
CA GLY B 89 -29.44 8.88 -3.17
C GLY B 89 -28.78 7.52 -3.01
N MET B 90 -29.02 6.58 -3.92
CA MET B 90 -28.38 5.24 -3.86
C MET B 90 -27.51 4.96 -5.09
N ALA B 91 -27.36 5.92 -6.01
CA ALA B 91 -26.50 5.77 -7.21
C ALA B 91 -26.77 4.42 -7.90
N GLY B 92 -28.01 4.18 -8.32
CA GLY B 92 -28.46 2.91 -8.90
C GLY B 92 -28.55 1.86 -7.83
N LEU B 93 -27.45 1.13 -7.58
CA LEU B 93 -27.35 0.21 -6.44
C LEU B 93 -25.93 0.31 -5.90
N TRP B 94 -25.63 1.44 -5.25
CA TRP B 94 -24.33 1.78 -4.62
C TRP B 94 -23.23 1.84 -5.68
N CYS B 95 -23.54 2.07 -6.95
CA CYS B 95 -22.56 1.75 -8.03
C CYS B 95 -22.37 2.88 -9.05
N VAL B 96 -23.33 3.78 -9.27
CA VAL B 96 -23.19 4.77 -10.38
C VAL B 96 -22.33 5.93 -9.87
N ASN B 97 -21.05 5.66 -9.64
CA ASN B 97 -20.14 6.54 -8.87
C ASN B 97 -19.89 7.85 -9.63
N VAL B 98 -19.83 7.85 -10.97
CA VAL B 98 -19.58 9.10 -11.74
C VAL B 98 -20.90 9.75 -12.17
N GLY B 99 -22.04 9.21 -11.73
CA GLY B 99 -23.37 9.71 -12.09
C GLY B 99 -23.83 9.27 -13.47
N TYR B 100 -25.07 9.57 -13.81
CA TYR B 100 -25.69 9.22 -15.11
C TYR B 100 -25.28 10.25 -16.16
N GLY B 101 -25.28 9.87 -17.44
CA GLY B 101 -25.17 10.82 -18.57
C GLY B 101 -23.77 10.91 -19.15
N ARG B 102 -22.90 9.95 -18.87
CA ARG B 102 -21.52 9.94 -19.44
C ARG B 102 -21.59 9.50 -20.91
N LYS B 103 -21.77 10.45 -21.82
CA LYS B 103 -21.79 10.20 -23.29
CA LYS B 103 -21.81 10.14 -23.28
C LYS B 103 -20.44 9.59 -23.72
N ASP B 104 -19.35 9.94 -23.03
CA ASP B 104 -17.99 9.46 -23.36
C ASP B 104 -17.91 7.95 -23.10
N PHE B 105 -18.64 7.45 -22.10
CA PHE B 105 -18.67 5.99 -21.79
C PHE B 105 -19.43 5.24 -22.88
N ALA B 106 -20.55 5.80 -23.34
CA ALA B 106 -21.36 5.25 -24.45
C ALA B 106 -20.54 5.22 -25.75
N GLU B 107 -19.69 6.23 -25.97
CA GLU B 107 -18.82 6.28 -27.17
C GLU B 107 -17.77 5.15 -27.08
N ALA B 108 -17.15 4.97 -25.90
CA ALA B 108 -16.13 3.92 -25.67
C ALA B 108 -16.75 2.54 -25.89
N ALA B 109 -18.00 2.34 -25.47
CA ALA B 109 -18.73 1.08 -25.66
C ALA B 109 -18.98 0.85 -27.16
N ARG B 110 -19.52 1.86 -27.85
CA ARG B 110 -19.81 1.77 -29.30
C ARG B 110 -18.53 1.43 -30.08
N ARG B 111 -17.43 2.14 -29.82
CA ARG B 111 -16.14 1.99 -30.56
C ARG B 111 -15.64 0.55 -30.35
N GLN B 112 -15.64 0.06 -29.11
CA GLN B 112 -15.12 -1.29 -28.83
C GLN B 112 -16.03 -2.35 -29.42
N MET B 113 -17.36 -2.19 -29.32
CA MET B 113 -18.34 -3.19 -29.80
C MET B 113 -18.26 -3.31 -31.33
N GLU B 114 -17.90 -2.24 -32.03
CA GLU B 114 -17.75 -2.25 -33.52
C GLU B 114 -16.46 -2.98 -33.90
N GLU B 115 -15.38 -2.80 -33.12
CA GLU B 115 -14.04 -3.36 -33.43
CA GLU B 115 -14.04 -3.36 -33.43
C GLU B 115 -13.99 -4.86 -33.10
N LEU B 116 -14.29 -5.20 -31.85
CA LEU B 116 -14.30 -6.61 -31.40
C LEU B 116 -15.25 -6.69 -30.20
N PRO B 117 -16.51 -7.08 -30.41
CA PRO B 117 -17.51 -7.05 -29.35
C PRO B 117 -17.19 -8.05 -28.24
N PHE B 118 -16.59 -9.17 -28.62
CA PHE B 118 -16.25 -10.27 -27.70
C PHE B 118 -15.10 -11.07 -28.30
N TYR B 119 -14.11 -11.38 -27.47
CA TYR B 119 -13.30 -12.59 -27.66
C TYR B 119 -12.96 -13.14 -26.28
N ASN B 120 -12.77 -14.45 -26.19
CA ASN B 120 -12.54 -15.17 -24.91
C ASN B 120 -11.08 -15.00 -24.48
N THR B 121 -10.83 -15.17 -23.17
CA THR B 121 -9.50 -15.10 -22.54
C THR B 121 -9.06 -16.52 -22.13
N PHE B 122 -9.73 -17.54 -22.64
CA PHE B 122 -9.56 -18.98 -22.28
C PHE B 122 -8.53 -19.67 -23.16
N PHE B 123 -8.39 -19.28 -24.43
CA PHE B 123 -7.67 -20.09 -25.45
C PHE B 123 -6.22 -19.61 -25.60
N LYS B 124 -5.53 -19.31 -24.50
CA LYS B 124 -4.19 -18.67 -24.52
CA LYS B 124 -4.19 -18.67 -24.52
C LYS B 124 -4.28 -17.40 -25.38
N THR B 125 -5.41 -16.70 -25.23
CA THR B 125 -5.79 -15.50 -26.00
C THR B 125 -6.02 -14.34 -25.03
N THR B 126 -5.85 -13.13 -25.52
CA THR B 126 -6.23 -11.87 -24.84
C THR B 126 -6.72 -10.89 -25.91
N HIS B 127 -6.99 -9.66 -25.50
CA HIS B 127 -7.45 -8.58 -26.40
C HIS B 127 -7.08 -7.26 -25.76
N PRO B 128 -6.90 -6.18 -26.55
CA PRO B 128 -6.40 -4.91 -26.03
C PRO B 128 -7.20 -4.33 -24.85
N ALA B 129 -8.52 -4.34 -24.92
CA ALA B 129 -9.39 -3.70 -23.89
C ALA B 129 -9.07 -4.31 -22.52
N VAL B 130 -8.96 -5.64 -22.42
CA VAL B 130 -8.70 -6.30 -21.10
C VAL B 130 -7.26 -6.03 -20.68
N VAL B 131 -6.28 -6.02 -21.59
CA VAL B 131 -4.87 -5.75 -21.22
C VAL B 131 -4.75 -4.32 -20.70
N GLU B 132 -5.35 -3.35 -21.39
CA GLU B 132 -5.33 -1.91 -21.02
C GLU B 132 -5.98 -1.70 -19.65
N LEU B 133 -7.14 -2.34 -19.41
CA LEU B 133 -7.83 -2.20 -18.09
C LEU B 133 -6.94 -2.77 -17.00
N SER B 134 -6.37 -3.96 -17.21
CA SER B 134 -5.52 -4.67 -16.23
C SER B 134 -4.34 -3.75 -15.86
N SER B 135 -3.75 -3.07 -16.85
CA SER B 135 -2.62 -2.14 -16.66
CA SER B 135 -2.62 -2.14 -16.66
C SER B 135 -3.05 -0.91 -15.85
N LEU B 136 -4.18 -0.31 -16.22
CA LEU B 136 -4.70 0.89 -15.50
C LEU B 136 -5.05 0.52 -14.05
N LEU B 137 -5.65 -0.65 -13.84
CA LEU B 137 -6.09 -1.06 -12.46
C LEU B 137 -4.85 -1.16 -11.57
N ALA B 138 -3.74 -1.68 -12.08
CA ALA B 138 -2.48 -1.82 -11.31
C ALA B 138 -1.98 -0.42 -10.90
N GLU B 139 -2.29 0.63 -11.66
CA GLU B 139 -1.87 2.02 -11.34
C GLU B 139 -2.68 2.59 -10.16
N VAL B 140 -3.93 2.17 -9.97
CA VAL B 140 -4.86 2.83 -9.01
C VAL B 140 -5.05 1.96 -7.76
N THR B 141 -4.70 0.68 -7.82
CA THR B 141 -4.91 -0.26 -6.70
C THR B 141 -3.72 -0.15 -5.75
N PRO B 142 -3.88 -0.57 -4.47
CA PRO B 142 -2.80 -0.48 -3.50
C PRO B 142 -1.60 -1.31 -3.94
N ALA B 143 -0.46 -1.03 -3.32
CA ALA B 143 0.81 -1.74 -3.52
C ALA B 143 0.58 -3.25 -3.38
N GLY B 144 1.22 -4.04 -4.25
CA GLY B 144 1.17 -5.51 -4.17
C GLY B 144 0.05 -6.14 -4.98
N PHE B 145 -0.89 -5.33 -5.47
CA PHE B 145 -2.05 -5.77 -6.27
C PHE B 145 -1.74 -5.51 -7.74
N ASP B 146 -1.01 -6.43 -8.36
CA ASP B 146 -0.57 -6.34 -9.77
C ASP B 146 -1.53 -7.13 -10.66
N ARG B 147 -2.11 -8.20 -10.14
CA ARG B 147 -2.84 -9.21 -10.94
C ARG B 147 -4.34 -9.21 -10.60
N VAL B 148 -5.16 -9.30 -11.64
CA VAL B 148 -6.64 -9.22 -11.56
C VAL B 148 -7.24 -10.39 -12.34
N PHE B 149 -8.24 -11.04 -11.74
CA PHE B 149 -9.12 -12.02 -12.38
C PHE B 149 -10.49 -11.37 -12.59
N TYR B 150 -11.01 -11.42 -13.82
CA TYR B 150 -12.28 -10.74 -14.18
C TYR B 150 -13.48 -11.65 -14.05
N THR B 151 -14.61 -11.05 -13.68
CA THR B 151 -15.93 -11.69 -13.61
C THR B 151 -16.95 -10.71 -14.19
N ASN B 152 -18.22 -11.09 -14.16
CA ASN B 152 -19.36 -10.23 -14.57
C ASN B 152 -19.94 -9.48 -13.37
N SER B 153 -19.77 -9.98 -12.15
CA SER B 153 -20.55 -9.49 -10.98
C SER B 153 -19.72 -9.59 -9.70
N GLY B 154 -20.17 -8.87 -8.67
CA GLY B 154 -19.62 -9.02 -7.31
C GLY B 154 -19.80 -10.43 -6.80
N SER B 155 -20.94 -11.06 -7.11
CA SER B 155 -21.28 -12.42 -6.65
C SER B 155 -20.27 -13.39 -7.26
N GLU B 156 -20.01 -13.28 -8.56
CA GLU B 156 -19.02 -14.15 -9.23
C GLU B 156 -17.62 -13.88 -8.66
N SER B 157 -17.29 -12.63 -8.32
CA SER B 157 -15.98 -12.28 -7.72
CA SER B 157 -15.98 -12.28 -7.72
CA SER B 157 -15.98 -12.28 -7.72
C SER B 157 -15.84 -12.99 -6.38
N VAL B 158 -16.90 -13.05 -5.60
CA VAL B 158 -16.84 -13.73 -4.28
C VAL B 158 -16.64 -15.23 -4.49
N ASP B 159 -17.38 -15.85 -5.41
CA ASP B 159 -17.21 -17.29 -5.73
CA ASP B 159 -17.21 -17.28 -5.74
C ASP B 159 -15.78 -17.54 -6.18
N THR B 160 -15.25 -16.67 -7.03
CA THR B 160 -13.86 -16.76 -7.54
C THR B 160 -12.91 -16.75 -6.34
N MET B 161 -13.10 -15.79 -5.44
CA MET B 161 -12.24 -15.61 -4.25
C MET B 161 -12.29 -16.88 -3.39
N ILE B 162 -13.48 -17.47 -3.21
CA ILE B 162 -13.63 -18.70 -2.37
C ILE B 162 -12.77 -19.82 -2.96
N ARG B 163 -12.90 -20.06 -4.26
CA ARG B 163 -12.15 -21.13 -4.97
C ARG B 163 -10.64 -20.82 -4.96
N MET B 164 -10.27 -19.54 -5.10
CA MET B 164 -8.85 -19.09 -5.05
C MET B 164 -8.23 -19.38 -3.67
N VAL B 165 -8.98 -19.07 -2.61
CA VAL B 165 -8.50 -19.22 -1.21
C VAL B 165 -8.29 -20.70 -0.93
N ARG B 166 -9.24 -21.53 -1.34
CA ARG B 166 -9.17 -23.00 -1.11
C ARG B 166 -8.04 -23.59 -1.96
N ARG B 167 -7.91 -23.18 -3.23
CA ARG B 167 -6.82 -23.65 -4.12
C ARG B 167 -5.46 -23.28 -3.52
N TYR B 168 -5.32 -22.05 -3.07
CA TYR B 168 -4.08 -21.52 -2.44
C TYR B 168 -3.61 -22.50 -1.35
N TRP B 169 -4.50 -22.85 -0.42
CA TRP B 169 -4.12 -23.70 0.73
C TRP B 169 -3.80 -25.13 0.27
N ASP B 170 -4.48 -25.61 -0.78
CA ASP B 170 -4.16 -26.94 -1.39
C ASP B 170 -2.72 -26.90 -1.92
N VAL B 171 -2.35 -25.83 -2.60
CA VAL B 171 -0.98 -25.67 -3.18
C VAL B 171 0.05 -25.62 -2.04
N GLN B 172 -0.31 -25.03 -0.90
CA GLN B 172 0.60 -24.91 0.28
C GLN B 172 0.70 -26.24 1.02
N GLY B 173 -0.01 -27.28 0.59
CA GLY B 173 -0.03 -28.60 1.25
C GLY B 173 -0.89 -28.61 2.50
N LYS B 174 -1.95 -27.80 2.54
CA LYS B 174 -2.87 -27.71 3.73
C LYS B 174 -4.30 -27.91 3.27
N PRO B 175 -4.67 -29.11 2.78
CA PRO B 175 -6.02 -29.34 2.24
C PRO B 175 -7.14 -29.26 3.28
N GLU B 176 -6.79 -29.24 4.57
CA GLU B 176 -7.73 -29.08 5.73
CA GLU B 176 -7.75 -29.09 5.69
C GLU B 176 -8.17 -27.61 5.83
N LYS B 177 -7.38 -26.70 5.29
CA LYS B 177 -7.52 -25.24 5.52
C LYS B 177 -8.52 -24.69 4.51
N LYS B 178 -9.82 -24.82 4.79
CA LYS B 178 -10.86 -24.62 3.75
C LYS B 178 -12.04 -23.79 4.27
N THR B 179 -12.18 -23.58 5.58
CA THR B 179 -13.34 -22.84 6.12
C THR B 179 -13.08 -21.33 5.96
N LEU B 180 -14.04 -20.63 5.38
CA LEU B 180 -14.07 -19.15 5.34
C LEU B 180 -15.07 -18.68 6.40
N ILE B 181 -14.66 -17.66 7.15
CA ILE B 181 -15.48 -17.08 8.23
C ILE B 181 -15.98 -15.72 7.73
N GLY B 182 -17.29 -15.56 7.79
CA GLY B 182 -17.93 -14.25 7.57
C GLY B 182 -18.69 -13.82 8.80
N ARG B 183 -19.70 -12.99 8.61
CA ARG B 183 -20.43 -12.37 9.75
C ARG B 183 -21.93 -12.43 9.50
N TRP B 184 -22.68 -12.59 10.59
CA TRP B 184 -24.14 -12.37 10.57
C TRP B 184 -24.37 -10.94 10.08
N ASN B 185 -25.31 -10.78 9.12
CA ASN B 185 -25.67 -9.49 8.49
C ASN B 185 -24.56 -9.00 7.56
N GLY B 186 -23.55 -9.82 7.28
CA GLY B 186 -22.63 -9.54 6.16
C GLY B 186 -23.31 -9.89 4.85
N TYR B 187 -22.90 -9.25 3.77
CA TYR B 187 -23.47 -9.52 2.43
C TYR B 187 -22.32 -9.69 1.46
N HIS B 188 -22.29 -10.84 0.78
CA HIS B 188 -21.21 -11.19 -0.17
C HIS B 188 -21.82 -11.74 -1.47
N GLY B 189 -23.00 -11.29 -1.82
CA GLY B 189 -23.64 -11.62 -3.09
C GLY B 189 -24.61 -12.77 -3.00
N SER B 190 -25.05 -13.24 -4.18
CA SER B 190 -26.27 -14.06 -4.32
CA SER B 190 -26.28 -14.06 -4.32
C SER B 190 -25.98 -15.35 -5.10
N THR B 191 -24.73 -15.63 -5.40
CA THR B 191 -24.33 -17.01 -5.79
C THR B 191 -24.56 -17.89 -4.56
N ILE B 192 -24.59 -19.20 -4.76
CA ILE B 192 -24.71 -20.16 -3.63
C ILE B 192 -23.50 -19.92 -2.71
N GLY B 193 -22.30 -19.75 -3.27
CA GLY B 193 -21.08 -19.48 -2.49
C GLY B 193 -21.16 -18.16 -1.73
N GLY B 194 -21.52 -17.09 -2.44
CA GLY B 194 -21.64 -15.73 -1.85
C GLY B 194 -22.73 -15.65 -0.80
N ALA B 195 -23.87 -16.26 -1.04
CA ALA B 195 -25.02 -16.28 -0.11
C ALA B 195 -24.65 -17.06 1.16
N SER B 196 -23.82 -18.10 1.01
CA SER B 196 -23.34 -18.95 2.12
C SER B 196 -22.41 -18.15 3.03
N LEU B 197 -21.48 -17.40 2.43
CA LEU B 197 -20.45 -16.59 3.15
C LEU B 197 -21.12 -15.36 3.77
N GLY B 198 -22.06 -14.76 3.04
CA GLY B 198 -22.99 -13.78 3.59
C GLY B 198 -23.68 -14.32 4.83
N GLY B 199 -24.20 -13.43 5.69
CA GLY B 199 -24.87 -13.81 6.93
C GLY B 199 -26.32 -13.38 6.96
N MET B 200 -27.02 -13.45 5.84
CA MET B 200 -28.48 -13.14 5.75
C MET B 200 -29.26 -14.44 5.91
N LYS B 201 -29.89 -14.67 7.06
CA LYS B 201 -30.65 -15.92 7.32
CA LYS B 201 -30.64 -15.92 7.31
C LYS B 201 -31.78 -16.05 6.28
N TYR B 202 -32.40 -14.95 5.89
CA TYR B 202 -33.50 -14.94 4.86
C TYR B 202 -32.98 -15.48 3.52
N MET B 203 -31.67 -15.43 3.28
CA MET B 203 -31.05 -16.02 2.06
C MET B 203 -30.66 -17.48 2.31
N HIS B 204 -30.11 -17.79 3.48
CA HIS B 204 -29.68 -19.16 3.87
C HIS B 204 -30.85 -20.13 3.74
N GLU B 205 -32.06 -19.69 4.11
CA GLU B 205 -33.28 -20.55 4.17
CA GLU B 205 -33.27 -20.56 4.18
C GLU B 205 -33.80 -20.85 2.76
N GLN B 206 -33.21 -20.26 1.71
CA GLN B 206 -33.60 -20.50 0.30
C GLN B 206 -32.39 -21.06 -0.46
N GLY B 207 -32.30 -22.39 -0.52
CA GLY B 207 -31.22 -23.11 -1.23
C GLY B 207 -30.44 -24.04 -0.32
N ASP B 208 -30.84 -24.15 0.95
CA ASP B 208 -30.19 -25.03 1.97
C ASP B 208 -28.74 -24.56 2.22
N LEU B 209 -28.57 -23.28 2.53
CA LEU B 209 -27.24 -22.67 2.79
C LEU B 209 -27.07 -22.46 4.29
N PRO B 210 -25.83 -22.27 4.80
CA PRO B 210 -24.61 -22.25 3.99
C PRO B 210 -24.08 -23.63 3.58
N ILE B 211 -23.34 -23.63 2.48
CA ILE B 211 -22.54 -24.80 2.03
C ILE B 211 -21.45 -25.07 3.07
N PRO B 212 -20.82 -26.26 3.03
CA PRO B 212 -19.76 -26.58 3.97
C PRO B 212 -18.55 -25.65 3.91
N GLY B 213 -17.79 -25.62 5.02
CA GLY B 213 -16.57 -24.82 5.10
C GLY B 213 -16.90 -23.35 5.14
N MET B 214 -18.02 -23.03 5.78
CA MET B 214 -18.44 -21.64 6.03
C MET B 214 -18.80 -21.51 7.51
N ALA B 215 -18.43 -20.40 8.14
CA ALA B 215 -18.78 -20.14 9.54
C ALA B 215 -19.05 -18.65 9.68
N HIS B 216 -19.68 -18.27 10.79
CA HIS B 216 -20.11 -16.85 10.95
C HIS B 216 -19.91 -16.43 12.39
N ILE B 217 -19.46 -15.19 12.54
CA ILE B 217 -19.38 -14.52 13.86
C ILE B 217 -20.34 -13.35 13.88
N GLU B 218 -20.64 -12.84 15.07
CA GLU B 218 -21.57 -11.69 15.18
C GLU B 218 -20.94 -10.44 14.54
N GLN B 219 -21.78 -9.53 14.07
CA GLN B 219 -21.34 -8.26 13.41
C GLN B 219 -20.99 -7.21 14.46
N PRO B 220 -20.04 -6.30 14.17
CA PRO B 220 -19.61 -5.26 15.10
C PRO B 220 -20.60 -4.08 15.08
N TRP B 221 -21.83 -4.39 15.50
CA TRP B 221 -22.98 -3.43 15.56
C TRP B 221 -23.09 -2.94 17.00
N TRP B 222 -22.44 -1.82 17.30
CA TRP B 222 -22.28 -1.30 18.67
C TRP B 222 -23.68 -0.97 19.25
N TYR B 223 -24.57 -0.38 18.46
CA TYR B 223 -25.87 0.08 18.97
C TYR B 223 -26.62 -1.04 19.69
N LYS B 224 -26.58 -2.25 19.13
CA LYS B 224 -27.30 -3.44 19.67
CA LYS B 224 -27.30 -3.44 19.67
C LYS B 224 -26.42 -4.22 20.64
N HIS B 225 -25.13 -4.45 20.33
CA HIS B 225 -24.27 -5.42 21.05
C HIS B 225 -23.30 -4.75 22.02
N GLY B 226 -23.25 -3.42 22.05
CA GLY B 226 -22.20 -2.66 22.75
C GLY B 226 -22.33 -2.65 24.26
N LYS B 227 -23.50 -3.00 24.80
CA LYS B 227 -23.76 -2.94 26.27
C LYS B 227 -23.29 -1.56 26.75
N ASP B 228 -22.49 -1.48 27.81
CA ASP B 228 -21.96 -0.20 28.36
C ASP B 228 -20.48 -0.07 28.00
N MET B 229 -20.01 -0.78 26.96
CA MET B 229 -18.67 -0.53 26.36
C MET B 229 -18.72 0.73 25.49
N THR B 230 -17.61 1.44 25.40
CA THR B 230 -17.38 2.47 24.36
C THR B 230 -17.26 1.74 23.03
N PRO B 231 -17.54 2.42 21.91
CA PRO B 231 -17.30 1.82 20.59
C PRO B 231 -15.90 1.20 20.46
N ASP B 232 -14.85 1.90 20.91
CA ASP B 232 -13.45 1.43 20.78
C ASP B 232 -13.27 0.16 21.63
N GLU B 233 -13.81 0.13 22.85
CA GLU B 233 -13.75 -1.09 23.68
C GLU B 233 -14.48 -2.23 22.96
N PHE B 234 -15.65 -1.93 22.41
CA PHE B 234 -16.52 -2.91 21.74
C PHE B 234 -15.81 -3.46 20.48
N GLY B 235 -15.06 -2.63 19.78
CA GLY B 235 -14.34 -3.00 18.56
C GLY B 235 -13.37 -4.13 18.83
N VAL B 236 -12.65 -4.06 19.94
CA VAL B 236 -11.69 -5.13 20.32
C VAL B 236 -12.47 -6.41 20.64
N VAL B 237 -13.55 -6.30 21.39
CA VAL B 237 -14.39 -7.46 21.77
C VAL B 237 -15.00 -8.10 20.52
N ALA B 238 -15.52 -7.31 19.59
CA ALA B 238 -16.21 -7.81 18.38
C ALA B 238 -15.18 -8.49 17.45
N ALA B 239 -13.96 -7.96 17.39
CA ALA B 239 -12.85 -8.58 16.64
C ALA B 239 -12.46 -9.91 17.30
N ARG B 240 -12.42 -9.98 18.63
CA ARG B 240 -11.99 -11.21 19.33
CA ARG B 240 -11.98 -11.20 19.35
C ARG B 240 -13.00 -12.33 19.13
N TRP B 241 -14.24 -12.01 18.74
CA TRP B 241 -15.21 -13.08 18.34
C TRP B 241 -14.58 -13.92 17.21
N LEU B 242 -13.78 -13.32 16.35
CA LEU B 242 -13.08 -14.07 15.29
C LEU B 242 -12.05 -15.04 15.90
N GLU B 243 -11.23 -14.59 16.85
CA GLU B 243 -10.24 -15.46 17.53
C GLU B 243 -10.97 -16.63 18.20
N GLU B 244 -12.07 -16.34 18.89
CA GLU B 244 -12.89 -17.38 19.55
CA GLU B 244 -12.90 -17.38 19.56
C GLU B 244 -13.36 -18.42 18.53
N LYS B 245 -13.87 -17.96 17.39
CA LYS B 245 -14.40 -18.86 16.35
C LYS B 245 -13.26 -19.70 15.76
N ILE B 246 -12.11 -19.08 15.50
CA ILE B 246 -10.92 -19.79 14.95
C ILE B 246 -10.52 -20.90 15.93
N LEU B 247 -10.48 -20.60 17.23
CA LEU B 247 -10.05 -21.61 18.24
C LEU B 247 -11.10 -22.71 18.37
N GLU B 248 -12.38 -22.38 18.21
CA GLU B 248 -13.50 -23.35 18.25
C GLU B 248 -13.35 -24.35 17.08
N ILE B 249 -13.14 -23.84 15.86
CA ILE B 249 -13.04 -24.66 14.64
C ILE B 249 -11.69 -25.40 14.64
N GLY B 250 -10.62 -24.72 15.06
CA GLY B 250 -9.24 -25.13 14.85
C GLY B 250 -8.61 -24.34 13.72
N ALA B 251 -7.53 -23.60 14.02
CA ALA B 251 -6.84 -22.73 13.04
C ALA B 251 -6.44 -23.56 11.82
N ASP B 252 -6.12 -24.85 12.00
CA ASP B 252 -5.66 -25.69 10.86
C ASP B 252 -6.79 -25.87 9.83
N LYS B 253 -8.04 -25.59 10.20
CA LYS B 253 -9.20 -25.78 9.28
C LYS B 253 -9.67 -24.43 8.71
N VAL B 254 -9.09 -23.32 9.14
CA VAL B 254 -9.59 -21.97 8.75
C VAL B 254 -8.70 -21.39 7.66
N ALA B 255 -9.30 -21.14 6.49
CA ALA B 255 -8.62 -20.60 5.28
C ALA B 255 -8.59 -19.07 5.30
N ALA B 256 -9.67 -18.44 5.71
CA ALA B 256 -9.80 -16.98 5.52
C ALA B 256 -10.90 -16.40 6.40
N PHE B 257 -10.75 -15.11 6.70
CA PHE B 257 -11.83 -14.25 7.21
C PHE B 257 -12.14 -13.25 6.10
N VAL B 258 -13.43 -13.06 5.82
CA VAL B 258 -13.93 -12.19 4.73
C VAL B 258 -14.86 -11.15 5.36
N GLY B 259 -14.64 -9.88 5.04
CA GLY B 259 -15.58 -8.84 5.45
C GLY B 259 -15.55 -7.62 4.56
N GLU B 260 -16.73 -7.05 4.42
CA GLU B 260 -16.94 -5.67 3.91
C GLU B 260 -16.32 -4.70 4.91
N PRO B 261 -15.47 -3.76 4.48
CA PRO B 261 -14.90 -2.77 5.42
C PRO B 261 -16.02 -2.09 6.22
N ILE B 262 -17.04 -1.62 5.51
CA ILE B 262 -18.36 -1.20 6.04
C ILE B 262 -19.40 -2.15 5.47
N GLN B 263 -20.24 -2.74 6.31
CA GLN B 263 -21.34 -3.61 5.88
C GLN B 263 -22.37 -2.76 5.14
N GLY B 264 -22.62 -3.08 3.87
CA GLY B 264 -23.49 -2.30 2.97
C GLY B 264 -24.94 -2.66 3.13
N ALA B 265 -25.36 -3.76 2.51
CA ALA B 265 -26.77 -4.22 2.46
C ALA B 265 -27.27 -4.51 3.89
N GLY B 266 -26.36 -4.79 4.84
CA GLY B 266 -26.68 -4.96 6.26
C GLY B 266 -27.12 -3.66 6.95
N GLY B 267 -26.85 -2.50 6.35
CA GLY B 267 -27.30 -1.19 6.84
C GLY B 267 -26.18 -0.20 7.16
N VAL B 268 -25.08 -0.20 6.40
CA VAL B 268 -23.94 0.73 6.60
C VAL B 268 -23.51 0.62 8.07
N ILE B 269 -23.15 -0.59 8.48
CA ILE B 269 -22.59 -0.85 9.82
C ILE B 269 -21.12 -0.46 9.77
N VAL B 270 -20.78 0.65 10.42
CA VAL B 270 -19.41 1.22 10.45
C VAL B 270 -18.73 0.69 11.70
N PRO B 271 -17.70 -0.19 11.58
CA PRO B 271 -17.10 -0.75 12.77
C PRO B 271 -16.28 0.30 13.50
N PRO B 272 -16.02 0.10 14.81
CA PRO B 272 -15.11 0.98 15.54
C PRO B 272 -13.70 0.98 14.94
N ALA B 273 -12.91 2.03 15.21
CA ALA B 273 -11.56 2.20 14.66
C ALA B 273 -10.64 1.07 15.14
N THR B 274 -10.93 0.48 16.29
CA THR B 274 -10.12 -0.61 16.91
C THR B 274 -10.40 -1.96 16.25
N TYR B 275 -11.47 -2.10 15.49
CA TYR B 275 -11.95 -3.41 14.98
C TYR B 275 -10.98 -4.01 13.96
N TRP B 276 -10.78 -3.37 12.81
CA TRP B 276 -10.03 -3.98 11.68
C TRP B 276 -8.58 -4.28 12.06
N PRO B 277 -7.86 -3.41 12.80
CA PRO B 277 -6.50 -3.76 13.21
C PRO B 277 -6.43 -5.03 14.07
N GLU B 278 -7.43 -5.25 14.90
CA GLU B 278 -7.52 -6.45 15.76
C GLU B 278 -7.89 -7.66 14.89
N ILE B 279 -8.81 -7.51 13.94
CA ILE B 279 -9.17 -8.61 12.99
C ILE B 279 -7.88 -9.02 12.28
N GLU B 280 -7.11 -8.05 11.81
CA GLU B 280 -5.87 -8.35 11.03
CA GLU B 280 -5.87 -8.34 11.04
C GLU B 280 -4.87 -9.06 11.94
N ARG B 281 -4.64 -8.56 13.14
CA ARG B 281 -3.72 -9.21 14.11
C ARG B 281 -4.11 -10.67 14.30
N ILE B 282 -5.40 -10.92 14.53
CA ILE B 282 -5.91 -12.29 14.76
C ILE B 282 -5.68 -13.17 13.52
N CYS B 283 -6.03 -12.69 12.33
CA CYS B 283 -5.81 -13.48 11.09
C CYS B 283 -4.33 -13.84 10.97
N ARG B 284 -3.42 -12.89 11.17
CA ARG B 284 -1.97 -13.15 10.93
C ARG B 284 -1.48 -14.13 11.99
N LYS B 285 -1.96 -14.01 13.23
CA LYS B 285 -1.53 -14.91 14.32
C LYS B 285 -1.82 -16.36 13.96
N TYR B 286 -2.96 -16.63 13.32
CA TYR B 286 -3.47 -18.01 13.11
C TYR B 286 -3.25 -18.48 11.68
N ASP B 287 -2.43 -17.77 10.90
CA ASP B 287 -2.12 -18.15 9.49
C ASP B 287 -3.43 -18.22 8.67
N VAL B 288 -4.29 -17.23 8.82
CA VAL B 288 -5.60 -17.16 8.13
C VAL B 288 -5.50 -16.01 7.12
N LEU B 289 -5.97 -16.21 5.89
CA LEU B 289 -5.95 -15.14 4.87
C LEU B 289 -7.01 -14.11 5.27
N LEU B 290 -6.79 -12.87 4.88
CA LEU B 290 -7.69 -11.73 5.19
C LEU B 290 -8.21 -11.18 3.87
N VAL B 291 -9.52 -11.10 3.71
CA VAL B 291 -10.15 -10.73 2.42
C VAL B 291 -11.08 -9.56 2.70
N ALA B 292 -10.91 -8.47 1.97
CA ALA B 292 -11.84 -7.34 1.95
C ALA B 292 -12.85 -7.56 0.84
N ASP B 293 -14.14 -7.41 1.15
CA ASP B 293 -15.18 -7.36 0.10
C ASP B 293 -15.39 -5.88 -0.20
N GLU B 294 -14.81 -5.40 -1.31
CA GLU B 294 -14.83 -3.96 -1.71
C GLU B 294 -15.91 -3.69 -2.74
N VAL B 295 -16.90 -4.56 -2.89
CA VAL B 295 -17.87 -4.41 -4.01
C VAL B 295 -18.64 -3.09 -3.84
N ILE B 296 -18.94 -2.66 -2.62
CA ILE B 296 -19.54 -1.30 -2.40
C ILE B 296 -18.46 -0.26 -2.09
N CYS B 297 -17.57 -0.55 -1.15
CA CYS B 297 -16.59 0.43 -0.64
C CYS B 297 -15.55 0.77 -1.70
N GLY B 298 -15.42 -0.03 -2.74
CA GLY B 298 -14.37 0.14 -3.76
C GLY B 298 -14.63 1.33 -4.67
N PHE B 299 -13.57 1.84 -5.31
CA PHE B 299 -13.64 2.91 -6.34
C PHE B 299 -14.23 4.19 -5.74
N GLY B 300 -13.79 4.52 -4.53
CA GLY B 300 -13.81 5.89 -4.00
C GLY B 300 -14.91 6.16 -3.00
N ARG B 301 -15.76 5.18 -2.68
CA ARG B 301 -16.96 5.38 -1.84
C ARG B 301 -16.62 5.99 -0.46
N THR B 302 -15.49 5.63 0.16
CA THR B 302 -15.08 6.12 1.51
C THR B 302 -14.21 7.37 1.42
N GLY B 303 -13.80 7.75 0.21
CA GLY B 303 -12.82 8.82 -0.04
C GLY B 303 -11.44 8.24 -0.31
N GLU B 304 -11.16 7.06 0.24
CA GLU B 304 -10.01 6.25 -0.23
C GLU B 304 -10.45 5.52 -1.50
N TRP B 305 -9.51 5.05 -2.32
CA TRP B 305 -9.85 4.18 -3.46
C TRP B 305 -10.63 2.96 -2.93
N PHE B 306 -10.19 2.39 -1.80
CA PHE B 306 -10.75 1.14 -1.23
C PHE B 306 -11.00 1.31 0.25
N GLY B 307 -12.09 0.70 0.73
CA GLY B 307 -12.49 0.77 2.15
C GLY B 307 -11.40 0.26 3.08
N HIS B 308 -10.64 -0.76 2.69
CA HIS B 308 -9.61 -1.33 3.60
C HIS B 308 -8.52 -0.27 3.86
N GLN B 309 -8.30 0.64 2.93
CA GLN B 309 -7.30 1.72 3.10
C GLN B 309 -7.79 2.69 4.17
N HIS B 310 -9.08 3.01 4.17
CA HIS B 310 -9.67 3.92 5.18
C HIS B 310 -9.52 3.31 6.57
N PHE B 311 -9.79 2.01 6.74
CA PHE B 311 -9.78 1.31 8.04
C PHE B 311 -8.39 0.82 8.41
N GLY B 312 -7.44 0.87 7.47
CA GLY B 312 -6.03 0.60 7.75
C GLY B 312 -5.71 -0.87 7.92
N PHE B 313 -6.28 -1.74 7.08
CA PHE B 313 -5.87 -3.17 7.03
C PHE B 313 -5.42 -3.55 5.62
N GLN B 314 -4.61 -4.61 5.58
CA GLN B 314 -3.91 -5.08 4.36
C GLN B 314 -4.42 -6.47 3.99
N PRO B 315 -5.50 -6.56 3.18
CA PRO B 315 -6.03 -7.85 2.75
C PRO B 315 -5.09 -8.55 1.76
N ASP B 316 -5.22 -9.87 1.65
CA ASP B 316 -4.45 -10.73 0.72
C ASP B 316 -5.15 -10.73 -0.66
N LEU B 317 -6.45 -10.51 -0.66
CA LEU B 317 -7.32 -10.45 -1.87
C LEU B 317 -8.45 -9.48 -1.55
N PHE B 318 -9.03 -8.86 -2.56
CA PHE B 318 -10.30 -8.13 -2.39
C PHE B 318 -11.15 -8.29 -3.64
N THR B 319 -12.45 -8.31 -3.42
CA THR B 319 -13.50 -8.49 -4.45
C THR B 319 -14.07 -7.11 -4.82
N ALA B 320 -14.39 -6.92 -6.09
CA ALA B 320 -14.85 -5.62 -6.63
C ALA B 320 -15.90 -5.83 -7.71
N ALA B 321 -16.78 -4.85 -7.86
CA ALA B 321 -17.72 -4.69 -8.99
C ALA B 321 -18.29 -3.27 -8.88
N LYS B 322 -19.57 -3.09 -9.15
CA LYS B 322 -20.30 -1.81 -8.94
CA LYS B 322 -20.30 -1.81 -8.94
C LYS B 322 -19.48 -0.64 -9.49
N GLY B 323 -18.83 0.13 -8.62
CA GLY B 323 -18.05 1.33 -8.96
C GLY B 323 -16.96 1.08 -9.97
N LEU B 324 -16.50 -0.16 -10.13
CA LEU B 324 -15.46 -0.52 -11.13
C LEU B 324 -15.82 0.06 -12.50
N SER B 325 -17.09 -0.03 -12.92
CA SER B 325 -17.61 0.52 -14.19
C SER B 325 -18.68 1.59 -13.95
N SER B 326 -18.86 2.07 -12.72
CA SER B 326 -20.00 2.91 -12.31
C SER B 326 -21.34 2.27 -12.75
N GLY B 327 -21.40 0.94 -12.81
CA GLY B 327 -22.60 0.20 -13.23
C GLY B 327 -22.96 0.37 -14.70
N TYR B 328 -22.11 1.00 -15.52
CA TYR B 328 -22.45 1.30 -16.93
C TYR B 328 -22.48 0.00 -17.75
N LEU B 329 -21.64 -0.97 -17.40
CA LEU B 329 -21.74 -2.36 -17.91
C LEU B 329 -21.32 -3.33 -16.83
N PRO B 330 -21.80 -4.59 -16.89
CA PRO B 330 -21.46 -5.59 -15.88
C PRO B 330 -20.01 -6.03 -15.97
N ILE B 331 -19.27 -5.83 -14.88
CA ILE B 331 -17.88 -6.32 -14.74
C ILE B 331 -17.56 -6.37 -13.25
N GLY B 332 -16.89 -7.42 -12.83
CA GLY B 332 -16.32 -7.53 -11.49
C GLY B 332 -14.90 -8.02 -11.57
N ALA B 333 -14.22 -8.06 -10.43
CA ALA B 333 -12.81 -8.50 -10.41
C ALA B 333 -12.45 -9.01 -9.02
N VAL B 334 -11.49 -9.92 -9.01
CA VAL B 334 -10.71 -10.26 -7.80
C VAL B 334 -9.32 -9.68 -7.98
N PHE B 335 -8.96 -8.77 -7.08
CA PHE B 335 -7.61 -8.18 -6.96
C PHE B 335 -6.81 -9.12 -6.08
N VAL B 336 -5.77 -9.72 -6.63
CA VAL B 336 -5.02 -10.81 -5.97
C VAL B 336 -3.65 -10.28 -5.55
N GLY B 337 -3.37 -10.31 -4.25
CA GLY B 337 -2.10 -9.87 -3.69
C GLY B 337 -0.98 -10.80 -4.13
N LYS B 338 0.25 -10.38 -3.93
CA LYS B 338 1.48 -11.09 -4.38
CA LYS B 338 1.46 -11.10 -4.39
C LYS B 338 1.52 -12.51 -3.80
N ARG B 339 1.24 -12.67 -2.51
CA ARG B 339 1.33 -13.99 -1.81
CA ARG B 339 1.35 -14.00 -1.84
C ARG B 339 0.37 -14.99 -2.47
N VAL B 340 -0.91 -14.65 -2.57
CA VAL B 340 -1.92 -15.61 -3.12
C VAL B 340 -1.70 -15.78 -4.62
N ALA B 341 -1.31 -14.73 -5.35
CA ALA B 341 -1.07 -14.82 -6.81
C ALA B 341 0.07 -15.80 -7.08
N GLU B 342 1.15 -15.75 -6.32
CA GLU B 342 2.32 -16.66 -6.47
CA GLU B 342 2.33 -16.67 -6.47
C GLU B 342 1.86 -18.09 -6.16
N GLY B 343 1.01 -18.27 -5.14
CA GLY B 343 0.46 -19.59 -4.80
C GLY B 343 -0.40 -20.16 -5.91
N LEU B 344 -1.26 -19.35 -6.52
CA LEU B 344 -2.12 -19.79 -7.63
C LEU B 344 -1.27 -20.13 -8.86
N ILE B 345 -0.28 -19.29 -9.16
CA ILE B 345 0.59 -19.44 -10.36
C ILE B 345 1.44 -20.71 -10.18
N ALA B 346 1.87 -20.98 -8.95
CA ALA B 346 2.61 -22.22 -8.58
C ALA B 346 1.74 -23.46 -8.79
N GLY B 347 0.41 -23.32 -8.85
CA GLY B 347 -0.54 -24.45 -8.87
C GLY B 347 -0.95 -24.88 -10.28
N GLY B 348 -0.28 -24.40 -11.33
CA GLY B 348 -0.60 -24.78 -12.71
C GLY B 348 -1.97 -24.29 -13.14
N ASP B 349 -2.85 -25.18 -13.59
CA ASP B 349 -4.19 -24.82 -14.11
C ASP B 349 -5.06 -24.31 -12.95
N PHE B 350 -5.73 -23.17 -13.15
CA PHE B 350 -6.86 -22.71 -12.29
C PHE B 350 -8.14 -22.94 -13.10
N ASN B 351 -8.86 -24.00 -12.78
CA ASN B 351 -10.01 -24.54 -13.54
C ASN B 351 -11.25 -23.74 -13.12
N HIS B 352 -11.25 -22.47 -13.49
CA HIS B 352 -12.25 -21.47 -13.07
C HIS B 352 -12.34 -20.33 -14.08
N GLY B 353 -13.55 -19.79 -14.28
CA GLY B 353 -13.77 -18.57 -15.06
C GLY B 353 -15.07 -18.59 -15.83
N PHE B 354 -15.41 -17.43 -16.41
CA PHE B 354 -16.71 -17.16 -17.05
C PHE B 354 -16.47 -16.78 -18.50
N THR B 355 -17.38 -17.22 -19.38
CA THR B 355 -17.34 -16.91 -20.83
C THR B 355 -16.98 -15.43 -21.01
N TYR B 356 -17.63 -14.54 -20.28
CA TYR B 356 -17.55 -13.07 -20.46
C TYR B 356 -16.48 -12.45 -19.54
N SER B 357 -15.67 -13.25 -18.83
CA SER B 357 -14.49 -12.75 -18.09
C SER B 357 -13.66 -11.89 -19.06
N GLY B 358 -13.46 -10.62 -18.71
CA GLY B 358 -12.59 -9.69 -19.45
C GLY B 358 -13.27 -9.09 -20.66
N HIS B 359 -14.59 -9.24 -20.77
CA HIS B 359 -15.41 -8.83 -21.94
C HIS B 359 -14.89 -7.51 -22.48
N PRO B 360 -14.51 -7.44 -23.78
CA PRO B 360 -13.89 -6.24 -24.34
C PRO B 360 -14.68 -4.95 -24.07
N VAL B 361 -15.99 -4.98 -24.28
CA VAL B 361 -16.84 -3.76 -24.22
C VAL B 361 -16.96 -3.31 -22.76
N CYS B 362 -17.21 -4.26 -21.85
CA CYS B 362 -17.22 -3.97 -20.39
C CYS B 362 -15.87 -3.44 -19.93
N ALA B 363 -14.78 -4.02 -20.44
CA ALA B 363 -13.40 -3.62 -20.08
C ALA B 363 -13.15 -2.20 -20.60
N ALA B 364 -13.61 -1.86 -21.80
CA ALA B 364 -13.40 -0.53 -22.41
C ALA B 364 -14.11 0.53 -21.54
N VAL B 365 -15.32 0.23 -21.11
CA VAL B 365 -16.14 1.15 -20.26
C VAL B 365 -15.52 1.25 -18.85
N ALA B 366 -15.12 0.14 -18.24
CA ALA B 366 -14.47 0.18 -16.91
C ALA B 366 -13.21 1.03 -17.00
N HIS B 367 -12.47 0.97 -18.11
CA HIS B 367 -11.22 1.73 -18.29
C HIS B 367 -11.55 3.22 -18.26
N ALA B 368 -12.55 3.63 -19.05
CA ALA B 368 -13.02 5.04 -19.13
C ALA B 368 -13.44 5.50 -17.73
N ASN B 369 -14.17 4.64 -17.02
CA ASN B 369 -14.67 4.92 -15.65
C ASN B 369 -13.51 5.13 -14.68
N VAL B 370 -12.55 4.19 -14.63
CA VAL B 370 -11.43 4.27 -13.66
C VAL B 370 -10.55 5.47 -14.00
N ALA B 371 -10.29 5.72 -15.28
CA ALA B 371 -9.48 6.88 -15.72
C ALA B 371 -10.18 8.16 -15.29
N ALA B 372 -11.50 8.22 -15.38
CA ALA B 372 -12.29 9.41 -14.99
C ALA B 372 -12.17 9.60 -13.48
N LEU B 373 -12.37 8.54 -12.71
CA LEU B 373 -12.29 8.60 -11.21
C LEU B 373 -10.95 9.18 -10.80
N ARG B 374 -9.85 8.81 -11.47
CA ARG B 374 -8.51 9.36 -11.17
C ARG B 374 -8.36 10.76 -11.79
N ASP B 375 -8.47 10.86 -13.11
CA ASP B 375 -7.97 12.02 -13.91
C ASP B 375 -8.85 13.26 -13.68
N GLU B 376 -10.12 13.06 -13.39
CA GLU B 376 -11.08 14.17 -13.11
C GLU B 376 -11.11 14.49 -11.61
N GLY B 377 -10.33 13.78 -10.79
CA GLY B 377 -10.12 14.09 -9.37
C GLY B 377 -11.32 13.72 -8.50
N ILE B 378 -12.18 12.83 -9.00
CA ILE B 378 -13.47 12.44 -8.35
C ILE B 378 -13.20 11.76 -7.00
N VAL B 379 -12.27 10.81 -6.93
CA VAL B 379 -11.96 10.09 -5.65
C VAL B 379 -11.35 11.08 -4.66
N GLN B 380 -10.37 11.87 -5.11
CA GLN B 380 -9.67 12.88 -4.28
C GLN B 380 -10.70 13.86 -3.72
N ARG B 381 -11.68 14.23 -4.53
CA ARG B 381 -12.75 15.19 -4.15
C ARG B 381 -13.61 14.59 -3.04
N VAL B 382 -13.87 13.28 -3.06
CA VAL B 382 -14.63 12.66 -1.94
C VAL B 382 -13.81 12.83 -0.66
N LYS B 383 -12.50 12.56 -0.70
CA LYS B 383 -11.66 12.57 0.53
C LYS B 383 -11.59 13.98 1.12
N ASP B 384 -11.32 15.00 0.29
CA ASP B 384 -10.89 16.35 0.73
CA ASP B 384 -10.90 16.33 0.81
C ASP B 384 -12.03 17.36 0.72
N ASP B 385 -13.11 17.08 -0.03
CA ASP B 385 -14.10 18.15 -0.33
C ASP B 385 -15.53 17.70 -0.01
N ILE B 386 -16.16 16.93 -0.90
CA ILE B 386 -17.61 16.63 -0.79
C ILE B 386 -17.85 15.64 0.36
N GLY B 387 -16.91 14.73 0.63
CA GLY B 387 -17.07 13.78 1.74
C GLY B 387 -17.26 14.50 3.07
N PRO B 388 -16.29 15.32 3.51
CA PRO B 388 -16.44 16.03 4.78
C PRO B 388 -17.70 16.93 4.82
N TYR B 389 -18.08 17.53 3.69
CA TYR B 389 -19.33 18.34 3.60
C TYR B 389 -20.55 17.45 3.85
N MET B 390 -20.65 16.34 3.12
CA MET B 390 -21.75 15.36 3.26
C MET B 390 -21.83 14.93 4.73
N GLN B 391 -20.70 14.55 5.32
CA GLN B 391 -20.70 13.93 6.66
C GLN B 391 -21.16 14.96 7.71
N LYS B 392 -20.69 16.22 7.59
CA LYS B 392 -21.10 17.31 8.50
C LYS B 392 -22.59 17.58 8.33
N ARG B 393 -23.05 17.74 7.10
CA ARG B 393 -24.46 18.09 6.80
C ARG B 393 -25.37 16.94 7.19
N TRP B 394 -24.94 15.71 6.95
CA TRP B 394 -25.72 14.50 7.36
C TRP B 394 -25.98 14.55 8.86
N ARG B 395 -24.94 14.79 9.66
CA ARG B 395 -25.04 14.81 11.14
C ARG B 395 -25.89 16.02 11.58
N GLU B 396 -25.68 17.19 11.00
CA GLU B 396 -26.49 18.42 11.26
C GLU B 396 -27.98 18.12 11.05
N THR B 397 -28.33 17.44 9.97
CA THR B 397 -29.74 17.21 9.55
C THR B 397 -30.46 16.22 10.46
N PHE B 398 -29.85 15.07 10.78
CA PHE B 398 -30.59 13.90 11.31
C PHE B 398 -30.43 13.75 12.84
N SER B 399 -29.46 14.43 13.46
CA SER B 399 -29.14 14.22 14.89
C SER B 399 -30.31 14.65 15.79
N ARG B 400 -31.13 15.61 15.37
CA ARG B 400 -32.17 16.22 16.25
C ARG B 400 -33.40 15.33 16.40
N PHE B 401 -33.62 14.33 15.53
CA PHE B 401 -34.91 13.59 15.49
C PHE B 401 -35.02 12.64 16.68
N GLU B 402 -36.21 12.59 17.28
CA GLU B 402 -36.50 11.75 18.46
C GLU B 402 -36.33 10.27 18.14
N HIS B 403 -36.66 9.85 16.90
CA HIS B 403 -36.66 8.42 16.53
C HIS B 403 -35.51 8.09 15.57
N VAL B 404 -34.49 8.94 15.51
CA VAL B 404 -33.24 8.68 14.70
C VAL B 404 -32.04 8.60 15.64
N ASP B 405 -31.17 7.61 15.44
CA ASP B 405 -29.94 7.47 16.25
C ASP B 405 -28.85 6.82 15.40
N ASP B 406 -27.64 6.84 15.94
CA ASP B 406 -26.45 6.21 15.32
C ASP B 406 -26.24 6.85 13.95
N VAL B 407 -26.30 8.18 13.92
CA VAL B 407 -26.05 8.94 12.66
C VAL B 407 -24.57 8.74 12.35
N ARG B 408 -24.27 8.31 11.13
CA ARG B 408 -22.95 7.74 10.81
C ARG B 408 -22.64 7.88 9.33
N GLY B 409 -21.38 7.64 8.99
CA GLY B 409 -20.92 7.66 7.61
C GLY B 409 -19.48 8.10 7.49
N VAL B 410 -18.93 7.78 6.33
CA VAL B 410 -17.53 8.07 5.88
CA VAL B 410 -17.61 8.33 5.91
C VAL B 410 -17.61 8.45 4.39
N GLY B 411 -16.95 9.51 3.93
CA GLY B 411 -16.88 9.84 2.50
C GLY B 411 -18.25 10.09 1.93
N MET B 412 -18.75 9.19 1.09
CA MET B 412 -20.09 9.36 0.47
C MET B 412 -20.97 8.14 0.75
N VAL B 413 -20.70 7.42 1.84
CA VAL B 413 -21.65 6.42 2.37
C VAL B 413 -22.07 6.87 3.77
N GLN B 414 -23.36 6.96 4.02
CA GLN B 414 -23.87 7.47 5.31
C GLN B 414 -25.21 6.80 5.62
N ALA B 415 -25.58 6.85 6.90
CA ALA B 415 -26.77 6.14 7.38
C ALA B 415 -27.22 6.65 8.75
N PHE B 416 -28.34 6.12 9.18
CA PHE B 416 -28.83 6.26 10.57
C PHE B 416 -29.78 5.10 10.82
N THR B 417 -30.22 4.96 12.07
CA THR B 417 -31.19 3.93 12.46
C THR B 417 -32.44 4.60 13.04
N LEU B 418 -33.59 4.17 12.57
CA LEU B 418 -34.92 4.49 13.18
C LEU B 418 -35.05 3.63 14.44
N VAL B 419 -35.30 4.28 15.59
CA VAL B 419 -35.30 3.63 16.93
C VAL B 419 -36.55 4.05 17.69
N LYS B 420 -37.06 3.16 18.52
CA LYS B 420 -38.25 3.41 19.38
C LYS B 420 -37.88 4.43 20.47
N ASN B 421 -36.69 4.29 21.04
CA ASN B 421 -36.25 5.13 22.18
C ASN B 421 -34.72 5.22 22.21
N LYS B 422 -34.18 6.41 21.93
CA LYS B 422 -32.73 6.69 21.86
C LYS B 422 -32.07 6.40 23.23
N ALA B 423 -32.65 6.89 24.33
CA ALA B 423 -32.04 6.85 25.67
C ALA B 423 -31.84 5.38 26.10
N LYS B 424 -32.70 4.47 25.63
CA LYS B 424 -32.66 3.03 25.98
C LYS B 424 -31.95 2.22 24.89
N ARG B 425 -31.55 2.85 23.79
CA ARG B 425 -31.08 2.16 22.57
C ARG B 425 -32.09 1.05 22.22
N GLU B 426 -33.38 1.37 22.27
CA GLU B 426 -34.47 0.40 22.05
CA GLU B 426 -34.47 0.40 22.05
C GLU B 426 -34.88 0.46 20.57
N LEU B 427 -34.74 -0.66 19.88
CA LEU B 427 -35.15 -0.80 18.46
C LEU B 427 -36.66 -1.08 18.41
N PHE B 428 -37.27 -0.77 17.27
CA PHE B 428 -38.67 -1.14 16.96
C PHE B 428 -38.76 -2.66 16.85
N PRO B 429 -39.90 -3.27 17.24
CA PRO B 429 -40.07 -4.71 17.05
C PRO B 429 -40.21 -4.99 15.54
N ASP B 430 -40.02 -6.24 15.14
CA ASP B 430 -40.20 -6.70 13.73
C ASP B 430 -39.24 -5.88 12.85
N PHE B 431 -38.00 -5.72 13.33
CA PHE B 431 -36.95 -4.88 12.69
C PHE B 431 -37.08 -4.98 11.17
N GLY B 432 -37.35 -3.87 10.49
CA GLY B 432 -37.63 -3.82 9.03
C GLY B 432 -38.99 -3.21 8.71
N GLU B 433 -40.00 -3.42 9.55
CA GLU B 433 -41.36 -2.91 9.30
CA GLU B 433 -41.36 -2.91 9.28
C GLU B 433 -41.33 -1.38 9.29
N ILE B 434 -40.67 -0.76 10.27
CA ILE B 434 -40.62 0.73 10.40
CA ILE B 434 -40.62 0.72 10.40
C ILE B 434 -39.73 1.29 9.29
N GLY B 435 -38.62 0.62 8.96
CA GLY B 435 -37.76 1.03 7.85
C GLY B 435 -38.53 1.11 6.53
N THR B 436 -39.39 0.13 6.28
CA THR B 436 -40.21 0.03 5.05
C THR B 436 -41.17 1.23 4.99
N LEU B 437 -41.82 1.54 6.11
CA LEU B 437 -42.70 2.73 6.25
CA LEU B 437 -42.69 2.73 6.26
C LEU B 437 -41.93 3.98 5.82
N CYS B 438 -40.70 4.16 6.31
CA CYS B 438 -39.89 5.36 6.04
C CYS B 438 -39.47 5.41 4.56
N ARG B 439 -38.97 4.29 4.05
CA ARG B 439 -38.51 4.14 2.65
C ARG B 439 -39.65 4.54 1.70
N ASP B 440 -40.87 4.06 1.97
CA ASP B 440 -42.06 4.30 1.11
C ASP B 440 -42.35 5.81 1.07
N ILE B 441 -42.17 6.52 2.20
CA ILE B 441 -42.36 7.99 2.28
CA ILE B 441 -42.36 8.00 2.29
C ILE B 441 -41.31 8.68 1.39
N PHE B 442 -40.05 8.29 1.51
CA PHE B 442 -38.95 8.83 0.66
C PHE B 442 -39.33 8.68 -0.82
N PHE B 443 -39.72 7.47 -1.21
CA PHE B 443 -39.97 7.06 -2.62
CA PHE B 443 -39.97 7.06 -2.62
C PHE B 443 -41.12 7.90 -3.18
N ARG B 444 -42.18 8.07 -2.38
CA ARG B 444 -43.37 8.91 -2.71
C ARG B 444 -42.93 10.35 -2.96
N ASN B 445 -41.92 10.82 -2.23
CA ASN B 445 -41.36 12.20 -2.32
C ASN B 445 -40.18 12.25 -3.28
N ASN B 446 -40.07 11.27 -4.17
CA ASN B 446 -39.10 11.26 -5.29
C ASN B 446 -37.67 11.37 -4.77
N LEU B 447 -37.40 10.67 -3.68
CA LEU B 447 -36.03 10.52 -3.11
C LEU B 447 -35.77 9.03 -2.92
N ILE B 448 -34.66 8.54 -3.46
CA ILE B 448 -34.26 7.12 -3.27
C ILE B 448 -33.24 7.04 -2.14
N MET B 449 -33.65 6.50 -1.01
CA MET B 449 -32.77 6.02 0.07
C MET B 449 -33.31 4.65 0.48
N ARG B 450 -32.42 3.75 0.87
CA ARG B 450 -32.78 2.33 1.04
C ARG B 450 -32.97 2.07 2.53
N ALA B 451 -33.95 1.25 2.87
CA ALA B 451 -34.09 0.66 4.22
C ALA B 451 -33.42 -0.71 4.26
N CYS B 452 -32.52 -0.89 5.20
CA CYS B 452 -31.88 -2.19 5.55
C CYS B 452 -32.32 -2.51 6.97
N GLY B 453 -33.32 -3.36 7.11
CA GLY B 453 -34.10 -3.42 8.36
C GLY B 453 -34.61 -2.01 8.67
N ASP B 454 -34.32 -1.48 9.85
CA ASP B 454 -34.73 -0.12 10.26
C ASP B 454 -33.57 0.86 10.09
N HIS B 455 -32.47 0.43 9.47
CA HIS B 455 -31.39 1.33 9.01
C HIS B 455 -31.83 2.03 7.73
N ILE B 456 -31.65 3.35 7.65
CA ILE B 456 -31.80 4.14 6.41
C ILE B 456 -30.41 4.46 5.89
N VAL B 457 -30.13 4.12 4.64
CA VAL B 457 -28.78 4.25 4.05
C VAL B 457 -28.84 5.12 2.80
N SER B 458 -27.71 5.74 2.48
CA SER B 458 -27.51 6.58 1.28
C SER B 458 -26.09 6.34 0.76
N ALA B 459 -25.99 6.24 -0.56
CA ALA B 459 -24.70 6.20 -1.27
C ALA B 459 -24.90 6.84 -2.64
N PRO B 460 -24.98 8.19 -2.72
CA PRO B 460 -25.25 8.84 -3.98
C PRO B 460 -24.04 8.86 -4.91
N PRO B 461 -24.19 9.28 -6.18
CA PRO B 461 -23.04 9.44 -7.05
C PRO B 461 -21.96 10.29 -6.39
N LEU B 462 -20.68 9.94 -6.57
CA LEU B 462 -19.56 10.61 -5.89
C LEU B 462 -19.45 12.06 -6.39
N VAL B 463 -19.98 12.32 -7.59
CA VAL B 463 -19.88 13.63 -8.28
C VAL B 463 -20.95 14.59 -7.75
N MET B 464 -21.79 14.15 -6.83
CA MET B 464 -22.86 15.02 -6.25
C MET B 464 -22.24 16.34 -5.79
N THR B 465 -22.87 17.47 -6.10
CA THR B 465 -22.39 18.80 -5.66
C THR B 465 -22.93 19.13 -4.27
N ARG B 466 -22.35 20.14 -3.63
CA ARG B 466 -22.81 20.66 -2.32
C ARG B 466 -24.30 21.03 -2.44
N ALA B 467 -24.69 21.72 -3.53
CA ALA B 467 -26.09 22.11 -3.76
C ALA B 467 -26.98 20.86 -3.79
N GLU B 468 -26.49 19.79 -4.43
CA GLU B 468 -27.27 18.53 -4.58
C GLU B 468 -27.33 17.81 -3.23
N VAL B 469 -26.26 17.88 -2.43
CA VAL B 469 -26.30 17.30 -1.07
C VAL B 469 -27.42 18.00 -0.30
N ASP B 470 -27.45 19.33 -0.31
CA ASP B 470 -28.42 20.11 0.50
C ASP B 470 -29.85 19.85 -0.02
N GLU B 471 -30.03 19.74 -1.33
CA GLU B 471 -31.34 19.42 -1.96
C GLU B 471 -31.84 18.07 -1.43
N MET B 472 -30.96 17.06 -1.45
CA MET B 472 -31.29 15.69 -0.99
C MET B 472 -31.68 15.69 0.49
N LEU B 473 -30.87 16.33 1.33
CA LEU B 473 -31.10 16.39 2.79
C LEU B 473 -32.39 17.16 3.13
N ALA B 474 -32.72 18.21 2.37
CA ALA B 474 -33.98 18.97 2.57
C ALA B 474 -35.18 18.05 2.39
N VAL B 475 -35.18 17.21 1.34
CA VAL B 475 -36.30 16.25 1.09
C VAL B 475 -36.32 15.20 2.21
N ALA B 476 -35.17 14.63 2.54
CA ALA B 476 -35.06 13.59 3.59
C ALA B 476 -35.60 14.15 4.92
N GLU B 477 -35.22 15.38 5.25
CA GLU B 477 -35.63 16.04 6.52
C GLU B 477 -37.17 16.12 6.57
N ARG B 478 -37.80 16.64 5.52
CA ARG B 478 -39.29 16.79 5.47
CA ARG B 478 -39.28 16.79 5.53
C ARG B 478 -39.92 15.40 5.57
N CYS B 479 -39.32 14.39 4.95
CA CYS B 479 -39.82 13.00 4.95
C CYS B 479 -39.78 12.43 6.37
N LEU B 480 -38.70 12.69 7.13
CA LEU B 480 -38.55 12.19 8.53
CA LEU B 480 -38.56 12.18 8.52
C LEU B 480 -39.60 12.86 9.43
N GLU B 481 -39.88 14.14 9.19
CA GLU B 481 -40.94 14.87 9.94
C GLU B 481 -42.28 14.14 9.73
N GLU B 482 -42.60 13.79 8.49
CA GLU B 482 -43.81 13.01 8.13
C GLU B 482 -43.74 11.59 8.72
N PHE B 483 -42.59 10.93 8.63
CA PHE B 483 -42.39 9.56 9.17
C PHE B 483 -42.80 9.54 10.65
N GLU B 484 -42.34 10.53 11.42
CA GLU B 484 -42.54 10.56 12.89
C GLU B 484 -44.05 10.72 13.18
N GLN B 485 -44.71 11.59 12.41
CA GLN B 485 -46.18 11.81 12.51
C GLN B 485 -46.92 10.49 12.30
N THR B 486 -46.61 9.78 11.22
CA THR B 486 -47.27 8.50 10.81
C THR B 486 -47.05 7.43 11.90
N LEU B 487 -45.82 7.32 12.39
CA LEU B 487 -45.41 6.39 13.48
C LEU B 487 -46.40 6.51 14.65
N LYS B 488 -46.58 7.75 15.14
CA LYS B 488 -47.42 8.06 16.33
C LYS B 488 -48.90 7.80 15.98
N ALA B 489 -49.32 8.20 14.78
CA ALA B 489 -50.68 8.02 14.24
C ALA B 489 -51.08 6.54 14.28
N ARG B 490 -50.14 5.64 13.94
CA ARG B 490 -50.38 4.18 13.89
C ARG B 490 -50.18 3.56 15.28
N GLY B 491 -49.86 4.37 16.29
CA GLY B 491 -49.60 3.92 17.67
C GLY B 491 -48.40 2.99 17.75
N LEU B 492 -47.40 3.22 16.88
CA LEU B 492 -46.17 2.39 16.79
C LEU B 492 -45.05 3.05 17.61
N ALA B 493 -45.23 4.30 18.05
CA ALA B 493 -44.20 5.17 18.66
C ALA B 493 -44.04 4.85 20.16
N ARG C 39 44.48 28.06 -3.41
CA ARG C 39 45.22 27.02 -2.63
C ARG C 39 45.65 25.89 -3.57
N THR C 40 46.87 25.38 -3.42
CA THR C 40 47.42 24.22 -4.18
C THR C 40 46.89 22.91 -3.58
N THR C 41 47.06 21.80 -4.31
CA THR C 41 46.76 20.41 -3.83
C THR C 41 47.54 20.15 -2.53
N SER C 42 48.84 20.46 -2.54
CA SER C 42 49.76 20.24 -1.39
CA SER C 42 49.76 20.24 -1.39
C SER C 42 49.25 20.98 -0.15
N GLN C 43 48.79 22.23 -0.33
CA GLN C 43 48.35 23.12 0.76
C GLN C 43 47.03 22.59 1.35
N TRP C 44 46.04 22.26 0.52
CA TRP C 44 44.75 21.66 0.96
C TRP C 44 45.02 20.37 1.75
N ARG C 45 45.95 19.53 1.28
CA ARG C 45 46.28 18.23 1.93
C ARG C 45 46.91 18.49 3.31
N GLU C 46 47.82 19.46 3.39
CA GLU C 46 48.52 19.86 4.64
CA GLU C 46 48.51 19.85 4.65
C GLU C 46 47.48 20.29 5.69
N LEU C 47 46.55 21.17 5.28
CA LEU C 47 45.50 21.72 6.18
C LEU C 47 44.52 20.61 6.56
N ASP C 48 44.13 19.76 5.61
CA ASP C 48 43.17 18.65 5.88
C ASP C 48 43.77 17.73 6.94
N ALA C 49 45.04 17.33 6.76
CA ALA C 49 45.77 16.43 7.69
C ALA C 49 45.87 17.06 9.08
N ALA C 50 46.11 18.38 9.14
CA ALA C 50 46.37 19.10 10.40
C ALA C 50 45.07 19.29 11.19
N HIS C 51 43.90 19.34 10.55
CA HIS C 51 42.68 19.92 11.18
C HIS C 51 41.40 19.06 11.04
N HIS C 52 41.37 18.04 10.18
CA HIS C 52 40.10 17.37 9.79
C HIS C 52 40.14 15.88 10.18
N LEU C 53 39.17 15.42 10.97
CA LEU C 53 38.94 13.98 11.29
C LEU C 53 37.78 13.49 10.41
N HIS C 54 38.06 12.51 9.55
CA HIS C 54 37.13 12.00 8.51
C HIS C 54 36.31 10.83 9.06
N PRO C 55 35.06 10.64 8.56
CA PRO C 55 34.30 9.42 8.82
C PRO C 55 35.00 8.16 8.32
N PHE C 56 34.91 7.08 9.08
CA PHE C 56 35.26 5.70 8.65
C PHE C 56 36.62 5.70 7.96
N THR C 57 37.62 6.30 8.61
CA THR C 57 38.96 6.53 8.02
C THR C 57 40.05 6.10 9.02
N ASP C 58 41.14 5.56 8.48
CA ASP C 58 42.45 5.40 9.17
C ASP C 58 43.17 6.74 9.05
N THR C 59 42.97 7.64 10.02
CA THR C 59 43.46 9.05 9.99
C THR C 59 44.98 9.06 9.81
N ALA C 60 45.72 8.27 10.59
CA ALA C 60 47.20 8.20 10.52
C ALA C 60 47.63 7.97 9.07
N SER C 61 47.04 6.96 8.41
CA SER C 61 47.37 6.57 7.02
C SER C 61 47.02 7.70 6.05
N LEU C 62 45.79 8.23 6.12
CA LEU C 62 45.29 9.29 5.21
C LEU C 62 46.19 10.52 5.28
N ASN C 63 46.58 10.94 6.49
CA ASN C 63 47.37 12.18 6.72
C ASN C 63 48.74 12.05 6.06
N GLN C 64 49.26 10.83 5.91
CA GLN C 64 50.56 10.54 5.24
C GLN C 64 50.38 10.46 3.73
N ALA C 65 49.38 9.70 3.27
CA ALA C 65 49.10 9.44 1.83
C ALA C 65 48.59 10.70 1.13
N GLY C 66 47.80 11.52 1.85
CA GLY C 66 47.17 12.74 1.32
C GLY C 66 45.78 12.46 0.78
N ALA C 67 44.81 13.30 1.15
CA ALA C 67 43.40 13.20 0.70
C ALA C 67 43.29 13.65 -0.76
N ARG C 68 42.45 12.98 -1.55
CA ARG C 68 42.08 13.44 -2.91
C ARG C 68 41.09 14.59 -2.75
N VAL C 69 41.39 15.76 -3.31
CA VAL C 69 40.55 16.98 -3.15
C VAL C 69 39.61 17.11 -4.35
N MET C 70 38.32 16.85 -4.13
CA MET C 70 37.27 17.04 -5.16
C MET C 70 36.84 18.51 -5.11
N THR C 71 36.84 19.20 -6.25
CA THR C 71 36.66 20.66 -6.32
C THR C 71 35.32 21.03 -6.99
N ARG C 72 34.88 20.22 -7.94
CA ARG C 72 33.76 20.59 -8.84
CA ARG C 72 33.76 20.59 -8.84
C ARG C 72 33.01 19.33 -9.28
N GLY C 73 31.71 19.47 -9.48
CA GLY C 73 30.84 18.41 -9.98
C GLY C 73 29.96 18.94 -11.10
N GLU C 74 29.71 18.11 -12.10
CA GLU C 74 28.72 18.40 -13.16
C GLU C 74 28.16 17.08 -13.72
N GLY C 75 26.83 16.93 -13.65
CA GLY C 75 26.14 15.70 -14.06
C GLY C 75 26.64 14.49 -13.30
N VAL C 76 27.33 13.56 -13.96
CA VAL C 76 27.85 12.31 -13.34
C VAL C 76 29.35 12.45 -13.06
N TYR C 77 29.94 13.61 -13.33
CA TYR C 77 31.41 13.79 -13.27
C TYR C 77 31.84 14.69 -12.11
N LEU C 78 33.02 14.39 -11.61
CA LEU C 78 33.77 15.24 -10.67
C LEU C 78 35.10 15.65 -11.33
N TRP C 79 35.66 16.76 -10.85
CA TRP C 79 37.06 17.15 -11.13
C TRP C 79 37.77 17.28 -9.79
N ASP C 80 39.01 16.80 -9.70
CA ASP C 80 39.83 16.93 -8.48
C ASP C 80 40.78 18.12 -8.68
N SER C 81 41.54 18.47 -7.64
CA SER C 81 42.42 19.66 -7.59
C SER C 81 43.58 19.51 -8.59
N GLU C 82 43.80 18.31 -9.13
CA GLU C 82 44.88 18.01 -10.11
C GLU C 82 44.32 17.99 -11.53
N GLY C 83 43.04 18.29 -11.72
CA GLY C 83 42.42 18.48 -13.05
C GLY C 83 41.87 17.19 -13.66
N ASN C 84 41.94 16.07 -12.93
CA ASN C 84 41.39 14.77 -13.41
C ASN C 84 39.87 14.88 -13.51
N LYS C 85 39.29 14.42 -14.63
CA LYS C 85 37.83 14.22 -14.78
CA LYS C 85 37.83 14.22 -14.78
C LYS C 85 37.50 12.79 -14.34
N ILE C 86 36.57 12.65 -13.40
CA ILE C 86 36.28 11.38 -12.68
C ILE C 86 34.81 11.02 -12.92
N ILE C 87 34.56 9.76 -13.26
CA ILE C 87 33.17 9.23 -13.36
C ILE C 87 32.76 8.85 -11.94
N ASP C 88 31.73 9.50 -11.41
CA ASP C 88 31.26 9.20 -10.04
C ASP C 88 30.22 8.09 -10.10
N GLY C 89 30.67 6.85 -10.12
CA GLY C 89 29.79 5.68 -10.15
C GLY C 89 29.14 5.43 -8.79
N MET C 90 29.34 6.30 -7.80
CA MET C 90 28.71 6.15 -6.46
C MET C 90 27.82 7.34 -6.10
N ALA C 91 27.64 8.32 -7.00
CA ALA C 91 26.74 9.48 -6.78
C ALA C 91 26.99 10.11 -5.40
N GLY C 92 28.21 10.55 -5.15
CA GLY C 92 28.65 11.09 -3.85
C GLY C 92 28.75 9.96 -2.85
N LEU C 93 27.67 9.67 -2.14
CA LEU C 93 27.61 8.47 -1.28
C LEU C 93 26.19 7.90 -1.40
N TRP C 94 25.90 7.30 -2.56
CA TRP C 94 24.61 6.66 -2.92
C TRP C 94 23.49 7.71 -2.92
N CYS C 95 23.79 9.00 -3.06
CA CYS C 95 22.79 10.03 -2.71
C CYS C 95 22.58 11.12 -3.76
N VAL C 96 23.55 11.40 -4.65
CA VAL C 96 23.37 12.55 -5.58
C VAL C 96 22.54 12.07 -6.78
N ASN C 97 21.26 11.83 -6.53
CA ASN C 97 20.38 11.07 -7.45
C ASN C 97 20.10 11.88 -8.72
N VAL C 98 19.99 13.21 -8.65
CA VAL C 98 19.73 14.04 -9.86
C VAL C 98 21.05 14.53 -10.47
N GLY C 99 22.19 14.09 -9.95
CA GLY C 99 23.50 14.51 -10.42
C GLY C 99 23.90 15.89 -9.91
N TYR C 100 25.13 16.26 -10.22
CA TYR C 100 25.71 17.57 -9.82
C TYR C 100 25.28 18.66 -10.80
N GLY C 101 25.32 19.92 -10.35
CA GLY C 101 25.20 21.11 -11.22
C GLY C 101 23.82 21.70 -11.26
N ARG C 102 22.94 21.35 -10.31
CA ARG C 102 21.56 21.88 -10.26
C ARG C 102 21.60 23.32 -9.73
N LYS C 103 21.77 24.29 -10.63
CA LYS C 103 21.75 25.73 -10.29
C LYS C 103 20.38 26.10 -9.70
N ASP C 104 19.31 25.41 -10.09
CA ASP C 104 17.93 25.68 -9.61
C ASP C 104 17.84 25.34 -8.11
N PHE C 105 18.60 24.34 -7.64
CA PHE C 105 18.62 23.94 -6.21
C PHE C 105 19.35 25.02 -5.40
N ALA C 106 20.45 25.53 -5.93
CA ALA C 106 21.25 26.63 -5.34
C ALA C 106 20.40 27.90 -5.24
N GLU C 107 19.54 28.16 -6.23
CA GLU C 107 18.65 29.35 -6.22
C GLU C 107 17.60 29.18 -5.12
N ALA C 108 17.00 27.99 -5.00
CA ALA C 108 15.97 27.68 -3.98
C ALA C 108 16.57 27.86 -2.58
N ALA C 109 17.84 27.45 -2.39
CA ALA C 109 18.55 27.59 -1.11
C ALA C 109 18.77 29.07 -0.81
N ARG C 110 19.30 29.83 -1.78
CA ARG C 110 19.57 31.28 -1.63
C ARG C 110 18.27 32.01 -1.24
N ARG C 111 17.18 31.76 -1.97
CA ARG C 111 15.88 32.48 -1.77
CA ARG C 111 15.88 32.48 -1.77
C ARG C 111 15.39 32.20 -0.34
N GLN C 112 15.41 30.94 0.08
CA GLN C 112 14.88 30.57 1.42
C GLN C 112 15.80 31.13 2.51
N MET C 113 17.12 31.07 2.33
CA MET C 113 18.09 31.51 3.36
C MET C 113 17.99 33.02 3.56
N GLU C 114 17.63 33.77 2.53
CA GLU C 114 17.45 35.26 2.61
C GLU C 114 16.15 35.57 3.36
N GLU C 115 15.09 34.79 3.16
CA GLU C 115 13.75 35.05 3.77
C GLU C 115 13.75 34.65 5.25
N LEU C 116 14.05 33.39 5.53
CA LEU C 116 14.07 32.86 6.91
C LEU C 116 15.04 31.69 6.92
N PRO C 117 16.32 31.94 7.32
CA PRO C 117 17.36 30.92 7.26
C PRO C 117 17.06 29.75 8.19
N PHE C 118 16.40 30.03 9.30
CA PHE C 118 16.10 29.04 10.35
C PHE C 118 14.97 29.56 11.21
N TYR C 119 14.01 28.71 11.49
CA TYR C 119 13.19 28.86 12.72
C TYR C 119 12.90 27.45 13.21
N ASN C 120 12.73 27.31 14.52
CA ASN C 120 12.56 26.00 15.17
C ASN C 120 11.11 25.53 15.00
N THR C 121 10.89 24.22 15.11
CA THR C 121 9.56 23.57 15.04
C THR C 121 9.15 23.08 16.45
N PHE C 122 9.85 23.56 17.48
CA PHE C 122 9.70 23.14 18.90
C PHE C 122 8.66 23.97 19.66
N PHE C 123 8.51 25.26 19.32
CA PHE C 123 7.76 26.22 20.18
C PHE C 123 6.31 26.35 19.72
N LYS C 124 5.63 25.23 19.42
CA LYS C 124 4.28 25.21 18.81
C LYS C 124 4.35 26.08 17.53
N THR C 125 5.47 25.97 16.81
CA THR C 125 5.80 26.83 15.64
C THR C 125 6.05 25.97 14.39
N THR C 126 5.81 26.55 13.22
CA THR C 126 6.16 25.94 11.91
C THR C 126 6.59 27.04 10.95
N HIS C 127 6.84 26.68 9.70
CA HIS C 127 7.26 27.63 8.63
C HIS C 127 6.91 27.01 7.28
N PRO C 128 6.65 27.84 6.24
CA PRO C 128 6.17 27.34 4.96
C PRO C 128 7.04 26.26 4.30
N ALA C 129 8.37 26.40 4.31
CA ALA C 129 9.26 25.45 3.60
C ALA C 129 9.00 24.02 4.12
N VAL C 130 8.91 23.83 5.45
CA VAL C 130 8.69 22.48 6.04
C VAL C 130 7.27 22.01 5.72
N VAL C 131 6.27 22.89 5.78
CA VAL C 131 4.86 22.48 5.50
C VAL C 131 4.74 22.07 4.02
N GLU C 132 5.31 22.84 3.10
CA GLU C 132 5.31 22.55 1.63
C GLU C 132 6.01 21.21 1.33
N LEU C 133 7.16 20.96 1.95
CA LEU C 133 7.87 19.68 1.73
C LEU C 133 7.00 18.52 2.22
N SER C 134 6.45 18.66 3.42
CA SER C 134 5.61 17.61 4.06
C SER C 134 4.44 17.27 3.12
N SER C 135 3.84 18.30 2.50
CA SER C 135 2.71 18.13 1.55
C SER C 135 3.17 17.40 0.29
N LEU C 136 4.30 17.81 -0.29
CA LEU C 136 4.82 17.17 -1.52
C LEU C 136 5.19 15.70 -1.23
N LEU C 137 5.79 15.44 -0.07
CA LEU C 137 6.26 14.06 0.25
C LEU C 137 5.05 13.12 0.30
N ALA C 138 3.91 13.59 0.86
CA ALA C 138 2.66 12.80 0.93
C ALA C 138 2.19 12.45 -0.49
N GLU C 139 2.48 13.27 -1.50
CA GLU C 139 2.08 13.01 -2.91
C GLU C 139 2.92 11.87 -3.52
N VAL C 140 4.17 11.67 -3.11
CA VAL C 140 5.11 10.75 -3.81
C VAL C 140 5.31 9.46 -3.00
N THR C 141 4.94 9.45 -1.71
CA THR C 141 5.14 8.27 -0.84
C THR C 141 3.95 7.35 -1.00
N PRO C 142 4.07 6.05 -0.65
CA PRO C 142 2.96 5.11 -0.77
C PRO C 142 1.77 5.55 0.09
N ALA C 143 0.59 5.03 -0.24
CA ALA C 143 -0.68 5.30 0.48
C ALA C 143 -0.48 4.97 1.95
N GLY C 144 -1.04 5.77 2.85
CA GLY C 144 -0.97 5.54 4.31
C GLY C 144 0.18 6.28 4.97
N PHE C 145 1.11 6.83 4.18
CA PHE C 145 2.26 7.63 4.69
C PHE C 145 1.94 9.11 4.55
N ASP C 146 1.21 9.65 5.52
CA ASP C 146 0.78 11.07 5.53
C ASP C 146 1.74 11.91 6.37
N ARG C 147 2.33 11.32 7.42
CA ARG C 147 3.07 12.08 8.45
C ARG C 147 4.57 11.77 8.42
N VAL C 148 5.36 12.83 8.52
CA VAL C 148 6.84 12.77 8.41
CA VAL C 148 6.85 12.76 8.42
C VAL C 148 7.44 13.52 9.60
N PHE C 149 8.45 12.93 10.21
CA PHE C 149 9.31 13.53 11.25
C PHE C 149 10.66 13.80 10.60
N TYR C 150 11.16 15.03 10.71
CA TYR C 150 12.41 15.45 10.05
C TYR C 150 13.61 15.32 10.97
N THR C 151 14.73 14.97 10.36
CA THR C 151 16.07 14.89 10.98
C THR C 151 17.07 15.53 10.03
N ASN C 152 18.34 15.52 10.42
CA ASN C 152 19.46 16.02 9.60
C ASN C 152 20.08 14.86 8.81
N SER C 153 19.95 13.61 9.23
CA SER C 153 20.73 12.49 8.68
C SER C 153 19.94 11.19 8.70
N GLY C 154 20.42 10.19 7.94
CA GLY C 154 19.88 8.83 8.00
C GLY C 154 20.09 8.25 9.38
N SER C 155 21.24 8.55 10.01
CA SER C 155 21.58 8.02 11.35
C SER C 155 20.57 8.55 12.36
N GLU C 156 20.28 9.84 12.31
CA GLU C 156 19.28 10.46 13.22
C GLU C 156 17.89 9.88 12.93
N SER C 157 17.57 9.61 11.66
CA SER C 157 16.27 9.00 11.28
CA SER C 157 16.27 9.00 11.28
C SER C 157 16.14 7.61 11.92
N VAL C 158 17.22 6.84 11.92
CA VAL C 158 17.19 5.47 12.52
C VAL C 158 17.00 5.60 14.03
N ASP C 159 17.73 6.50 14.69
CA ASP C 159 17.57 6.74 16.14
CA ASP C 159 17.58 6.75 16.14
C ASP C 159 16.14 7.15 16.45
N THR C 160 15.60 8.06 15.65
CA THR C 160 14.20 8.53 15.80
C THR C 160 13.26 7.32 15.69
N MET C 161 13.47 6.49 14.68
CA MET C 161 12.63 5.29 14.43
C MET C 161 12.70 4.35 15.63
N ILE C 162 13.88 4.15 16.21
CA ILE C 162 14.05 3.24 17.37
C ILE C 162 13.19 3.76 18.54
N ARG C 163 13.32 5.05 18.85
CA ARG C 163 12.55 5.68 19.97
C ARG C 163 11.05 5.65 19.66
N MET C 164 10.66 5.87 18.40
CA MET C 164 9.23 5.81 17.96
C MET C 164 8.67 4.40 18.15
N VAL C 165 9.41 3.37 17.76
CA VAL C 165 8.97 1.95 17.83
C VAL C 165 8.76 1.59 19.31
N ARG C 166 9.71 1.97 20.15
CA ARG C 166 9.63 1.65 21.60
C ARG C 166 8.49 2.46 22.24
N ARG C 167 8.36 3.74 21.91
CA ARG C 167 7.27 4.61 22.44
C ARG C 167 5.90 4.03 22.04
N TYR C 168 5.77 3.62 20.78
CA TYR C 168 4.53 3.02 20.24
C TYR C 168 4.07 1.89 21.16
N TRP C 169 4.95 0.94 21.47
CA TRP C 169 4.57 -0.26 22.27
C TRP C 169 4.26 0.15 23.71
N ASP C 170 4.96 1.16 24.25
CA ASP C 170 4.64 1.72 25.60
C ASP C 170 3.19 2.24 25.60
N VAL C 171 2.81 2.98 24.56
CA VAL C 171 1.45 3.56 24.45
C VAL C 171 0.42 2.41 24.35
N GLN C 172 0.77 1.30 23.70
CA GLN C 172 -0.13 0.12 23.54
C GLN C 172 -0.23 -0.67 24.84
N GLY C 173 0.49 -0.27 25.89
CA GLY C 173 0.52 -0.97 27.19
C GLY C 173 1.37 -2.22 27.16
N LYS C 174 2.42 -2.24 26.32
CA LYS C 174 3.35 -3.40 26.18
C LYS C 174 4.79 -2.90 26.37
N PRO C 175 5.16 -2.39 27.55
CA PRO C 175 6.51 -1.86 27.77
C PRO C 175 7.62 -2.90 27.68
N GLU C 176 7.27 -4.20 27.65
CA GLU C 176 8.21 -5.34 27.45
C GLU C 176 8.62 -5.45 25.97
N LYS C 177 7.83 -4.88 25.07
CA LYS C 177 7.99 -5.09 23.61
C LYS C 177 9.01 -4.06 23.10
N LYS C 178 10.31 -4.35 23.23
CA LYS C 178 11.35 -3.31 23.06
C LYS C 178 12.54 -3.76 22.21
N THR C 179 12.67 -5.05 21.90
CA THR C 179 13.84 -5.56 21.12
C THR C 179 13.59 -5.30 19.64
N LEU C 180 14.55 -4.66 18.97
CA LEU C 180 14.60 -4.55 17.50
C LEU C 180 15.61 -5.56 16.97
N ILE C 181 15.23 -6.24 15.89
CA ILE C 181 16.06 -7.28 15.24
C ILE C 181 16.57 -6.68 13.94
N GLY C 182 17.87 -6.72 13.77
CA GLY C 182 18.54 -6.42 12.49
C GLY C 182 19.31 -7.63 12.00
N ARG C 183 20.31 -7.39 11.17
CA ARG C 183 21.06 -8.46 10.49
C ARG C 183 22.56 -8.20 10.57
N TRP C 184 23.32 -9.27 10.66
CA TRP C 184 24.78 -9.21 10.45
C TRP C 184 25.01 -8.65 9.04
N ASN C 185 25.92 -7.68 8.93
CA ASN C 185 26.29 -6.96 7.69
C ASN C 185 25.16 -6.03 7.23
N GLY C 186 24.15 -5.80 8.07
CA GLY C 186 23.22 -4.69 7.85
C GLY C 186 23.84 -3.39 8.27
N TYR C 187 23.46 -2.27 7.66
CA TYR C 187 23.98 -0.94 8.02
C TYR C 187 22.81 0.00 8.24
N HIS C 188 22.75 0.62 9.42
CA HIS C 188 21.66 1.53 9.81
C HIS C 188 22.22 2.82 10.42
N GLY C 189 23.39 3.23 9.95
CA GLY C 189 24.00 4.50 10.37
C GLY C 189 24.96 4.36 11.54
N SER C 190 25.36 5.51 12.08
CA SER C 190 26.57 5.64 12.93
CA SER C 190 26.58 5.63 12.93
C SER C 190 26.27 6.32 14.26
N THR C 191 25.01 6.58 14.55
CA THR C 191 24.60 6.89 15.95
C THR C 191 24.83 5.63 16.78
N ILE C 192 24.88 5.76 18.09
CA ILE C 192 24.97 4.58 19.00
C ILE C 192 23.80 3.65 18.71
N GLY C 193 22.60 4.19 18.55
CA GLY C 193 21.39 3.41 18.23
C GLY C 193 21.50 2.72 16.88
N GLY C 194 21.85 3.49 15.85
CA GLY C 194 21.97 2.98 14.46
C GLY C 194 23.09 1.96 14.32
N ALA C 195 24.23 2.19 14.96
CA ALA C 195 25.38 1.27 14.95
C ALA C 195 25.02 -0.03 15.67
N SER C 196 24.18 0.05 16.71
CA SER C 196 23.72 -1.13 17.49
C SER C 196 22.80 -2.01 16.65
N LEU C 197 21.88 -1.38 15.91
CA LEU C 197 20.88 -2.07 15.04
C LEU C 197 21.57 -2.60 13.79
N GLY C 198 22.50 -1.84 13.24
CA GLY C 198 23.45 -2.34 12.22
C GLY C 198 24.17 -3.58 12.70
N GLY C 199 24.72 -4.36 11.78
CA GLY C 199 25.40 -5.62 12.08
C GLY C 199 26.85 -5.62 11.65
N MET C 200 27.53 -4.48 11.77
CA MET C 200 28.97 -4.35 11.49
C MET C 200 29.75 -4.52 12.80
N LYS C 201 30.40 -5.67 12.98
N LYS C 201 30.40 -5.66 12.97
CA LYS C 201 31.16 -5.97 14.21
CA LYS C 201 31.17 -5.97 14.21
C LYS C 201 32.27 -4.91 14.40
C LYS C 201 32.27 -4.92 14.40
N TYR C 202 32.87 -4.43 13.31
CA TYR C 202 33.92 -3.38 13.36
C TYR C 202 33.37 -2.09 13.98
N MET C 203 32.05 -1.88 13.94
CA MET C 203 31.38 -0.72 14.58
C MET C 203 31.00 -1.05 16.03
N HIS C 204 30.50 -2.26 16.27
CA HIS C 204 30.07 -2.73 17.61
C HIS C 204 31.24 -2.61 18.60
N GLU C 205 32.45 -2.92 18.16
CA GLU C 205 33.66 -2.99 19.02
C GLU C 205 34.16 -1.57 19.37
N GLN C 206 33.53 -0.53 18.82
CA GLN C 206 33.88 0.90 19.12
C GLN C 206 32.65 1.59 19.73
N GLY C 207 32.56 1.58 21.06
CA GLY C 207 31.45 2.20 21.81
C GLY C 207 30.72 1.22 22.71
N ASP C 208 31.14 -0.05 22.74
CA ASP C 208 30.54 -1.14 23.58
C ASP C 208 29.10 -1.40 23.11
N LEU C 209 28.91 -1.65 21.81
CA LEU C 209 27.59 -1.90 21.20
C LEU C 209 27.45 -3.38 20.88
N PRO C 210 26.23 -3.92 20.67
CA PRO C 210 24.99 -3.14 20.72
C PRO C 210 24.45 -2.82 22.11
N ILE C 211 23.67 -1.74 22.17
CA ILE C 211 22.87 -1.37 23.35
C ILE C 211 21.82 -2.44 23.59
N PRO C 212 21.18 -2.47 24.79
CA PRO C 212 20.17 -3.48 25.08
C PRO C 212 18.96 -3.44 24.13
N GLY C 213 18.26 -4.56 24.01
CA GLY C 213 17.03 -4.61 23.21
C GLY C 213 17.38 -4.57 21.74
N MET C 214 18.51 -5.15 21.39
CA MET C 214 18.93 -5.29 19.97
C MET C 214 19.36 -6.74 19.75
N ALA C 215 18.97 -7.31 18.62
CA ALA C 215 19.35 -8.70 18.26
C ALA C 215 19.62 -8.75 16.77
N HIS C 216 20.28 -9.81 16.31
CA HIS C 216 20.73 -9.89 14.91
C HIS C 216 20.59 -11.31 14.40
N ILE C 217 20.16 -11.41 13.14
CA ILE C 217 20.10 -12.70 12.41
C ILE C 217 21.07 -12.63 11.24
N GLU C 218 21.40 -13.78 10.67
CA GLU C 218 22.35 -13.83 9.52
C GLU C 218 21.71 -13.13 8.31
N GLN C 219 22.54 -12.61 7.42
CA GLN C 219 22.11 -11.92 6.18
C GLN C 219 21.77 -12.92 5.08
N PRO C 220 20.82 -12.59 4.19
CA PRO C 220 20.42 -13.46 3.08
C PRO C 220 21.42 -13.37 1.92
N TRP C 221 22.67 -13.77 2.21
CA TRP C 221 23.80 -13.76 1.25
C TRP C 221 23.95 -15.17 0.66
N TRP C 222 23.30 -15.42 -0.47
CA TRP C 222 23.19 -16.77 -1.06
C TRP C 222 24.59 -17.30 -1.43
N TYR C 223 25.45 -16.46 -1.97
CA TYR C 223 26.76 -16.93 -2.50
C TYR C 223 27.53 -17.69 -1.41
N LYS C 224 27.49 -17.17 -0.17
CA LYS C 224 28.24 -17.73 1.00
CA LYS C 224 28.24 -17.73 1.00
C LYS C 224 27.39 -18.78 1.74
N HIS C 225 26.11 -18.50 1.98
CA HIS C 225 25.27 -19.28 2.94
C HIS C 225 24.31 -20.24 2.22
N GLY C 226 24.26 -20.22 0.89
CA GLY C 226 23.22 -20.90 0.10
C GLY C 226 23.38 -22.41 0.05
N LYS C 227 24.57 -22.93 0.36
CA LYS C 227 24.87 -24.39 0.26
C LYS C 227 24.37 -24.90 -1.09
N ASP C 228 23.54 -25.94 -1.11
CA ASP C 228 23.01 -26.55 -2.37
CA ASP C 228 22.98 -26.59 -2.33
C ASP C 228 21.54 -26.13 -2.57
N MET C 229 21.08 -25.10 -1.85
CA MET C 229 19.74 -24.50 -2.09
C MET C 229 19.80 -23.58 -3.32
N THR C 230 18.70 -23.51 -4.06
CA THR C 230 18.45 -22.45 -5.06
C THR C 230 18.29 -21.14 -4.30
N PRO C 231 18.54 -19.99 -4.94
CA PRO C 231 18.26 -18.70 -4.30
C PRO C 231 16.86 -18.64 -3.66
N ASP C 232 15.83 -19.09 -4.39
CA ASP C 232 14.42 -19.03 -3.89
C ASP C 232 14.28 -19.94 -2.67
N GLU C 233 14.85 -21.14 -2.69
CA GLU C 233 14.82 -22.02 -1.50
C GLU C 233 15.53 -21.32 -0.34
N PHE C 234 16.67 -20.72 -0.62
CA PHE C 234 17.53 -20.06 0.39
C PHE C 234 16.80 -18.85 0.99
N GLY C 235 16.04 -18.13 0.17
CA GLY C 235 15.30 -16.93 0.60
C GLY C 235 14.33 -17.28 1.72
N VAL C 236 13.64 -18.40 1.58
CA VAL C 236 12.68 -18.88 2.61
C VAL C 236 13.45 -19.21 3.89
N VAL C 237 14.57 -19.93 3.77
CA VAL C 237 15.39 -20.35 4.94
C VAL C 237 15.96 -19.11 5.64
N ALA C 238 16.47 -18.15 4.89
CA ALA C 238 17.10 -16.93 5.44
C ALA C 238 16.04 -16.07 6.16
N ALA C 239 14.83 -16.00 5.62
CA ALA C 239 13.70 -15.27 6.26
C ALA C 239 13.28 -15.99 7.55
N ARG C 240 13.24 -17.32 7.54
CA ARG C 240 12.82 -18.08 8.74
C ARG C 240 13.81 -17.91 9.89
N TRP C 241 15.05 -17.48 9.62
CA TRP C 241 15.99 -17.13 10.70
C TRP C 241 15.35 -16.06 11.61
N LEU C 242 14.53 -15.17 11.04
CA LEU C 242 13.81 -14.17 11.84
C LEU C 242 12.80 -14.86 12.77
N GLU C 243 12.00 -15.80 12.27
CA GLU C 243 11.01 -16.53 13.11
C GLU C 243 11.75 -17.26 14.22
N GLU C 244 12.88 -17.91 13.91
CA GLU C 244 13.69 -18.63 14.92
C GLU C 244 14.13 -17.65 16.01
N LYS C 245 14.64 -16.50 15.63
CA LYS C 245 15.15 -15.49 16.59
C LYS C 245 13.98 -14.95 17.44
N ILE C 246 12.84 -14.67 16.82
CA ILE C 246 11.63 -14.16 17.54
C ILE C 246 11.21 -15.19 18.59
N LEU C 247 11.17 -16.47 18.24
CA LEU C 247 10.73 -17.52 19.19
C LEU C 247 11.77 -17.71 20.30
N GLU C 248 13.06 -17.51 19.99
CA GLU C 248 14.15 -17.58 21.00
C GLU C 248 13.99 -16.46 22.03
N ILE C 249 13.77 -15.23 21.58
CA ILE C 249 13.63 -14.03 22.45
C ILE C 249 12.28 -14.10 23.17
N GLY C 250 11.23 -14.51 22.46
CA GLY C 250 9.82 -14.38 22.88
C GLY C 250 9.18 -13.22 22.13
N ALA C 251 8.14 -13.49 21.35
CA ALA C 251 7.44 -12.48 20.52
C ALA C 251 6.99 -11.31 21.40
N ASP C 252 6.62 -11.57 22.65
CA ASP C 252 6.13 -10.51 23.56
C ASP C 252 7.23 -9.48 23.84
N LYS C 253 8.50 -9.79 23.57
CA LYS C 253 9.63 -8.87 23.85
CA LYS C 253 9.63 -8.87 23.85
C LYS C 253 10.15 -8.22 22.56
N VAL C 254 9.59 -8.58 21.41
CA VAL C 254 10.12 -8.13 20.09
C VAL C 254 9.25 -7.00 19.57
N ALA C 255 9.83 -5.82 19.40
CA ALA C 255 9.17 -4.59 18.93
C ALA C 255 9.13 -4.53 17.40
N ALA C 256 10.23 -4.88 16.74
CA ALA C 256 10.37 -4.65 15.29
C ALA C 256 11.49 -5.47 14.67
N PHE C 257 11.34 -5.73 13.37
CA PHE C 257 12.42 -6.14 12.46
C PHE C 257 12.71 -4.96 11.55
N VAL C 258 13.98 -4.64 11.37
CA VAL C 258 14.45 -3.51 10.53
C VAL C 258 15.40 -4.07 9.49
N GLY C 259 15.18 -3.71 8.22
CA GLY C 259 16.13 -4.07 7.16
C GLY C 259 16.12 -3.11 5.99
N GLU C 260 17.30 -2.92 5.42
CA GLU C 260 17.49 -2.34 4.08
C GLU C 260 16.92 -3.31 3.04
N PRO C 261 16.06 -2.86 2.11
CA PRO C 261 15.53 -3.76 1.09
C PRO C 261 16.67 -4.50 0.37
N ILE C 262 17.67 -3.74 -0.04
CA ILE C 262 19.00 -4.20 -0.51
C ILE C 262 20.03 -3.66 0.48
N GLN C 263 20.86 -4.53 1.04
CA GLN C 263 21.96 -4.11 1.93
C GLN C 263 22.98 -3.31 1.12
N GLY C 264 23.20 -2.04 1.51
CA GLY C 264 24.05 -1.10 0.77
C GLY C 264 25.52 -1.26 1.11
N ALA C 265 25.91 -0.69 2.25
CA ALA C 265 27.32 -0.66 2.73
C ALA C 265 27.84 -2.08 2.93
N GLY C 266 26.94 -3.05 3.16
CA GLY C 266 27.29 -4.49 3.27
C GLY C 266 27.75 -5.09 1.94
N GLY C 267 27.47 -4.44 0.80
CA GLY C 267 27.95 -4.85 -0.54
C GLY C 267 26.84 -5.14 -1.55
N VAL C 268 25.72 -4.39 -1.51
CA VAL C 268 24.58 -4.57 -2.45
C VAL C 268 24.18 -6.05 -2.42
N ILE C 269 23.82 -6.52 -1.22
CA ILE C 269 23.30 -7.89 -1.03
C ILE C 269 21.83 -7.84 -1.43
N VAL C 270 21.52 -8.44 -2.58
CA VAL C 270 20.17 -8.48 -3.16
C VAL C 270 19.55 -9.80 -2.71
N PRO C 271 18.53 -9.78 -1.84
CA PRO C 271 17.97 -11.02 -1.37
C PRO C 271 17.18 -11.70 -2.49
N PRO C 272 16.97 -13.03 -2.39
CA PRO C 272 16.06 -13.71 -3.31
C PRO C 272 14.62 -13.16 -3.26
N ALA C 273 13.84 -13.43 -4.31
CA ALA C 273 12.47 -12.95 -4.48
C ALA C 273 11.58 -13.46 -3.35
N THR C 274 11.92 -14.62 -2.78
CA THR C 274 11.11 -15.29 -1.73
C THR C 274 11.39 -14.69 -0.35
N TYR C 275 12.45 -13.90 -0.19
CA TYR C 275 12.87 -13.41 1.16
C TYR C 275 11.86 -12.45 1.81
N TRP C 276 11.64 -11.28 1.22
CA TRP C 276 10.84 -10.21 1.89
C TRP C 276 9.40 -10.66 2.14
N PRO C 277 8.72 -11.38 1.22
CA PRO C 277 7.38 -11.88 1.52
C PRO C 277 7.32 -12.74 2.79
N GLU C 278 8.35 -13.56 3.01
CA GLU C 278 8.43 -14.45 4.19
C GLU C 278 8.74 -13.60 5.42
N ILE C 279 9.66 -12.65 5.32
CA ILE C 279 9.96 -11.72 6.44
C ILE C 279 8.65 -11.04 6.86
N GLU C 280 7.87 -10.57 5.89
CA GLU C 280 6.63 -9.80 6.21
C GLU C 280 5.61 -10.74 6.86
N ARG C 281 5.43 -11.94 6.32
CA ARG C 281 4.50 -12.95 6.91
C ARG C 281 4.86 -13.16 8.39
N ILE C 282 6.15 -13.37 8.66
CA ILE C 282 6.65 -13.65 10.03
C ILE C 282 6.37 -12.44 10.93
N CYS C 283 6.72 -11.23 10.51
CA CYS C 283 6.47 -10.03 11.34
C CYS C 283 4.99 -9.95 11.69
N ARG C 284 4.10 -10.13 10.72
CA ARG C 284 2.64 -9.94 10.97
C ARG C 284 2.16 -11.06 11.90
N LYS C 285 2.67 -12.28 11.71
CA LYS C 285 2.24 -13.44 12.53
C LYS C 285 2.50 -13.15 14.02
N TYR C 286 3.63 -12.52 14.34
CA TYR C 286 4.11 -12.37 15.75
C TYR C 286 3.85 -10.97 16.29
N ASP C 287 3.09 -10.16 15.56
CA ASP C 287 2.74 -8.77 15.92
C ASP C 287 4.01 -7.96 16.21
N VAL C 288 4.93 -8.04 15.26
CA VAL C 288 6.22 -7.31 15.28
C VAL C 288 6.12 -6.25 14.19
N LEU C 289 6.57 -5.02 14.47
CA LEU C 289 6.56 -3.94 13.45
C LEU C 289 7.61 -4.28 12.41
N LEU C 290 7.37 -3.83 11.18
CA LEU C 290 8.25 -4.07 10.02
C LEU C 290 8.74 -2.70 9.57
N VAL C 291 10.05 -2.52 9.52
CA VAL C 291 10.66 -1.22 9.19
C VAL C 291 11.61 -1.42 8.01
N ALA C 292 11.42 -0.65 6.95
CA ALA C 292 12.38 -0.55 5.83
C ALA C 292 13.34 0.59 6.14
N ASP C 293 14.64 0.31 6.00
CA ASP C 293 15.63 1.39 5.96
C ASP C 293 15.83 1.75 4.49
N GLU C 294 15.24 2.87 4.07
CA GLU C 294 15.25 3.34 2.66
C GLU C 294 16.31 4.41 2.43
N VAL C 295 17.31 4.53 3.31
CA VAL C 295 18.24 5.68 3.21
C VAL C 295 19.00 5.58 1.88
N ILE C 296 19.35 4.39 1.40
CA ILE C 296 19.97 4.22 0.04
C ILE C 296 18.91 3.93 -1.02
N CYS C 297 18.03 2.96 -0.77
CA CYS C 297 17.06 2.49 -1.78
C CYS C 297 16.02 3.57 -2.09
N GLY C 298 15.88 4.58 -1.24
CA GLY C 298 14.79 5.56 -1.36
C GLY C 298 15.04 6.57 -2.48
N PHE C 299 13.98 7.20 -2.96
CA PHE C 299 14.00 8.29 -3.97
C PHE C 299 14.62 7.78 -5.28
N GLY C 300 14.21 6.58 -5.69
CA GLY C 300 14.21 6.12 -7.08
C GLY C 300 15.33 5.13 -7.40
N ARG C 301 16.16 4.77 -6.43
CA ARG C 301 17.39 3.95 -6.69
C ARG C 301 17.06 2.62 -7.39
N THR C 302 15.96 1.94 -7.07
CA THR C 302 15.57 0.63 -7.64
C THR C 302 14.69 0.77 -8.87
N GLY C 303 14.27 2.00 -9.19
CA GLY C 303 13.27 2.28 -10.25
C GLY C 303 11.91 2.51 -9.65
N GLU C 304 11.63 1.91 -8.50
CA GLU C 304 10.49 2.32 -7.65
C GLU C 304 10.91 3.55 -6.86
N TRP C 305 9.96 4.32 -6.34
CA TRP C 305 10.30 5.43 -5.41
C TRP C 305 11.08 4.86 -4.22
N PHE C 306 10.70 3.68 -3.72
CA PHE C 306 11.26 3.09 -2.48
C PHE C 306 11.54 1.60 -2.73
N GLY C 307 12.61 1.10 -2.13
CA GLY C 307 13.04 -0.30 -2.30
C GLY C 307 11.99 -1.29 -1.85
N HIS C 308 11.21 -0.96 -0.80
CA HIS C 308 10.20 -1.91 -0.28
C HIS C 308 9.12 -2.12 -1.33
N GLN C 309 8.88 -1.12 -2.20
CA GLN C 309 7.87 -1.24 -3.29
C GLN C 309 8.37 -2.27 -4.30
N HIS C 310 9.66 -2.24 -4.62
CA HIS C 310 10.25 -3.20 -5.58
C HIS C 310 10.12 -4.63 -5.03
N PHE C 311 10.44 -4.85 -3.76
CA PHE C 311 10.45 -6.19 -3.12
C PHE C 311 9.08 -6.59 -2.61
N GLY C 312 8.11 -5.68 -2.65
CA GLY C 312 6.69 -5.99 -2.42
C GLY C 312 6.36 -6.23 -0.97
N PHE C 313 6.91 -5.43 -0.05
CA PHE C 313 6.50 -5.46 1.37
C PHE C 313 6.02 -4.08 1.82
N GLN C 314 5.19 -4.09 2.86
CA GLN C 314 4.46 -2.89 3.34
C GLN C 314 4.91 -2.58 4.77
N PRO C 315 6.00 -1.81 4.94
CA PRO C 315 6.53 -1.47 6.27
C PRO C 315 5.59 -0.50 7.01
N ASP C 316 5.70 -0.46 8.35
CA ASP C 316 4.93 0.43 9.25
C ASP C 316 5.60 1.80 9.34
N LEU C 317 6.92 1.81 9.12
CA LEU C 317 7.78 3.02 9.13
CA LEU C 317 7.82 3.00 9.17
C LEU C 317 8.89 2.79 8.10
N PHE C 318 9.42 3.85 7.56
CA PHE C 318 10.69 3.75 6.81
C PHE C 318 11.50 5.02 7.06
N THR C 319 12.81 4.82 7.08
CA THR C 319 13.84 5.86 7.30
C THR C 319 14.40 6.31 5.96
N ALA C 320 14.71 7.59 5.85
CA ALA C 320 15.14 8.21 4.58
C ALA C 320 16.17 9.28 4.86
N ALA C 321 17.05 9.49 3.88
CA ALA C 321 17.96 10.65 3.78
C ALA C 321 18.52 10.65 2.36
N LYS C 322 19.80 10.98 2.19
CA LYS C 322 20.53 10.80 0.90
CA LYS C 322 20.53 10.80 0.90
C LYS C 322 19.69 11.39 -0.24
N GLY C 323 19.05 10.54 -1.05
CA GLY C 323 18.28 10.92 -2.25
C GLY C 323 17.17 11.92 -1.95
N LEU C 324 16.71 12.00 -0.69
CA LEU C 324 15.64 12.96 -0.28
C LEU C 324 15.98 14.36 -0.79
N SER C 325 17.24 14.79 -0.68
CA SER C 325 17.73 16.09 -1.17
C SER C 325 18.81 15.93 -2.25
N SER C 326 19.02 14.72 -2.79
CA SER C 326 20.18 14.36 -3.64
C SER C 326 21.49 14.80 -2.99
N GLY C 327 21.56 14.80 -1.66
CA GLY C 327 22.75 15.24 -0.90
C GLY C 327 23.05 16.72 -0.98
N TYR C 328 22.19 17.55 -1.57
CA TYR C 328 22.48 18.99 -1.80
C TYR C 328 22.49 19.75 -0.47
N LEU C 329 21.65 19.33 0.47
CA LEU C 329 21.75 19.76 1.89
C LEU C 329 21.40 18.59 2.80
N PRO C 330 21.92 18.59 4.04
CA PRO C 330 21.57 17.54 5.01
C PRO C 330 20.11 17.60 5.46
N ILE C 331 19.39 16.51 5.21
CA ILE C 331 18.00 16.32 5.70
C ILE C 331 17.72 14.82 5.68
N GLY C 332 17.05 14.34 6.70
CA GLY C 332 16.50 12.98 6.74
C GLY C 332 15.08 13.01 7.22
N ALA C 333 14.42 11.86 7.20
CA ALA C 333 13.02 11.77 7.62
C ALA C 333 12.70 10.37 8.09
N VAL C 334 11.73 10.29 9.01
CA VAL C 334 10.98 9.05 9.28
C VAL C 334 9.59 9.23 8.70
N PHE C 335 9.24 8.39 7.73
CA PHE C 335 7.90 8.26 7.15
C PHE C 335 7.12 7.31 8.04
N VAL C 336 6.06 7.82 8.67
CA VAL C 336 5.31 7.08 9.72
C VAL C 336 3.96 6.67 9.15
N GLY C 337 3.71 5.37 9.10
CA GLY C 337 2.46 4.77 8.62
C GLY C 337 1.34 5.10 9.58
N LYS C 338 0.11 4.87 9.15
CA LYS C 338 -1.15 5.20 9.88
C LYS C 338 -1.13 4.57 11.27
N ARG C 339 -0.78 3.29 11.38
CA ARG C 339 -0.87 2.52 12.66
C ARG C 339 0.04 3.19 13.70
N VAL C 340 1.32 3.38 13.37
CA VAL C 340 2.31 3.88 14.36
C VAL C 340 2.04 5.37 14.60
N ALA C 341 1.64 6.14 13.57
CA ALA C 341 1.38 7.59 13.73
C ALA C 341 0.23 7.80 14.73
N GLU C 342 -0.83 7.01 14.63
CA GLU C 342 -2.01 7.12 15.53
CA GLU C 342 -2.01 7.11 15.53
C GLU C 342 -1.56 6.76 16.96
N GLY C 343 -0.71 5.74 17.09
CA GLY C 343 -0.17 5.34 18.40
C GLY C 343 0.67 6.42 19.03
N LEU C 344 1.54 7.06 18.26
CA LEU C 344 2.41 8.15 18.77
C LEU C 344 1.56 9.35 19.17
N ILE C 345 0.58 9.70 18.33
CA ILE C 345 -0.27 10.90 18.57
C ILE C 345 -1.14 10.65 19.80
N ALA C 346 -1.58 9.41 20.02
CA ALA C 346 -2.32 8.98 21.22
C ALA C 346 -1.46 9.13 22.49
N GLY C 347 -0.12 9.20 22.36
CA GLY C 347 0.81 9.18 23.50
C GLY C 347 1.23 10.56 24.00
N GLY C 348 0.56 11.63 23.57
CA GLY C 348 0.85 13.00 24.02
C GLY C 348 2.22 13.47 23.56
N ASP C 349 3.07 13.91 24.50
CA ASP C 349 4.40 14.50 24.22
C ASP C 349 5.31 13.41 23.60
N PHE C 350 5.99 13.72 22.50
CA PHE C 350 7.13 12.91 21.98
C PHE C 350 8.39 13.73 22.26
N ASN C 351 9.12 13.33 23.30
CA ASN C 351 10.26 14.09 23.87
C ASN C 351 11.51 13.74 23.06
N HIS C 352 11.49 14.16 21.79
CA HIS C 352 12.49 13.79 20.76
C HIS C 352 12.54 14.86 19.67
N GLY C 353 13.73 15.10 19.13
CA GLY C 353 13.94 15.97 17.96
C GLY C 353 15.22 16.76 18.04
N PHE C 354 15.56 17.41 16.93
CA PHE C 354 16.86 18.08 16.70
C PHE C 354 16.59 19.56 16.39
N THR C 355 17.48 20.42 16.86
CA THR C 355 17.41 21.89 16.65
C THR C 355 17.04 22.16 15.19
N TYR C 356 17.69 21.47 14.25
CA TYR C 356 17.57 21.73 12.79
C TYR C 356 16.53 20.83 12.13
N SER C 357 15.74 20.06 12.90
CA SER C 357 14.57 19.31 12.38
C SER C 357 13.69 20.28 11.58
N GLY C 358 13.46 19.97 10.31
CA GLY C 358 12.56 20.74 9.42
C GLY C 358 13.22 21.98 8.88
N HIS C 359 14.54 22.08 8.98
CA HIS C 359 15.33 23.28 8.61
C HIS C 359 14.77 23.87 7.32
N PRO C 360 14.36 25.15 7.31
CA PRO C 360 13.72 25.74 6.14
C PRO C 360 14.50 25.58 4.84
N VAL C 361 15.81 25.83 4.88
CA VAL C 361 16.65 25.88 3.67
C VAL C 361 16.83 24.44 3.15
N CYS C 362 17.11 23.49 4.03
CA CYS C 362 17.19 22.06 3.67
C CYS C 362 15.84 21.57 3.11
N ALA C 363 14.73 22.02 3.71
CA ALA C 363 13.37 21.66 3.27
C ALA C 363 13.11 22.24 1.88
N ALA C 364 13.54 23.47 1.61
CA ALA C 364 13.35 24.15 0.31
C ALA C 364 14.08 23.38 -0.79
N VAL C 365 15.30 22.93 -0.49
CA VAL C 365 16.14 22.17 -1.46
C VAL C 365 15.55 20.76 -1.65
N ALA C 366 15.18 20.06 -0.57
CA ALA C 366 14.54 18.73 -0.69
C ALA C 366 13.29 18.84 -1.57
N HIS C 367 12.53 19.93 -1.43
CA HIS C 367 11.27 20.13 -2.20
C HIS C 367 11.61 20.19 -3.69
N ALA C 368 12.59 21.02 -4.05
CA ALA C 368 13.09 21.17 -5.44
C ALA C 368 13.53 19.80 -5.98
N ASN C 369 14.26 19.06 -5.15
CA ASN C 369 14.79 17.72 -5.51
C ASN C 369 13.65 16.74 -5.77
N VAL C 370 12.69 16.63 -4.86
CA VAL C 370 11.59 15.64 -5.00
C VAL C 370 10.72 16.03 -6.20
N ALA C 371 10.44 17.32 -6.38
CA ALA C 371 9.63 17.80 -7.53
C ALA C 371 10.36 17.45 -8.84
N ALA C 372 11.68 17.56 -8.86
CA ALA C 372 12.50 17.23 -10.06
C ALA C 372 12.40 15.73 -10.34
N LEU C 373 12.59 14.91 -9.30
CA LEU C 373 12.55 13.43 -9.44
C LEU C 373 11.21 13.02 -10.07
N ARG C 374 10.10 13.65 -9.67
CA ARG C 374 8.76 13.35 -10.23
C ARG C 374 8.61 14.05 -11.61
N ASP C 375 8.69 15.38 -11.63
CA ASP C 375 8.18 16.22 -12.75
C ASP C 375 9.06 16.06 -14.00
N GLU C 376 10.35 15.80 -13.81
CA GLU C 376 11.31 15.60 -14.93
C GLU C 376 11.38 14.11 -15.32
N GLY C 377 10.60 13.24 -14.66
CA GLY C 377 10.42 11.83 -15.05
C GLY C 377 11.64 10.98 -14.72
N ILE C 378 12.48 11.44 -13.80
CA ILE C 378 13.79 10.80 -13.45
C ILE C 378 13.54 9.41 -12.85
N VAL C 379 12.61 9.26 -11.91
CA VAL C 379 12.34 7.95 -11.27
C VAL C 379 11.72 7.00 -12.30
N GLN C 380 10.74 7.49 -13.08
CA GLN C 380 10.05 6.72 -14.13
C GLN C 380 11.09 6.20 -15.13
N ARG C 381 12.06 7.05 -15.45
CA ARG C 381 13.14 6.73 -16.42
C ARG C 381 14.00 5.60 -15.86
N VAL C 382 14.25 5.55 -14.56
CA VAL C 382 15.01 4.42 -13.97
C VAL C 382 14.20 3.14 -14.21
N LYS C 383 12.90 3.16 -13.94
CA LYS C 383 12.06 1.94 -14.03
CA LYS C 383 12.06 1.94 -14.03
C LYS C 383 12.00 1.42 -15.47
N ASP C 384 11.75 2.30 -16.45
CA ASP C 384 11.34 1.91 -17.82
CA ASP C 384 11.36 1.85 -17.81
C ASP C 384 12.51 1.97 -18.82
N ASP C 385 13.56 2.71 -18.50
CA ASP C 385 14.59 3.06 -19.53
C ASP C 385 16.00 2.73 -19.05
N ILE C 386 16.60 3.59 -18.23
CA ILE C 386 18.05 3.48 -17.88
C ILE C 386 18.29 2.30 -16.95
N GLY C 387 17.33 1.95 -16.08
CA GLY C 387 17.49 0.80 -15.18
C GLY C 387 17.70 -0.48 -15.98
N PRO C 388 16.72 -0.88 -16.83
CA PRO C 388 16.89 -2.09 -17.63
C PRO C 388 18.15 -2.07 -18.51
N TYR C 389 18.52 -0.91 -19.04
CA TYR C 389 19.76 -0.75 -19.86
C TYR C 389 20.98 -1.04 -18.99
N MET C 390 21.08 -0.36 -17.83
CA MET C 390 22.18 -0.56 -16.86
C MET C 390 22.28 -2.05 -16.52
N GLN C 391 21.17 -2.68 -16.18
CA GLN C 391 21.18 -4.06 -15.63
C GLN C 391 21.63 -5.03 -16.73
N LYS C 392 21.16 -4.85 -17.97
CA LYS C 392 21.56 -5.69 -19.13
C LYS C 392 23.06 -5.50 -19.40
N ARG C 393 23.50 -4.25 -19.49
CA ARG C 393 24.90 -3.90 -19.84
C ARG C 393 25.83 -4.35 -18.72
N TRP C 394 25.41 -4.19 -17.48
CA TRP C 394 26.20 -4.67 -16.31
C TRP C 394 26.48 -6.16 -16.45
N ARG C 395 25.45 -6.95 -16.72
CA ARG C 395 25.56 -8.43 -16.84
C ARG C 395 26.40 -8.80 -18.08
N GLU C 396 26.18 -8.13 -19.21
CA GLU C 396 26.97 -8.32 -20.46
C GLU C 396 28.46 -8.11 -20.18
N THR C 397 28.81 -7.06 -19.43
CA THR C 397 30.21 -6.63 -19.20
C THR C 397 30.95 -7.58 -18.26
N PHE C 398 30.35 -7.97 -17.11
CA PHE C 398 31.12 -8.57 -15.98
C PHE C 398 31.01 -10.10 -15.93
N SER C 399 30.06 -10.70 -16.63
CA SER C 399 29.75 -12.15 -16.48
CA SER C 399 29.74 -12.16 -16.53
C SER C 399 30.94 -13.02 -16.95
N ARG C 400 31.74 -12.55 -17.91
CA ARG C 400 32.78 -13.39 -18.56
C ARG C 400 34.03 -13.55 -17.70
N PHE C 401 34.24 -12.71 -16.68
CA PHE C 401 35.53 -12.67 -15.93
C PHE C 401 35.67 -13.90 -15.03
N GLU C 402 36.87 -14.49 -15.02
CA GLU C 402 37.20 -15.71 -14.28
C GLU C 402 37.04 -15.48 -12.77
N HIS C 403 37.36 -14.29 -12.28
CA HIS C 403 37.38 -13.99 -10.83
C HIS C 403 36.25 -13.03 -10.45
N VAL C 404 35.20 -12.94 -11.28
CA VAL C 404 33.95 -12.18 -10.97
C VAL C 404 32.76 -13.12 -10.90
N ASP C 405 31.93 -12.99 -9.87
CA ASP C 405 30.72 -13.82 -9.76
C ASP C 405 29.61 -13.02 -9.06
N ASP C 406 28.41 -13.59 -9.09
CA ASP C 406 27.22 -13.02 -8.42
C ASP C 406 26.97 -11.63 -8.99
N VAL C 407 27.00 -11.52 -10.31
CA VAL C 407 26.71 -10.23 -11.01
C VAL C 407 25.23 -9.96 -10.76
N ARG C 408 24.90 -8.77 -10.29
CA ARG C 408 23.58 -8.52 -9.66
C ARG C 408 23.25 -7.03 -9.71
N GLY C 409 21.98 -6.73 -9.47
CA GLY C 409 21.51 -5.34 -9.44
C GLY C 409 20.06 -5.21 -9.85
N VAL C 410 19.51 -4.08 -9.45
CA VAL C 410 18.11 -3.63 -9.71
CA VAL C 410 18.15 -3.65 -9.90
C VAL C 410 18.17 -2.13 -10.02
N GLY C 411 17.48 -1.64 -11.06
CA GLY C 411 17.38 -0.20 -11.33
C GLY C 411 18.73 0.42 -11.55
N MET C 412 19.22 1.24 -10.61
CA MET C 412 20.56 1.88 -10.75
C MET C 412 21.45 1.55 -9.54
N VAL C 413 21.20 0.43 -8.88
CA VAL C 413 22.17 -0.14 -7.90
C VAL C 413 22.60 -1.52 -8.43
N GLN C 414 23.90 -1.72 -8.54
CA GLN C 414 24.43 -2.98 -9.12
C GLN C 414 25.78 -3.31 -8.51
N ALA C 415 26.15 -4.57 -8.63
CA ALA C 415 27.37 -5.07 -7.96
C ALA C 415 27.84 -6.40 -8.55
N PHE C 416 28.98 -6.84 -8.05
CA PHE C 416 29.49 -8.22 -8.26
C PHE C 416 30.46 -8.52 -7.13
N THR C 417 30.91 -9.76 -7.05
CA THR C 417 31.90 -10.18 -6.06
C THR C 417 33.15 -10.72 -6.77
N LEU C 418 34.32 -10.28 -6.33
CA LEU C 418 35.62 -10.83 -6.71
C LEU C 418 35.80 -12.13 -5.93
N VAL C 419 36.06 -13.23 -6.64
CA VAL C 419 36.11 -14.60 -6.05
C VAL C 419 37.38 -15.30 -6.52
N LYS C 420 37.93 -16.17 -5.68
CA LYS C 420 39.13 -16.98 -5.99
CA LYS C 420 39.13 -16.99 -5.99
C LYS C 420 38.76 -18.03 -7.06
N ASN C 421 37.58 -18.64 -6.91
CA ASN C 421 37.16 -19.76 -7.78
C ASN C 421 35.62 -19.80 -7.86
N LYS C 422 35.07 -19.50 -9.04
CA LYS C 422 33.61 -19.46 -9.29
C LYS C 422 33.00 -20.84 -9.06
N ALA C 423 33.61 -21.90 -9.61
CA ALA C 423 33.06 -23.27 -9.61
C ALA C 423 32.87 -23.76 -8.17
N LYS C 424 33.70 -23.29 -7.23
CA LYS C 424 33.68 -23.71 -5.81
C LYS C 424 32.94 -22.68 -4.95
N ARG C 425 32.52 -21.55 -5.53
CA ARG C 425 32.02 -20.37 -4.79
C ARG C 425 33.02 -20.04 -3.66
N GLU C 426 34.31 -20.05 -4.01
CA GLU C 426 35.41 -19.85 -3.03
CA GLU C 426 35.41 -19.85 -3.03
C GLU C 426 35.80 -18.36 -3.03
N LEU C 427 35.65 -17.71 -1.88
CA LEU C 427 36.07 -16.30 -1.69
C LEU C 427 37.57 -16.22 -1.44
N PHE C 428 38.15 -15.07 -1.72
CA PHE C 428 39.57 -14.76 -1.41
C PHE C 428 39.72 -14.73 0.11
N PRO C 429 40.91 -15.08 0.64
CA PRO C 429 41.16 -14.93 2.07
C PRO C 429 41.21 -13.44 2.42
N ASP C 430 41.05 -13.11 3.71
CA ASP C 430 41.19 -11.74 4.24
C ASP C 430 40.16 -10.86 3.51
N PHE C 431 38.93 -11.36 3.36
CA PHE C 431 37.83 -10.71 2.58
C PHE C 431 37.93 -9.18 2.77
N GLY C 432 38.16 -8.45 1.68
CA GLY C 432 38.41 -7.00 1.69
C GLY C 432 39.75 -6.62 1.08
N GLU C 433 40.78 -7.45 1.21
CA GLU C 433 42.13 -7.12 0.68
CA GLU C 433 42.13 -7.14 0.69
C GLU C 433 42.07 -7.06 -0.85
N ILE C 434 41.41 -8.03 -1.48
CA ILE C 434 41.34 -8.09 -2.98
CA ILE C 434 41.34 -8.09 -2.98
C ILE C 434 40.42 -6.97 -3.48
N GLY C 435 39.32 -6.70 -2.76
CA GLY C 435 38.42 -5.57 -3.09
C GLY C 435 39.16 -4.25 -3.12
N THR C 436 40.04 -4.03 -2.14
CA THR C 436 40.85 -2.78 -2.00
C THR C 436 41.77 -2.65 -3.21
N LEU C 437 42.44 -3.74 -3.60
CA LEU C 437 43.31 -3.82 -4.80
C LEU C 437 42.50 -3.33 -6.02
N CYS C 438 41.29 -3.84 -6.19
CA CYS C 438 40.45 -3.54 -7.38
C CYS C 438 39.99 -2.07 -7.33
N ARG C 439 39.49 -1.64 -6.19
CA ARG C 439 39.03 -0.25 -5.94
C ARG C 439 40.13 0.75 -6.31
N ASP C 440 41.36 0.47 -5.87
CA ASP C 440 42.52 1.38 -6.08
C ASP C 440 42.80 1.49 -7.59
N ILE C 441 42.63 0.41 -8.35
CA ILE C 441 42.79 0.40 -9.83
C ILE C 441 41.72 1.31 -10.45
N PHE C 442 40.46 1.16 -10.04
CA PHE C 442 39.34 2.02 -10.51
C PHE C 442 39.70 3.50 -10.27
N PHE C 443 40.10 3.82 -9.04
CA PHE C 443 40.35 5.20 -8.56
CA PHE C 443 40.36 5.20 -8.55
C PHE C 443 41.49 5.83 -9.37
N ARG C 444 42.55 5.06 -9.63
CA ARG C 444 43.71 5.47 -10.46
C ARG C 444 43.24 5.79 -11.88
N ASN C 445 42.22 5.07 -12.37
CA ASN C 445 41.64 5.24 -13.72
C ASN C 445 40.44 6.20 -13.67
N ASN C 446 40.34 7.01 -12.62
CA ASN C 446 39.36 8.12 -12.51
C ASN C 446 37.93 7.58 -12.64
N LEU C 447 37.68 6.44 -12.01
CA LEU C 447 36.34 5.83 -11.88
C LEU C 447 36.09 5.56 -10.40
N ILE C 448 34.97 6.06 -9.87
CA ILE C 448 34.57 5.78 -8.46
CA ILE C 448 34.56 5.80 -8.46
C ILE C 448 33.57 4.62 -8.43
N MET C 449 34.04 3.49 -7.93
CA MET C 449 33.19 2.36 -7.52
C MET C 449 33.73 1.90 -6.18
N ARG C 450 32.87 1.45 -5.29
CA ARG C 450 33.24 1.21 -3.88
C ARG C 450 33.49 -0.29 -3.71
N ALA C 451 34.49 -0.65 -2.91
CA ALA C 451 34.68 -2.04 -2.43
C ALA C 451 34.02 -2.16 -1.05
N CYS C 452 33.12 -3.13 -0.90
CA CYS C 452 32.54 -3.56 0.39
C CYS C 452 33.03 -4.98 0.61
N GLY C 453 34.06 -5.14 1.43
CA GLY C 453 34.85 -6.38 1.39
C GLY C 453 35.34 -6.58 -0.04
N ASP C 454 35.07 -7.75 -0.62
CA ASP C 454 35.47 -8.08 -2.01
C ASP C 454 34.27 -7.90 -2.95
N HIS C 455 33.18 -7.33 -2.46
CA HIS C 455 32.06 -6.84 -3.31
C HIS C 455 32.47 -5.53 -3.95
N ILE C 456 32.26 -5.39 -5.26
CA ILE C 456 32.38 -4.10 -5.99
C ILE C 456 30.96 -3.59 -6.26
N VAL C 457 30.68 -2.36 -5.84
CA VAL C 457 29.31 -1.78 -5.91
C VAL C 457 29.34 -0.48 -6.70
N SER C 458 28.20 -0.16 -7.30
CA SER C 458 27.97 1.07 -8.08
C SER C 458 26.55 1.56 -7.82
N ALA C 459 26.41 2.86 -7.67
CA ALA C 459 25.11 3.55 -7.56
C ALA C 459 25.26 4.94 -8.13
N PRO C 460 25.34 5.10 -9.47
CA PRO C 460 25.60 6.41 -10.06
C PRO C 460 24.37 7.30 -10.01
N PRO C 461 24.50 8.60 -10.35
CA PRO C 461 23.32 9.46 -10.44
C PRO C 461 22.27 8.84 -11.35
N LEU C 462 20.99 8.98 -10.98
CA LEU C 462 19.88 8.30 -11.70
C LEU C 462 19.76 8.88 -13.12
N VAL C 463 20.27 10.09 -13.31
CA VAL C 463 20.16 10.86 -14.59
C VAL C 463 21.24 10.41 -15.56
N MET C 464 22.11 9.48 -15.16
CA MET C 464 23.17 8.93 -16.07
C MET C 464 22.54 8.55 -17.41
N THR C 465 23.16 8.94 -18.53
CA THR C 465 22.66 8.55 -19.88
C THR C 465 23.16 7.17 -20.27
N ARG C 466 22.56 6.58 -21.30
CA ARG C 466 23.01 5.30 -21.89
C ARG C 466 24.49 5.42 -22.29
N ALA C 467 24.86 6.53 -22.92
CA ALA C 467 26.24 6.80 -23.35
C ALA C 467 27.15 6.78 -22.12
N GLU C 468 26.69 7.36 -21.01
CA GLU C 468 27.49 7.47 -19.76
C GLU C 468 27.57 6.10 -19.11
N VAL C 469 26.52 5.29 -19.17
CA VAL C 469 26.59 3.89 -18.68
C VAL C 469 27.71 3.17 -19.43
N ASP C 470 27.71 3.26 -20.77
CA ASP C 470 28.70 2.51 -21.59
C ASP C 470 30.11 3.04 -21.33
N GLU C 471 30.27 4.35 -21.16
CA GLU C 471 31.58 5.00 -20.84
CA GLU C 471 31.60 4.96 -20.86
C GLU C 471 32.10 4.41 -19.52
N MET C 472 31.24 4.36 -18.51
CA MET C 472 31.61 3.86 -17.17
C MET C 472 32.00 2.39 -17.23
N LEU C 473 31.22 1.56 -17.92
CA LEU C 473 31.47 0.10 -18.05
C LEU C 473 32.74 -0.15 -18.86
N ALA C 474 33.05 0.67 -19.87
CA ALA C 474 34.29 0.55 -20.66
C ALA C 474 35.51 0.71 -19.73
N VAL C 475 35.50 1.69 -18.84
CA VAL C 475 36.60 1.93 -17.87
C VAL C 475 36.65 0.76 -16.88
N ALA C 476 35.51 0.37 -16.31
CA ALA C 476 35.43 -0.74 -15.34
C ALA C 476 35.98 -2.02 -15.98
N GLU C 477 35.59 -2.31 -17.22
CA GLU C 477 36.01 -3.52 -17.96
C GLU C 477 37.55 -3.54 -18.08
N ARG C 478 38.15 -2.45 -18.54
CA ARG C 478 39.63 -2.35 -18.71
C ARG C 478 40.30 -2.52 -17.35
N CYS C 479 39.70 -1.97 -16.30
CA CYS C 479 40.22 -2.06 -14.92
C CYS C 479 40.21 -3.51 -14.44
N LEU C 480 39.13 -4.26 -14.73
CA LEU C 480 39.01 -5.69 -14.33
CA LEU C 480 39.01 -5.69 -14.33
C LEU C 480 40.05 -6.51 -15.08
N GLU C 481 40.30 -6.19 -16.36
CA GLU C 481 41.34 -6.87 -17.17
C GLU C 481 42.69 -6.69 -16.46
N GLU C 482 43.01 -5.47 -16.02
CA GLU C 482 44.25 -5.17 -15.27
C GLU C 482 44.23 -5.83 -13.89
N PHE C 483 43.09 -5.80 -13.18
CA PHE C 483 42.94 -6.46 -11.86
C PHE C 483 43.35 -7.93 -11.98
N GLU C 484 42.83 -8.62 -12.98
CA GLU C 484 43.04 -10.09 -13.17
CA GLU C 484 43.05 -10.08 -13.15
C GLU C 484 44.52 -10.34 -13.48
N GLN C 485 45.12 -9.48 -14.32
CA GLN C 485 46.56 -9.55 -14.68
C GLN C 485 47.39 -9.49 -13.41
N THR C 486 47.15 -8.51 -12.53
CA THR C 486 47.90 -8.28 -11.27
C THR C 486 47.72 -9.49 -10.35
N LEU C 487 46.48 -9.96 -10.19
CA LEU C 487 46.12 -11.15 -9.39
C LEU C 487 47.03 -12.33 -9.76
N LYS C 488 47.12 -12.65 -11.06
CA LYS C 488 47.89 -13.83 -11.56
C LYS C 488 49.39 -13.55 -11.41
N ALA C 489 49.82 -12.31 -11.66
CA ALA C 489 51.23 -11.85 -11.48
C ALA C 489 51.69 -12.10 -10.04
N ARG C 490 50.82 -11.87 -9.05
CA ARG C 490 51.14 -12.06 -7.61
C ARG C 490 50.89 -13.52 -7.19
N GLY C 491 50.50 -14.39 -8.13
CA GLY C 491 50.19 -15.81 -7.88
C GLY C 491 49.01 -15.99 -6.93
N LEU C 492 48.05 -15.07 -6.96
CA LEU C 492 46.85 -15.06 -6.08
C LEU C 492 45.66 -15.70 -6.81
N ALA C 493 45.77 -15.93 -8.13
CA ALA C 493 44.65 -16.37 -9.02
C ALA C 493 44.44 -17.88 -8.92
N ARG D 39 -0.62 31.19 0.26
CA ARG D 39 -1.30 30.32 1.26
C ARG D 39 -1.69 31.15 2.49
N THR D 40 -2.89 30.92 3.03
CA THR D 40 -3.41 31.59 4.25
C THR D 40 -2.81 30.91 5.50
N THR D 41 -2.93 31.55 6.65
CA THR D 41 -2.55 31.00 7.98
C THR D 41 -3.32 29.69 8.20
N SER D 42 -4.63 29.69 7.96
CA SER D 42 -5.53 28.52 8.13
C SER D 42 -5.03 27.33 7.28
N GLN D 43 -4.63 27.60 6.04
CA GLN D 43 -4.20 26.57 5.05
C GLN D 43 -2.87 25.96 5.50
N TRP D 44 -1.88 26.78 5.85
N TRP D 44 -1.88 26.80 5.82
CA TRP D 44 -0.57 26.32 6.37
CA TRP D 44 -0.58 26.42 6.43
C TRP D 44 -0.77 25.45 7.63
C TRP D 44 -0.82 25.45 7.58
N ARG D 45 -1.68 25.86 8.52
CA ARG D 45 -1.97 25.11 9.78
C ARG D 45 -2.60 23.76 9.45
N GLU D 46 -3.53 23.73 8.50
CA GLU D 46 -4.23 22.48 8.06
C GLU D 46 -3.20 21.49 7.52
N LEU D 47 -2.30 21.94 6.66
CA LEU D 47 -1.24 21.10 6.03
C LEU D 47 -0.24 20.65 7.08
N ASP D 48 0.17 21.56 7.97
CA ASP D 48 1.15 21.23 9.06
C ASP D 48 0.56 20.11 9.93
N ALA D 49 -0.69 20.25 10.36
CA ALA D 49 -1.41 19.28 11.23
C ALA D 49 -1.52 17.93 10.51
N ALA D 50 -1.78 17.95 9.21
CA ALA D 50 -2.06 16.74 8.40
C ALA D 50 -0.76 15.95 8.14
N HIS D 51 0.41 16.60 8.12
CA HIS D 51 1.62 16.00 7.50
C HIS D 51 2.90 16.08 8.35
N HIS D 52 2.96 16.89 9.42
CA HIS D 52 4.25 17.26 10.07
C HIS D 52 4.24 16.81 11.54
N LEU D 53 5.21 15.99 11.94
CA LEU D 53 5.47 15.61 13.36
C LEU D 53 6.64 16.46 13.87
N HIS D 54 6.38 17.27 14.91
CA HIS D 54 7.31 18.29 15.45
C HIS D 54 8.16 17.69 16.56
N PRO D 55 9.40 18.20 16.75
CA PRO D 55 10.20 17.90 17.95
C PRO D 55 9.50 18.32 19.25
N PHE D 56 9.63 17.50 20.29
CA PHE D 56 9.29 17.86 21.70
C PHE D 56 7.92 18.52 21.75
N THR D 57 6.92 17.88 21.12
CA THR D 57 5.57 18.45 20.94
C THR D 57 4.51 17.42 21.33
N ASP D 58 3.43 17.92 21.93
CA ASP D 58 2.14 17.21 22.08
C ASP D 58 1.38 17.40 20.77
N THR D 59 1.55 16.49 19.81
CA THR D 59 1.02 16.59 18.42
C THR D 59 -0.50 16.78 18.45
N ALA D 60 -1.22 15.96 19.22
CA ALA D 60 -2.69 16.02 19.33
C ALA D 60 -3.11 17.47 19.66
N SER D 61 -2.50 18.06 20.70
CA SER D 61 -2.81 19.43 21.17
C SER D 61 -2.47 20.46 20.09
N LEU D 62 -1.25 20.41 19.53
CA LEU D 62 -0.79 21.41 18.51
C LEU D 62 -1.73 21.40 17.30
N ASN D 63 -2.13 20.22 16.82
CA ASN D 63 -2.96 20.06 15.58
C ASN D 63 -4.33 20.71 15.81
N GLN D 64 -4.80 20.79 17.05
CA GLN D 64 -6.10 21.42 17.43
C GLN D 64 -5.91 22.95 17.58
N ALA D 65 -4.89 23.37 18.33
CA ALA D 65 -4.60 24.77 18.69
C ALA D 65 -4.12 25.55 17.45
N GLY D 66 -3.36 24.89 16.57
CA GLY D 66 -2.77 25.49 15.36
C GLY D 66 -1.38 26.01 15.63
N ALA D 67 -0.43 25.70 14.75
CA ALA D 67 0.98 26.14 14.82
C ALA D 67 1.06 27.63 14.44
N ARG D 68 1.92 28.39 15.12
CA ARG D 68 2.25 29.77 14.71
C ARG D 68 3.23 29.68 13.53
N VAL D 69 2.88 30.31 12.41
CA VAL D 69 3.68 30.22 11.14
C VAL D 69 4.64 31.41 11.05
N MET D 70 5.93 31.17 11.27
CA MET D 70 7.00 32.18 11.13
C MET D 70 7.44 32.19 9.66
N THR D 71 7.46 33.36 9.05
CA THR D 71 7.66 33.51 7.59
C THR D 71 8.97 34.21 7.25
N ARG D 72 9.43 35.14 8.10
CA ARG D 72 10.54 36.06 7.75
C ARG D 72 11.31 36.47 9.01
N GLY D 73 12.62 36.71 8.86
CA GLY D 73 13.47 37.20 9.95
C GLY D 73 14.35 38.32 9.47
N GLU D 74 14.61 39.29 10.34
N GLU D 74 14.60 39.32 10.31
CA GLU D 74 15.58 40.38 10.10
CA GLU D 74 15.60 40.40 10.07
C GLU D 74 16.16 40.87 11.43
C GLU D 74 16.16 40.89 11.42
N GLY D 75 17.48 40.79 11.58
CA GLY D 75 18.19 41.15 12.83
C GLY D 75 17.70 40.30 13.99
N VAL D 76 17.03 40.92 14.97
CA VAL D 76 16.50 40.23 16.18
C VAL D 76 15.01 39.97 16.04
N TYR D 77 14.41 40.32 14.91
CA TYR D 77 12.94 40.25 14.72
C TYR D 77 12.51 39.14 13.77
N LEU D 78 11.35 38.59 14.06
CA LEU D 78 10.60 37.65 13.18
C LEU D 78 9.27 38.28 12.82
N TRP D 79 8.70 37.83 11.70
CA TRP D 79 7.29 38.11 11.33
C TRP D 79 6.57 36.80 11.15
N ASP D 80 5.31 36.72 11.62
CA ASP D 80 4.47 35.51 11.43
C ASP D 80 3.52 35.78 10.26
N SER D 81 2.75 34.76 9.89
CA SER D 81 1.83 34.76 8.72
C SER D 81 0.67 35.75 8.95
N GLU D 82 0.49 36.25 10.16
CA GLU D 82 -0.59 37.21 10.52
C GLU D 82 -0.03 38.64 10.59
N GLY D 83 1.26 38.83 10.26
CA GLY D 83 1.89 40.17 10.14
C GLY D 83 2.44 40.70 11.45
N ASN D 84 2.38 39.93 12.54
CA ASN D 84 2.95 40.35 13.85
C ASN D 84 4.47 40.44 13.73
N LYS D 85 5.05 41.54 14.23
CA LYS D 85 6.52 41.68 14.43
C LYS D 85 6.86 41.16 15.84
N ILE D 86 7.82 40.24 15.91
CA ILE D 86 8.11 39.44 17.13
C ILE D 86 9.58 39.68 17.50
N ILE D 87 9.85 39.96 18.78
CA ILE D 87 11.23 40.03 19.31
C ILE D 87 11.66 38.60 19.60
N ASP D 88 12.69 38.13 18.92
CA ASP D 88 13.19 36.75 19.12
C ASP D 88 14.25 36.76 20.22
N GLY D 89 13.78 36.66 21.46
CA GLY D 89 14.68 36.66 22.63
C GLY D 89 15.32 35.30 22.82
N MET D 90 15.11 34.36 21.90
CA MET D 90 15.75 33.01 21.97
C MET D 90 16.65 32.73 20.76
N ALA D 91 16.81 33.66 19.84
CA ALA D 91 17.68 33.51 18.65
C ALA D 91 17.44 32.15 17.96
N GLY D 92 16.19 31.93 17.53
CA GLY D 92 15.77 30.64 16.95
C GLY D 92 15.68 29.58 18.03
N LEU D 93 16.78 28.87 18.24
CA LEU D 93 16.87 27.93 19.38
C LEU D 93 18.29 28.05 19.95
N TRP D 94 18.57 29.18 20.60
CA TRP D 94 19.86 29.52 21.24
C TRP D 94 20.97 29.59 20.20
N CYS D 95 20.67 29.81 18.91
CA CYS D 95 21.65 29.50 17.84
C CYS D 95 21.84 30.62 16.81
N VAL D 96 20.88 31.52 16.60
CA VAL D 96 21.02 32.51 15.49
C VAL D 96 21.87 33.68 16.02
N ASN D 97 23.16 33.42 16.24
CA ASN D 97 24.04 34.31 17.04
C ASN D 97 24.30 35.62 16.28
N VAL D 98 24.38 35.62 14.95
CA VAL D 98 24.62 36.88 14.18
C VAL D 98 23.31 37.50 13.74
N GLY D 99 22.17 36.95 14.16
CA GLY D 99 20.84 37.44 13.80
C GLY D 99 20.42 37.01 12.40
N TYR D 100 19.19 37.33 12.06
CA TYR D 100 18.58 36.98 10.76
C TYR D 100 18.98 38.01 9.70
N GLY D 101 18.95 37.62 8.42
CA GLY D 101 19.04 38.56 7.29
C GLY D 101 20.43 38.63 6.68
N ARG D 102 21.31 37.69 6.97
CA ARG D 102 22.68 37.67 6.41
C ARG D 102 22.62 37.21 4.94
N LYS D 103 22.44 38.15 4.03
CA LYS D 103 22.42 37.86 2.57
CA LYS D 103 22.41 37.86 2.56
C LYS D 103 23.78 37.32 2.13
N ASP D 104 24.86 37.70 2.82
CA ASP D 104 26.24 37.23 2.52
C ASP D 104 26.34 35.72 2.78
N PHE D 105 25.60 35.20 3.77
CA PHE D 105 25.60 33.74 4.09
C PHE D 105 24.86 32.98 2.98
N ALA D 106 23.75 33.52 2.51
CA ALA D 106 22.95 32.96 1.38
C ALA D 106 23.79 32.96 0.10
N GLU D 107 24.63 33.97 -0.11
CA GLU D 107 25.53 34.04 -1.30
C GLU D 107 26.60 32.93 -1.19
N ALA D 108 27.20 32.75 -0.01
CA ALA D 108 28.23 31.71 0.23
C ALA D 108 27.63 30.32 -0.01
N ALA D 109 26.38 30.11 0.40
CA ALA D 109 25.66 28.83 0.19
C ALA D 109 25.43 28.62 -1.31
N ARG D 110 24.90 29.62 -2.02
CA ARG D 110 24.63 29.55 -3.47
C ARG D 110 25.92 29.21 -4.22
N ARG D 111 27.01 29.93 -3.95
CA ARG D 111 28.30 29.79 -4.68
C ARG D 111 28.79 28.35 -4.49
N GLN D 112 28.80 27.86 -3.25
CA GLN D 112 29.33 26.50 -2.96
C GLN D 112 28.41 25.44 -3.57
N MET D 113 27.10 25.60 -3.48
CA MET D 113 26.12 24.60 -3.98
C MET D 113 26.22 24.48 -5.51
N GLU D 114 26.56 25.56 -6.20
CA GLU D 114 26.72 25.57 -7.69
C GLU D 114 28.02 24.85 -8.06
N GLU D 115 29.09 25.02 -7.27
CA GLU D 115 30.43 24.45 -7.58
C GLU D 115 30.44 22.95 -7.28
N LEU D 116 30.14 22.59 -6.04
CA LEU D 116 30.14 21.18 -5.59
C LEU D 116 29.20 21.09 -4.41
N PRO D 117 27.92 20.70 -4.64
CA PRO D 117 26.91 20.71 -3.59
C PRO D 117 27.23 19.72 -2.47
N PHE D 118 27.84 18.60 -2.85
CA PHE D 118 28.18 17.51 -1.94
C PHE D 118 29.31 16.69 -2.53
N TYR D 119 30.29 16.37 -1.71
CA TYR D 119 31.11 15.17 -1.93
C TYR D 119 31.43 14.62 -0.54
N ASN D 120 31.62 13.30 -0.46
CA ASN D 120 31.82 12.60 0.81
C ASN D 120 33.27 12.76 1.28
N THR D 121 33.49 12.59 2.59
CA THR D 121 34.83 12.66 3.23
C THR D 121 35.27 11.24 3.64
N PHE D 122 34.58 10.22 3.13
CA PHE D 122 34.75 8.79 3.49
C PHE D 122 35.79 8.08 2.61
N PHE D 123 35.95 8.49 1.35
CA PHE D 123 36.69 7.68 0.35
C PHE D 123 38.15 8.17 0.22
N LYS D 124 38.82 8.44 1.34
CA LYS D 124 40.17 9.08 1.35
C LYS D 124 40.08 10.37 0.53
N THR D 125 38.95 11.07 0.66
CA THR D 125 38.59 12.27 -0.11
C THR D 125 38.34 13.45 0.81
N THR D 126 38.53 14.67 0.30
CA THR D 126 38.14 15.92 0.99
C THR D 126 37.65 16.91 -0.07
N HIS D 127 37.38 18.14 0.36
CA HIS D 127 36.92 19.23 -0.54
C HIS D 127 37.29 20.55 0.13
N PRO D 128 37.46 21.64 -0.66
CA PRO D 128 37.98 22.89 -0.13
C PRO D 128 37.17 23.49 1.05
N ALA D 129 35.84 23.48 0.96
CA ALA D 129 34.96 24.11 1.98
C ALA D 129 35.27 23.50 3.35
N VAL D 130 35.38 22.17 3.45
CA VAL D 130 35.61 21.51 4.78
C VAL D 130 37.05 21.79 5.23
N VAL D 131 38.03 21.80 4.32
CA VAL D 131 39.44 22.07 4.72
C VAL D 131 39.55 23.52 5.24
N GLU D 132 38.94 24.48 4.54
CA GLU D 132 38.95 25.92 4.92
C GLU D 132 38.28 26.13 6.28
N LEU D 133 37.12 25.50 6.51
CA LEU D 133 36.42 25.64 7.82
C LEU D 133 37.31 25.07 8.92
N SER D 134 37.87 23.88 8.71
CA SER D 134 38.72 23.18 9.71
C SER D 134 39.88 24.10 10.09
N SER D 135 40.48 24.79 9.11
CA SER D 135 41.61 25.72 9.31
C SER D 135 41.16 26.94 10.12
N LEU D 136 40.03 27.54 9.77
CA LEU D 136 39.51 28.74 10.48
C LEU D 136 39.15 28.36 11.92
N LEU D 137 38.54 27.18 12.13
CA LEU D 137 38.09 26.79 13.49
C LEU D 137 39.31 26.69 14.40
N ALA D 138 40.44 26.16 13.90
CA ALA D 138 41.68 26.05 14.69
C ALA D 138 42.18 27.45 15.11
N GLU D 139 41.88 28.50 14.33
CA GLU D 139 42.29 29.90 14.65
C GLU D 139 41.47 30.45 15.83
N VAL D 140 40.21 30.03 16.01
CA VAL D 140 39.29 30.70 16.97
C VAL D 140 39.10 29.82 18.22
N THR D 141 39.44 28.53 18.16
CA THR D 141 39.21 27.60 19.29
C THR D 141 40.38 27.70 20.25
N PRO D 142 40.20 27.28 21.52
CA PRO D 142 41.25 27.34 22.51
C PRO D 142 42.47 26.51 22.10
N ALA D 143 43.58 26.76 22.77
CA ALA D 143 44.86 26.03 22.64
C ALA D 143 44.59 24.52 22.72
N GLY D 144 45.26 23.74 21.87
CA GLY D 144 45.21 22.27 21.92
C GLY D 144 44.13 21.68 21.04
N PHE D 145 43.21 22.50 20.53
CA PHE D 145 42.05 22.07 19.72
C PHE D 145 42.37 22.34 18.25
N ASP D 146 43.13 21.44 17.63
CA ASP D 146 43.57 21.53 16.22
C ASP D 146 42.63 20.72 15.33
N ARG D 147 42.07 19.62 15.86
CA ARG D 147 41.35 18.61 15.02
C ARG D 147 39.86 18.58 15.36
N VAL D 148 39.05 18.55 14.30
CA VAL D 148 37.57 18.61 14.39
CA VAL D 148 37.57 18.62 14.38
C VAL D 148 36.98 17.45 13.59
N PHE D 149 35.98 16.80 14.16
CA PHE D 149 35.12 15.80 13.50
C PHE D 149 33.76 16.45 13.29
N TYR D 150 33.26 16.40 12.06
CA TYR D 150 31.99 17.08 11.68
C TYR D 150 30.80 16.14 11.80
N THR D 151 29.67 16.74 12.19
CA THR D 151 28.36 16.10 12.26
C THR D 151 27.34 17.08 11.67
N ASN D 152 26.09 16.69 11.68
CA ASN D 152 24.95 17.51 11.22
C ASN D 152 24.32 18.26 12.41
N SER D 153 24.48 17.78 13.64
CA SER D 153 23.71 18.29 14.80
C SER D 153 24.53 18.20 16.09
N GLY D 154 24.06 18.91 17.12
CA GLY D 154 24.59 18.78 18.48
C GLY D 154 24.38 17.36 19.00
N SER D 155 23.23 16.75 18.67
CA SER D 155 22.88 15.39 19.14
C SER D 155 23.90 14.40 18.55
N GLU D 156 24.19 14.52 17.25
CA GLU D 156 25.18 13.65 16.59
C GLU D 156 26.57 13.90 17.17
N SER D 157 26.90 15.16 17.51
CA SER D 157 28.20 15.51 18.12
CA SER D 157 28.22 15.49 18.12
CA SER D 157 28.19 15.54 18.15
C SER D 157 28.33 14.79 19.49
N VAL D 158 27.26 14.74 20.26
CA VAL D 158 27.29 14.08 21.58
C VAL D 158 27.49 12.57 21.38
N ASP D 159 26.75 11.96 20.46
CA ASP D 159 26.91 10.52 20.12
CA ASP D 159 26.88 10.54 20.12
C ASP D 159 28.34 10.25 19.69
N THR D 160 28.89 11.11 18.83
CA THR D 160 30.28 10.99 18.35
C THR D 160 31.23 11.02 19.55
N MET D 161 31.03 11.99 20.44
CA MET D 161 31.88 12.18 21.64
C MET D 161 31.82 10.93 22.51
N ILE D 162 30.63 10.33 22.68
CA ILE D 162 30.48 9.11 23.53
C ILE D 162 31.35 7.99 22.94
N ARG D 163 31.23 7.74 21.63
CA ARG D 163 31.98 6.66 20.95
C ARG D 163 33.49 6.98 20.97
N MET D 164 33.86 8.25 20.83
CA MET D 164 35.27 8.71 20.90
C MET D 164 35.87 8.42 22.29
N VAL D 165 35.13 8.75 23.34
CA VAL D 165 35.59 8.60 24.75
C VAL D 165 35.80 7.11 25.02
N ARG D 166 34.86 6.28 24.59
CA ARG D 166 34.94 4.82 24.83
C ARG D 166 36.08 4.22 24.00
N ARG D 167 36.21 4.62 22.73
CA ARG D 167 37.30 4.15 21.84
C ARG D 167 38.65 4.53 22.44
N TYR D 168 38.78 5.77 22.90
CA TYR D 168 40.02 6.30 23.53
C TYR D 168 40.49 5.32 24.62
N TRP D 169 39.60 4.97 25.56
CA TRP D 169 39.99 4.11 26.71
C TRP D 169 40.31 2.69 26.24
N ASP D 170 39.63 2.20 25.20
CA ASP D 170 39.96 0.89 24.58
C ASP D 170 41.41 0.92 24.06
N VAL D 171 41.77 1.99 23.36
CA VAL D 171 43.13 2.16 22.79
C VAL D 171 44.16 2.19 23.95
N GLN D 172 43.81 2.80 25.08
CA GLN D 172 44.70 2.92 26.26
C GLN D 172 44.81 1.59 27.00
N GLY D 173 44.09 0.55 26.58
CA GLY D 173 44.06 -0.77 27.25
C GLY D 173 43.23 -0.77 28.51
N LYS D 174 42.16 0.04 28.54
CA LYS D 174 41.25 0.16 29.71
C LYS D 174 39.81 -0.07 29.24
N PRO D 175 39.45 -1.27 28.74
CA PRO D 175 38.12 -1.50 28.19
C PRO D 175 37.00 -1.46 29.24
N GLU D 176 37.35 -1.46 30.53
CA GLU D 176 36.41 -1.28 31.68
C GLU D 176 35.95 0.19 31.78
N LYS D 177 36.72 1.12 31.24
CA LYS D 177 36.56 2.56 31.49
C LYS D 177 35.54 3.10 30.49
N LYS D 178 34.25 2.95 30.76
CA LYS D 178 33.21 3.15 29.72
C LYS D 178 32.02 3.98 30.21
N THR D 179 31.88 4.20 31.52
CA THR D 179 30.72 4.95 32.07
C THR D 179 30.96 6.44 31.91
N LEU D 180 30.00 7.14 31.30
CA LEU D 180 29.96 8.62 31.29
C LEU D 180 28.96 9.09 32.34
N ILE D 181 29.36 10.11 33.10
CA ILE D 181 28.53 10.71 34.17
C ILE D 181 28.02 12.05 33.65
N GLY D 182 26.71 12.22 33.67
CA GLY D 182 26.08 13.52 33.47
C GLY D 182 25.31 13.94 34.70
N ARG D 183 24.32 14.78 34.51
CA ARG D 183 23.56 15.40 35.63
C ARG D 183 22.06 15.33 35.37
N TRP D 184 21.31 15.17 36.44
CA TRP D 184 19.86 15.40 36.42
C TRP D 184 19.61 16.82 35.93
N ASN D 185 18.69 16.97 34.98
CA ASN D 185 18.31 18.27 34.34
C ASN D 185 19.43 18.76 33.41
N GLY D 186 20.44 17.94 33.13
CA GLY D 186 21.37 18.22 32.03
C GLY D 186 20.73 17.87 30.70
N TYR D 187 21.11 18.55 29.63
CA TYR D 187 20.56 18.27 28.28
C TYR D 187 21.71 18.10 27.31
N HIS D 188 21.76 16.94 26.65
CA HIS D 188 22.85 16.58 25.71
C HIS D 188 22.27 16.04 24.40
N GLY D 189 21.10 16.53 24.02
CA GLY D 189 20.48 16.18 22.73
C GLY D 189 19.54 15.01 22.80
N SER D 190 19.12 14.53 21.62
CA SER D 190 17.92 13.68 21.49
CA SER D 190 17.91 13.69 21.47
C SER D 190 18.22 12.37 20.74
N THR D 191 19.48 12.10 20.46
CA THR D 191 19.88 10.74 20.06
C THR D 191 19.65 9.83 21.28
N ILE D 192 19.60 8.52 21.09
CA ILE D 192 19.50 7.56 22.22
C ILE D 192 20.69 7.81 23.15
N GLY D 193 21.89 8.00 22.62
CA GLY D 193 23.09 8.27 23.41
C GLY D 193 22.99 9.59 24.15
N GLY D 194 22.66 10.66 23.45
CA GLY D 194 22.52 12.01 24.02
C GLY D 194 21.41 12.10 25.06
N ALA D 195 20.27 11.48 24.81
CA ALA D 195 19.13 11.44 25.75
C ALA D 195 19.50 10.66 27.02
N SER D 196 20.33 9.63 26.87
CA SER D 196 20.80 8.78 28.00
C SER D 196 21.74 9.59 28.91
N LEU D 197 22.66 10.35 28.30
CA LEU D 197 23.66 11.18 29.03
C LEU D 197 22.99 12.41 29.64
N GLY D 198 22.04 12.99 28.92
CA GLY D 198 21.10 13.98 29.47
C GLY D 198 20.41 13.44 30.71
N GLY D 199 19.86 14.32 31.53
CA GLY D 199 19.18 13.94 32.78
C GLY D 199 17.73 14.37 32.80
N MET D 200 17.06 14.30 31.65
CA MET D 200 15.59 14.60 31.55
C MET D 200 14.82 13.28 31.69
N LYS D 201 14.17 13.05 32.83
CA LYS D 201 13.42 11.80 33.07
CA LYS D 201 13.39 11.82 33.10
C LYS D 201 12.31 11.65 32.02
N TYR D 202 11.69 12.76 31.60
CA TYR D 202 10.63 12.75 30.55
C TYR D 202 11.19 12.20 29.23
N MET D 203 12.51 12.26 29.02
CA MET D 203 13.18 11.67 27.83
C MET D 203 13.55 10.21 28.09
N HIS D 204 14.06 9.90 29.28
CA HIS D 204 14.50 8.54 29.68
C HIS D 204 13.33 7.55 29.52
N GLU D 205 12.12 7.97 29.85
CA GLU D 205 10.91 7.10 29.88
CA GLU D 205 10.93 7.07 29.88
C GLU D 205 10.42 6.81 28.46
N GLN D 206 11.02 7.43 27.43
CA GLN D 206 10.66 7.20 26.00
C GLN D 206 11.89 6.67 25.26
N GLY D 207 12.02 5.34 25.19
CA GLY D 207 13.13 4.66 24.48
C GLY D 207 13.88 3.70 25.37
N ASP D 208 13.46 3.54 26.63
CA ASP D 208 14.09 2.64 27.63
C ASP D 208 15.50 3.14 27.97
N LEU D 209 15.65 4.42 28.31
CA LEU D 209 16.97 5.04 28.61
C LEU D 209 17.11 5.24 30.12
N PRO D 210 18.34 5.45 30.64
CA PRO D 210 19.56 5.47 29.85
C PRO D 210 20.12 4.09 29.44
N ILE D 211 20.87 4.10 28.35
CA ILE D 211 21.66 2.93 27.89
C ILE D 211 22.74 2.64 28.92
N PRO D 212 23.36 1.45 28.87
CA PRO D 212 24.41 1.10 29.84
C PRO D 212 25.61 2.06 29.83
N GLY D 213 26.33 2.10 30.95
CA GLY D 213 27.54 2.91 31.03
C GLY D 213 27.19 4.38 31.08
N MET D 214 26.07 4.69 31.70
CA MET D 214 25.65 6.09 31.94
C MET D 214 25.26 6.22 33.41
N ALA D 215 25.63 7.33 34.05
CA ALA D 215 25.26 7.62 35.44
C ALA D 215 24.99 9.10 35.60
N HIS D 216 24.35 9.50 36.69
CA HIS D 216 23.91 10.90 36.84
C HIS D 216 24.08 11.36 38.28
N ILE D 217 24.53 12.59 38.44
CA ILE D 217 24.59 13.28 39.76
C ILE D 217 23.61 14.45 39.75
N GLU D 218 23.31 14.97 40.92
CA GLU D 218 22.38 16.10 41.05
C GLU D 218 23.00 17.35 40.41
N GLN D 219 22.17 18.26 39.94
CA GLN D 219 22.60 19.53 39.30
C GLN D 219 22.95 20.58 40.37
N PRO D 220 23.89 21.48 40.07
CA PRO D 220 24.32 22.53 41.00
C PRO D 220 23.32 23.70 40.98
N TRP D 221 22.08 23.40 41.38
CA TRP D 221 20.94 24.35 41.43
C TRP D 221 20.82 24.86 42.88
N TRP D 222 21.47 25.97 43.18
CA TRP D 222 21.59 26.51 44.56
C TRP D 222 20.19 26.84 45.11
N TYR D 223 19.31 27.42 44.32
CA TYR D 223 18.00 27.90 44.82
C TYR D 223 17.25 26.78 45.52
N LYS D 224 17.29 25.56 44.95
CA LYS D 224 16.57 24.38 45.48
C LYS D 224 17.43 23.59 46.47
N HIS D 225 18.71 23.37 46.18
CA HIS D 225 19.57 22.39 46.90
C HIS D 225 20.54 23.07 47.87
N GLY D 226 20.58 24.39 47.91
CA GLY D 226 21.63 25.17 48.62
C GLY D 226 21.50 25.15 50.13
N LYS D 227 20.33 24.79 50.66
CA LYS D 227 20.05 24.86 52.13
C LYS D 227 20.53 26.23 52.64
N ASP D 228 21.33 26.28 53.70
CA ASP D 228 21.88 27.56 54.26
C ASP D 228 23.37 27.67 53.90
N MET D 229 23.82 26.96 52.86
CA MET D 229 25.16 27.22 52.25
C MET D 229 25.10 28.48 51.39
N THR D 230 26.21 29.21 51.31
CA THR D 230 26.43 30.27 50.30
C THR D 230 26.57 29.55 48.96
N PRO D 231 26.30 30.24 47.83
CA PRO D 231 26.56 29.65 46.52
C PRO D 231 27.97 29.04 46.43
N ASP D 232 29.01 29.75 46.87
CA ASP D 232 30.42 29.26 46.76
C ASP D 232 30.59 28.00 47.61
N GLU D 233 30.03 27.96 48.82
CA GLU D 233 30.10 26.73 49.65
C GLU D 233 29.37 25.59 48.92
N PHE D 234 28.22 25.90 48.33
CA PHE D 234 27.35 24.92 47.65
C PHE D 234 28.05 24.38 46.41
N GLY D 235 28.80 25.23 45.71
CA GLY D 235 29.53 24.85 44.49
C GLY D 235 30.50 23.72 44.78
N VAL D 236 31.21 23.80 45.90
CA VAL D 236 32.16 22.74 46.31
C VAL D 236 31.38 21.45 46.61
N VAL D 237 30.28 21.55 47.35
CA VAL D 237 29.46 20.37 47.72
C VAL D 237 28.88 19.73 46.45
N ALA D 238 28.33 20.54 45.55
CA ALA D 238 27.68 20.03 44.32
C ALA D 238 28.73 19.35 43.41
N ALA D 239 29.93 19.88 43.34
CA ALA D 239 31.05 19.28 42.57
C ALA D 239 31.48 17.96 43.21
N ARG D 240 31.52 17.90 44.53
CA ARG D 240 31.96 16.67 45.25
CA ARG D 240 31.92 16.69 45.30
C ARG D 240 30.95 15.53 45.04
N TRP D 241 29.73 15.82 44.63
CA TRP D 241 28.76 14.76 44.23
C TRP D 241 29.39 13.91 43.12
N LEU D 242 30.21 14.52 42.25
CA LEU D 242 30.91 13.75 41.20
C LEU D 242 31.92 12.78 41.83
N GLU D 243 32.73 13.23 42.78
CA GLU D 243 33.71 12.38 43.48
C GLU D 243 32.97 11.22 44.15
N GLU D 244 31.88 11.52 44.84
CA GLU D 244 31.06 10.49 45.53
CA GLU D 244 31.08 10.48 45.55
C GLU D 244 30.59 9.44 44.52
N LYS D 245 30.07 9.88 43.37
CA LYS D 245 29.54 8.97 42.34
C LYS D 245 30.68 8.14 41.74
N ILE D 246 31.83 8.75 41.47
CA ILE D 246 33.03 8.04 40.93
C ILE D 246 33.44 6.94 41.90
N LEU D 247 33.49 7.24 43.20
CA LEU D 247 33.94 6.24 44.20
C LEU D 247 32.89 5.14 44.34
N GLU D 248 31.61 5.46 44.18
CA GLU D 248 30.50 4.46 44.21
C GLU D 248 30.66 3.47 43.04
N ILE D 249 30.86 4.00 41.83
CA ILE D 249 30.96 3.18 40.58
C ILE D 249 32.31 2.45 40.58
N GLY D 250 33.37 3.12 41.02
CA GLY D 250 34.78 2.71 40.81
C GLY D 250 35.39 3.54 39.69
N ALA D 251 36.45 4.28 39.98
CA ALA D 251 37.15 5.14 39.01
C ALA D 251 37.58 4.31 37.79
N ASP D 252 37.91 3.03 37.98
CA ASP D 252 38.36 2.17 36.87
C ASP D 252 37.25 2.00 35.83
N LYS D 253 35.99 2.25 36.18
CA LYS D 253 34.85 2.05 35.25
C LYS D 253 34.37 3.39 34.67
N VAL D 254 34.94 4.51 35.10
CA VAL D 254 34.42 5.86 34.71
C VAL D 254 35.30 6.44 33.62
N ALA D 255 34.73 6.67 32.44
CA ALA D 255 35.40 7.21 31.24
C ALA D 255 35.43 8.73 31.25
N ALA D 256 34.33 9.37 31.63
CA ALA D 256 34.18 10.82 31.47
C ALA D 256 33.07 11.40 32.33
N PHE D 257 33.22 12.68 32.65
CA PHE D 257 32.14 13.57 33.13
C PHE D 257 31.84 14.55 32.01
N VAL D 258 30.55 14.73 31.72
CA VAL D 258 30.05 15.63 30.65
C VAL D 258 29.13 16.66 31.28
N GLY D 259 29.32 17.93 30.94
CA GLY D 259 28.40 18.98 31.37
C GLY D 259 28.43 20.19 30.46
N GLU D 260 27.25 20.77 30.30
CA GLU D 260 27.06 22.14 29.78
C GLU D 260 27.64 23.12 30.82
N PRO D 261 28.51 24.07 30.41
CA PRO D 261 29.06 25.04 31.35
C PRO D 261 27.93 25.74 32.14
N ILE D 262 26.93 26.19 31.40
CA ILE D 262 25.60 26.62 31.92
C ILE D 262 24.56 25.67 31.35
N GLN D 263 23.74 25.06 32.19
CA GLN D 263 22.65 24.17 31.75
C GLN D 263 21.62 25.01 31.01
N GLY D 264 21.38 24.67 29.73
CA GLY D 264 20.51 25.46 28.83
C GLY D 264 19.06 25.09 28.98
N ALA D 265 18.65 23.98 28.37
CA ALA D 265 17.24 23.52 28.34
C ALA D 265 16.74 23.24 29.76
N GLY D 266 17.64 22.98 30.70
CA GLY D 266 17.30 22.81 32.12
C GLY D 266 16.88 24.10 32.79
N GLY D 267 17.14 25.27 32.19
CA GLY D 267 16.67 26.58 32.68
C GLY D 267 17.79 27.57 32.99
N VAL D 268 18.89 27.57 32.24
CA VAL D 268 20.03 28.51 32.44
C VAL D 268 20.45 28.41 33.91
N ILE D 269 20.81 27.20 34.32
CA ILE D 269 21.36 26.95 35.68
C ILE D 269 22.83 27.35 35.65
N VAL D 270 23.13 28.46 36.30
CA VAL D 270 24.49 29.05 36.35
C VAL D 270 25.13 28.53 37.63
N PRO D 271 26.17 27.68 37.54
CA PRO D 271 26.74 27.14 38.76
C PRO D 271 27.54 28.21 39.48
N PRO D 272 27.78 28.06 40.78
CA PRO D 272 28.72 28.92 41.50
C PRO D 272 30.14 28.86 40.92
N ALA D 273 30.94 29.91 41.18
CA ALA D 273 32.31 30.08 40.66
C ALA D 273 33.21 28.92 41.13
N THR D 274 32.91 28.33 42.28
CA THR D 274 33.72 27.24 42.88
C THR D 274 33.44 25.89 42.23
N TYR D 275 32.36 25.75 41.46
CA TYR D 275 31.92 24.44 40.93
C TYR D 275 32.91 23.83 39.92
N TRP D 276 33.11 24.48 38.77
CA TRP D 276 33.87 23.86 37.65
C TRP D 276 35.32 23.56 38.05
N PRO D 277 36.04 24.45 38.79
CA PRO D 277 37.38 24.11 39.24
C PRO D 277 37.44 22.82 40.08
N GLU D 278 36.43 22.59 40.91
CA GLU D 278 36.33 21.38 41.75
C GLU D 278 36.01 20.17 40.86
N ILE D 279 35.09 20.32 39.91
CA ILE D 279 34.75 19.23 38.96
C ILE D 279 36.06 18.83 38.25
N GLU D 280 36.84 19.81 37.79
CA GLU D 280 38.07 19.51 37.01
CA GLU D 280 38.08 19.55 37.03
C GLU D 280 39.09 18.81 37.92
N ARG D 281 39.30 19.31 39.13
CA ARG D 281 40.23 18.67 40.09
C ARG D 281 39.86 17.19 40.25
N ILE D 282 38.59 16.93 40.48
CA ILE D 282 38.06 15.55 40.71
C ILE D 282 38.32 14.69 39.46
N CYS D 283 37.95 15.17 38.27
CA CYS D 283 38.18 14.39 37.04
C CYS D 283 39.66 14.01 36.92
N ARG D 284 40.57 14.97 37.12
CA ARG D 284 42.02 14.71 36.90
C ARG D 284 42.50 13.72 37.97
N LYS D 285 42.01 13.85 39.20
CA LYS D 285 42.44 12.96 40.31
C LYS D 285 42.16 11.49 39.94
N TYR D 286 41.03 11.22 39.30
CA TYR D 286 40.51 9.85 39.09
C TYR D 286 40.73 9.38 37.65
N ASP D 287 41.54 10.10 36.88
CA ASP D 287 41.85 9.76 35.46
CA ASP D 287 41.84 9.78 35.45
C ASP D 287 40.54 9.66 34.65
N VAL D 288 39.65 10.64 34.79
CA VAL D 288 38.35 10.70 34.11
C VAL D 288 38.43 11.85 33.11
N LEU D 289 37.97 11.64 31.88
CA LEU D 289 38.00 12.71 30.85
C LEU D 289 36.93 13.74 31.25
N LEU D 290 37.17 14.98 30.86
CA LEU D 290 36.27 16.12 31.15
C LEU D 290 35.77 16.63 29.81
N VAL D 291 34.47 16.68 29.64
CA VAL D 291 33.84 17.09 28.35
C VAL D 291 32.91 18.27 28.65
N ALA D 292 33.10 19.35 27.91
CA ALA D 292 32.17 20.48 27.88
C ALA D 292 31.18 20.25 26.75
N ASP D 293 29.88 20.35 27.04
CA ASP D 293 28.86 20.44 25.98
C ASP D 293 28.65 21.93 25.69
N GLU D 294 29.22 22.40 24.60
CA GLU D 294 29.23 23.83 24.18
C GLU D 294 28.15 24.11 23.14
N VAL D 295 27.16 23.23 22.99
CA VAL D 295 26.22 23.38 21.85
C VAL D 295 25.45 24.70 22.04
N ILE D 296 25.12 25.12 23.26
CA ILE D 296 24.51 26.48 23.49
C ILE D 296 25.57 27.51 23.84
N CYS D 297 26.46 27.21 24.78
CA CYS D 297 27.43 28.21 25.30
C CYS D 297 28.46 28.57 24.23
N GLY D 298 28.58 27.77 23.16
CA GLY D 298 29.65 27.96 22.16
C GLY D 298 29.39 29.13 21.24
N PHE D 299 30.44 29.65 20.63
CA PHE D 299 30.42 30.70 19.58
C PHE D 299 29.83 32.00 20.16
N GLY D 300 30.25 32.33 21.39
CA GLY D 300 30.24 33.71 21.91
C GLY D 300 29.14 33.98 22.92
N ARG D 301 28.30 32.99 23.24
CA ARG D 301 27.09 33.20 24.09
C ARG D 301 27.43 33.83 25.44
N THR D 302 28.56 33.48 26.08
CA THR D 302 28.94 33.95 27.44
C THR D 302 29.82 35.21 27.35
N GLY D 303 30.24 35.59 26.13
CA GLY D 303 31.23 36.64 25.88
C GLY D 303 32.60 36.06 25.61
N GLU D 304 32.87 34.87 26.14
CA GLU D 304 34.02 34.06 25.68
C GLU D 304 33.58 33.33 24.42
N TRP D 305 34.53 32.85 23.61
CA TRP D 305 34.17 31.99 22.46
C TRP D 305 33.40 30.77 22.98
N PHE D 306 33.81 30.20 24.11
CA PHE D 306 33.25 28.95 24.66
C PHE D 306 33.00 29.11 26.16
N GLY D 307 31.92 28.50 26.65
CA GLY D 307 31.51 28.58 28.06
C GLY D 307 32.58 28.08 28.99
N HIS D 308 33.34 27.04 28.61
CA HIS D 308 34.37 26.48 29.52
C HIS D 308 35.44 27.53 29.79
N GLN D 309 35.69 28.43 28.85
CA GLN D 309 36.69 29.51 29.03
C GLN D 309 36.20 30.48 30.10
N HIS D 310 34.91 30.81 30.09
CA HIS D 310 34.32 31.73 31.09
C HIS D 310 34.45 31.12 32.48
N PHE D 311 34.16 29.82 32.64
CA PHE D 311 34.15 29.14 33.95
C PHE D 311 35.54 28.62 34.33
N GLY D 312 36.50 28.68 33.41
CA GLY D 312 37.92 28.40 33.70
C GLY D 312 38.20 26.92 33.88
N PHE D 313 37.64 26.06 33.03
CA PHE D 313 38.06 24.64 32.98
C PHE D 313 38.53 24.27 31.58
N GLN D 314 39.34 23.21 31.53
CA GLN D 314 40.07 22.75 30.32
C GLN D 314 39.57 21.37 29.95
N PRO D 315 38.51 21.25 29.13
CA PRO D 315 37.98 19.96 28.72
C PRO D 315 38.91 19.25 27.72
N ASP D 316 38.79 17.93 27.63
CA ASP D 316 39.56 17.07 26.69
C ASP D 316 38.90 17.05 25.31
N LEU D 317 37.59 17.27 25.29
CA LEU D 317 36.73 17.35 24.08
C LEU D 317 35.64 18.36 24.40
N PHE D 318 35.09 18.98 23.38
CA PHE D 318 33.81 19.69 23.54
C PHE D 318 32.98 19.52 22.26
N THR D 319 31.68 19.47 22.48
CA THR D 319 30.65 19.32 21.44
C THR D 319 30.08 20.69 21.08
N ALA D 320 29.78 20.89 19.80
CA ALA D 320 29.30 22.16 19.26
C ALA D 320 28.25 21.92 18.18
N ALA D 321 27.37 22.90 18.01
CA ALA D 321 26.48 23.07 16.85
C ALA D 321 25.93 24.49 16.90
N LYS D 322 24.64 24.66 16.61
CA LYS D 322 23.90 25.94 16.85
C LYS D 322 24.73 27.11 16.31
N GLY D 323 25.38 27.88 17.19
CA GLY D 323 26.13 29.10 16.87
C GLY D 323 27.22 28.86 15.85
N LEU D 324 27.69 27.61 15.68
CA LEU D 324 28.75 27.27 14.69
C LEU D 324 28.41 27.85 13.32
N SER D 325 27.14 27.76 12.90
CA SER D 325 26.63 28.32 11.62
C SER D 325 25.55 29.39 11.87
N SER D 326 25.36 29.84 13.10
CA SER D 326 24.20 30.67 13.53
C SER D 326 22.89 30.04 13.08
N GLY D 327 22.83 28.71 13.00
CA GLY D 327 21.63 27.96 12.57
C GLY D 327 21.28 28.14 11.09
N TYR D 328 22.14 28.76 10.29
CA TYR D 328 21.82 29.06 8.87
C TYR D 328 21.80 27.76 8.05
N LEU D 329 22.64 26.80 8.40
CA LEU D 329 22.52 25.40 7.91
C LEU D 329 22.91 24.43 9.02
N PRO D 330 22.42 23.17 8.95
CA PRO D 330 22.77 22.14 9.93
C PRO D 330 24.24 21.73 9.84
N ILE D 331 24.96 21.93 10.95
CA ILE D 331 26.36 21.45 11.10
C ILE D 331 26.66 21.40 12.59
N GLY D 332 27.36 20.36 13.00
CA GLY D 332 27.92 20.26 14.37
C GLY D 332 29.33 19.77 14.30
N ALA D 333 30.00 19.74 15.44
CA ALA D 333 31.40 19.31 15.49
C ALA D 333 31.74 18.79 16.88
N VAL D 334 32.70 17.87 16.89
CA VAL D 334 33.47 17.53 18.11
C VAL D 334 34.86 18.12 17.93
N PHE D 335 35.20 19.04 18.82
CA PHE D 335 36.55 19.63 18.97
C PHE D 335 37.33 18.68 19.87
N VAL D 336 38.38 18.08 19.32
CA VAL D 336 39.12 16.99 20.01
C VAL D 336 40.48 17.53 20.44
N GLY D 337 40.72 17.51 21.76
CA GLY D 337 41.98 17.97 22.35
C GLY D 337 43.11 17.04 21.96
N LYS D 338 44.34 17.47 22.17
CA LYS D 338 45.55 16.74 21.69
C LYS D 338 45.62 15.33 22.28
N ARG D 339 45.34 15.17 23.57
CA ARG D 339 45.42 13.84 24.26
CA ARG D 339 45.44 13.84 24.24
C ARG D 339 44.48 12.84 23.57
N VAL D 340 43.20 13.17 23.46
CA VAL D 340 42.21 12.21 22.90
C VAL D 340 42.45 12.05 21.39
N ALA D 341 42.82 13.11 20.68
CA ALA D 341 43.06 13.05 19.22
C ALA D 341 44.20 12.06 18.94
N GLU D 342 45.29 12.12 19.71
CA GLU D 342 46.46 11.22 19.54
C GLU D 342 46.03 9.79 19.84
N GLY D 343 45.17 9.59 20.85
CA GLY D 343 44.63 8.27 21.22
C GLY D 343 43.80 7.69 20.09
N LEU D 344 42.92 8.49 19.49
CA LEU D 344 42.04 8.05 18.38
C LEU D 344 42.89 7.73 17.15
N ILE D 345 43.86 8.58 16.85
CA ILE D 345 44.72 8.43 15.64
C ILE D 345 45.59 7.17 15.81
N ALA D 346 46.04 6.89 17.03
CA ALA D 346 46.78 5.65 17.38
C ALA D 346 45.90 4.41 17.18
N GLY D 347 44.58 4.54 17.13
CA GLY D 347 43.63 3.41 17.10
C GLY D 347 43.22 2.98 15.69
N GLY D 348 43.90 3.46 14.65
CA GLY D 348 43.62 3.05 13.26
C GLY D 348 42.26 3.56 12.79
N ASP D 349 41.39 2.66 12.31
CA ASP D 349 40.05 3.02 11.79
C ASP D 349 39.17 3.53 12.94
N PHE D 350 38.49 4.67 12.75
CA PHE D 350 37.36 5.10 13.59
C PHE D 350 36.08 4.89 12.77
N ASN D 351 35.36 3.82 13.08
CA ASN D 351 34.22 3.30 12.29
C ASN D 351 32.97 4.06 12.71
N HIS D 352 32.97 5.35 12.36
CA HIS D 352 31.97 6.33 12.79
C HIS D 352 31.91 7.48 11.79
N GLY D 353 30.70 8.04 11.59
CA GLY D 353 30.50 9.25 10.78
C GLY D 353 29.24 9.21 9.95
N PHE D 354 28.88 10.36 9.38
CA PHE D 354 27.58 10.60 8.71
C PHE D 354 27.84 10.99 7.27
N THR D 355 26.95 10.56 6.38
CA THR D 355 27.02 10.85 4.93
C THR D 355 27.38 12.33 4.74
N TYR D 356 26.71 13.21 5.48
CA TYR D 356 26.79 14.69 5.29
C TYR D 356 27.85 15.31 6.21
N SER D 357 28.65 14.52 6.93
CA SER D 357 29.82 15.03 7.71
C SER D 357 30.67 15.89 6.78
N GLY D 358 30.85 17.17 7.14
CA GLY D 358 31.75 18.10 6.41
C GLY D 358 31.08 18.67 5.17
N HIS D 359 29.76 18.53 5.06
CA HIS D 359 28.96 18.94 3.88
C HIS D 359 29.48 20.28 3.36
N PRO D 360 29.88 20.36 2.06
CA PRO D 360 30.47 21.57 1.52
C PRO D 360 29.68 22.86 1.79
N VAL D 361 28.38 22.82 1.54
CA VAL D 361 27.52 24.03 1.61
C VAL D 361 27.40 24.47 3.08
N CYS D 362 27.15 23.53 3.99
CA CYS D 362 27.10 23.82 5.44
C CYS D 362 28.45 24.35 5.92
N ALA D 363 29.55 23.78 5.41
CA ALA D 363 30.92 24.18 5.78
C ALA D 363 31.18 25.61 5.29
N ALA D 364 30.73 25.94 4.07
CA ALA D 364 30.93 27.28 3.48
C ALA D 364 30.21 28.34 4.33
N VAL D 365 28.99 28.03 4.76
CA VAL D 365 28.16 28.94 5.60
C VAL D 365 28.77 29.06 7.00
N ALA D 366 29.16 27.95 7.63
CA ALA D 366 29.82 27.98 8.96
C ALA D 366 31.06 28.87 8.89
N HIS D 367 31.81 28.79 7.78
CA HIS D 367 33.06 29.57 7.62
C HIS D 367 32.71 31.07 7.64
N ALA D 368 31.72 31.47 6.84
CA ALA D 368 31.23 32.87 6.77
C ALA D 368 30.80 33.32 8.16
N ASN D 369 30.07 32.46 8.87
CA ASN D 369 29.55 32.74 10.24
C ASN D 369 30.69 32.96 11.22
N VAL D 370 31.66 32.04 11.27
CA VAL D 370 32.77 32.13 12.26
C VAL D 370 33.64 33.34 11.93
N ALA D 371 33.90 33.60 10.65
CA ALA D 371 34.70 34.78 10.21
C ALA D 371 33.97 36.05 10.65
N ALA D 372 32.64 36.09 10.56
CA ALA D 372 31.83 37.26 10.96
C ALA D 372 31.94 37.45 12.47
N LEU D 373 31.78 36.37 13.24
CA LEU D 373 31.83 36.43 14.72
C LEU D 373 33.16 37.03 15.15
N ARG D 374 34.27 36.68 14.48
CA ARG D 374 35.60 37.24 14.78
C ARG D 374 35.74 38.64 14.16
N ASP D 375 35.64 38.75 12.84
CA ASP D 375 36.13 39.92 12.06
C ASP D 375 35.24 41.14 12.29
N GLU D 376 33.95 40.93 12.57
CA GLU D 376 33.00 42.03 12.85
C GLU D 376 32.97 42.34 14.36
N GLY D 377 33.74 41.64 15.17
CA GLY D 377 33.96 41.95 16.61
C GLY D 377 32.76 41.55 17.47
N ILE D 378 31.92 40.66 16.96
CA ILE D 378 30.61 40.29 17.60
C ILE D 378 30.87 39.62 18.95
N VAL D 379 31.80 38.67 19.03
CA VAL D 379 32.09 37.95 20.31
C VAL D 379 32.72 38.93 21.31
N GLN D 380 33.68 39.72 20.87
CA GLN D 380 34.39 40.72 21.71
C GLN D 380 33.36 41.70 22.27
N ARG D 381 32.40 42.08 21.44
CA ARG D 381 31.32 43.05 21.83
C ARG D 381 30.47 42.43 22.94
N VAL D 382 30.21 41.12 22.90
CA VAL D 382 29.44 40.47 24.00
C VAL D 382 30.25 40.64 25.29
N LYS D 383 31.55 40.38 25.25
CA LYS D 383 32.38 40.38 26.48
C LYS D 383 32.45 41.78 27.10
N ASP D 384 32.71 42.81 26.29
CA ASP D 384 33.14 44.15 26.76
CA ASP D 384 33.13 44.13 26.81
C ASP D 384 31.99 45.15 26.74
N ASP D 385 30.93 44.89 25.97
CA ASP D 385 29.93 45.96 25.68
C ASP D 385 28.50 45.50 25.97
N ILE D 386 27.89 44.73 25.06
CA ILE D 386 26.44 44.42 25.16
C ILE D 386 26.19 43.42 26.30
N GLY D 387 27.13 42.52 26.58
CA GLY D 387 26.97 41.56 27.68
C GLY D 387 26.76 42.28 29.02
N PRO D 388 27.74 43.10 29.48
CA PRO D 388 27.56 43.81 30.74
C PRO D 388 26.32 44.71 30.78
N TYR D 389 25.93 45.31 29.64
CA TYR D 389 24.70 46.12 29.55
C TYR D 389 23.47 45.23 29.78
N MET D 390 23.38 44.12 29.05
CA MET D 390 22.27 43.15 29.18
C MET D 390 22.18 42.70 30.65
N GLN D 391 23.31 42.34 31.25
CA GLN D 391 23.31 41.71 32.59
C GLN D 391 22.84 42.74 33.62
N LYS D 392 23.31 43.98 33.51
CA LYS D 392 22.89 45.08 34.44
C LYS D 392 21.40 45.36 34.26
N ARG D 393 20.95 45.54 33.02
CA ARG D 393 19.55 45.89 32.70
C ARG D 393 18.62 44.74 33.09
N TRP D 394 19.05 43.50 32.85
CA TRP D 394 18.25 42.31 33.24
C TRP D 394 17.99 42.35 34.75
N ARG D 395 19.03 42.59 35.55
CA ARG D 395 18.92 42.61 37.04
C ARG D 395 18.07 43.81 37.48
N GLU D 396 18.28 44.99 36.89
CA GLU D 396 17.47 46.22 37.14
C GLU D 396 15.98 45.93 36.93
N THR D 397 15.64 45.24 35.84
CA THR D 397 14.24 45.02 35.41
C THR D 397 13.51 44.02 36.32
N PHE D 398 14.11 42.87 36.64
CA PHE D 398 13.36 41.70 37.17
C PHE D 398 13.49 41.57 38.70
N SER D 399 14.45 42.24 39.34
CA SER D 399 14.76 42.04 40.77
C SER D 399 13.58 42.44 41.67
N ARG D 400 12.76 43.40 41.25
CA ARG D 400 11.72 44.01 42.12
C ARG D 400 10.47 43.12 42.24
N PHE D 401 10.26 42.13 41.38
CA PHE D 401 8.98 41.38 41.31
C PHE D 401 8.87 40.43 42.50
N GLU D 402 7.67 40.37 43.09
CA GLU D 402 7.36 39.55 44.28
C GLU D 402 7.53 38.06 43.96
N HIS D 403 7.21 37.65 42.73
CA HIS D 403 7.21 36.21 42.35
C HIS D 403 8.36 35.89 41.38
N VAL D 404 9.38 36.73 41.34
CA VAL D 404 10.64 36.47 40.56
C VAL D 404 11.83 36.37 41.51
N ASP D 405 12.69 35.37 41.31
CA ASP D 405 13.93 35.25 42.11
C ASP D 405 15.02 34.60 41.27
N ASP D 406 16.22 34.59 41.83
CA ASP D 406 17.43 33.98 41.21
C ASP D 406 17.65 34.63 39.84
N VAL D 407 17.59 35.95 39.79
CA VAL D 407 17.89 36.71 38.55
C VAL D 407 19.38 36.50 38.25
N ARG D 408 19.69 36.08 37.03
CA ARG D 408 21.01 35.50 36.73
C ARG D 408 21.32 35.64 35.24
N GLY D 409 22.59 35.43 34.91
CA GLY D 409 23.07 35.44 33.53
C GLY D 409 24.50 35.89 33.40
N VAL D 410 25.06 35.57 32.25
CA VAL D 410 26.45 35.87 31.80
CA VAL D 410 26.38 36.10 31.84
C VAL D 410 26.38 36.25 30.32
N GLY D 411 27.05 37.31 29.86
CA GLY D 411 27.15 37.64 28.44
C GLY D 411 25.78 37.90 27.85
N MET D 412 25.28 37.01 27.00
CA MET D 412 23.95 37.17 26.37
C MET D 412 23.06 35.94 26.65
N VAL D 413 23.32 35.21 27.75
CA VAL D 413 22.36 34.21 28.27
C VAL D 413 21.94 34.66 29.67
N GLN D 414 20.65 34.74 29.92
CA GLN D 414 20.12 35.26 31.20
C GLN D 414 18.78 34.62 31.51
N ALA D 415 18.39 34.66 32.78
CA ALA D 415 17.21 33.95 33.25
C ALA D 415 16.74 34.45 34.62
N PHE D 416 15.61 33.92 35.05
CA PHE D 416 15.11 34.05 36.44
C PHE D 416 14.16 32.90 36.68
N THR D 417 13.72 32.74 37.92
CA THR D 417 12.73 31.72 38.30
C THR D 417 11.49 32.40 38.87
N LEU D 418 10.33 31.96 38.41
CA LEU D 418 9.01 32.30 39.01
C LEU D 418 8.87 31.44 40.27
N VAL D 419 8.60 32.07 41.41
CA VAL D 419 8.59 31.43 42.74
C VAL D 419 7.32 31.85 43.49
N LYS D 420 6.81 30.96 44.33
CA LYS D 420 5.62 31.21 45.17
CA LYS D 420 5.62 31.22 45.16
C LYS D 420 5.98 32.22 46.27
N ASN D 421 7.17 32.07 46.85
CA ASN D 421 7.59 32.90 48.01
C ASN D 421 9.12 32.99 48.03
N LYS D 422 9.65 34.19 47.77
CA LYS D 422 11.11 34.47 47.72
C LYS D 422 11.75 34.19 49.08
N ALA D 423 11.16 34.67 50.17
CA ALA D 423 11.75 34.62 51.53
C ALA D 423 11.95 33.16 51.95
N LYS D 424 11.11 32.25 51.46
CA LYS D 424 11.15 30.80 51.81
C LYS D 424 11.87 29.99 50.73
N ARG D 425 12.27 30.63 49.63
CA ARG D 425 12.76 29.94 48.40
C ARG D 425 11.77 28.83 48.05
N GLU D 426 10.47 29.14 48.10
CA GLU D 426 9.38 28.18 47.85
C GLU D 426 8.99 28.25 46.38
N LEU D 427 9.14 27.12 45.67
CA LEU D 427 8.73 27.00 44.25
C LEU D 427 7.22 26.72 44.17
N PHE D 428 6.63 27.02 43.03
CA PHE D 428 5.23 26.67 42.70
C PHE D 428 5.12 25.15 42.59
N PRO D 429 3.98 24.55 42.97
CA PRO D 429 3.78 23.12 42.75
C PRO D 429 3.66 22.85 41.24
N ASP D 430 3.85 21.59 40.83
CA ASP D 430 3.69 21.15 39.41
C ASP D 430 4.66 21.96 38.56
N PHE D 431 5.89 22.12 39.04
CA PHE D 431 6.96 22.96 38.43
C PHE D 431 6.84 22.87 36.90
N GLY D 432 6.56 23.98 36.23
CA GLY D 432 6.29 24.04 34.78
C GLY D 432 4.94 24.65 34.45
N GLU D 433 3.94 24.45 35.30
CA GLU D 433 2.57 24.97 35.02
CA GLU D 433 2.55 24.97 35.06
C GLU D 433 2.59 26.50 35.03
N ILE D 434 3.25 27.10 36.01
CA ILE D 434 3.30 28.59 36.15
CA ILE D 434 3.30 28.59 36.15
C ILE D 434 4.20 29.16 35.04
N GLY D 435 5.31 28.48 34.72
CA GLY D 435 6.19 28.89 33.61
C GLY D 435 5.42 28.97 32.29
N THR D 436 4.56 27.99 32.03
CA THR D 436 3.75 27.89 30.79
C THR D 436 2.81 29.10 30.73
N LEU D 437 2.15 29.42 31.84
CA LEU D 437 1.28 30.61 31.97
C LEU D 437 2.06 31.87 31.54
N CYS D 438 3.29 32.03 32.04
CA CYS D 438 4.12 33.24 31.78
C CYS D 438 4.55 33.26 30.31
N ARG D 439 5.05 32.15 29.80
CA ARG D 439 5.51 31.99 28.40
C ARG D 439 4.38 32.40 27.45
N ASP D 440 3.15 31.92 27.71
CA ASP D 440 1.97 32.17 26.83
C ASP D 440 1.68 33.68 26.78
N ILE D 441 1.87 34.39 27.90
CA ILE D 441 1.70 35.87 28.00
C ILE D 441 2.75 36.55 27.11
N PHE D 442 4.02 36.15 27.23
CA PHE D 442 5.13 36.67 26.38
C PHE D 442 4.77 36.52 24.90
N PHE D 443 4.36 35.31 24.52
CA PHE D 443 4.11 34.90 23.11
CA PHE D 443 4.12 34.90 23.11
C PHE D 443 2.96 35.74 22.54
N ARG D 444 1.91 35.93 23.33
CA ARG D 444 0.73 36.78 22.98
C ARG D 444 1.19 38.22 22.74
N ASN D 445 2.21 38.68 23.47
CA ASN D 445 2.77 40.05 23.37
C ASN D 445 3.96 40.08 22.40
N ASN D 446 4.07 39.07 21.53
CA ASN D 446 5.05 39.05 20.41
C ASN D 446 6.48 39.15 20.94
N LEU D 447 6.74 38.48 22.06
CA LEU D 447 8.09 38.32 22.63
C LEU D 447 8.35 36.83 22.82
N ILE D 448 9.47 36.34 22.29
CA ILE D 448 9.86 34.91 22.47
C ILE D 448 10.88 34.85 23.61
N MET D 449 10.43 34.30 24.74
CA MET D 449 11.32 33.82 25.83
C MET D 449 10.76 32.45 26.23
N ARG D 450 11.65 31.56 26.64
CA ARG D 450 11.28 30.13 26.83
C ARG D 450 11.05 29.90 28.32
N ALA D 451 10.07 29.07 28.65
CA ALA D 451 9.90 28.50 30.00
C ALA D 451 10.56 27.13 30.04
N CYS D 452 11.47 26.94 30.99
CA CYS D 452 12.09 25.64 31.34
C CYS D 452 11.61 25.32 32.76
N GLY D 453 10.59 24.49 32.89
CA GLY D 453 9.82 24.44 34.13
C GLY D 453 9.31 25.85 34.44
N ASP D 454 9.59 26.37 35.63
CA ASP D 454 9.20 27.74 36.03
C ASP D 454 10.38 28.71 35.88
N HIS D 455 11.47 28.27 35.26
CA HIS D 455 12.57 29.16 34.82
C HIS D 455 12.15 29.86 33.53
N ILE D 456 12.34 31.17 33.47
CA ILE D 456 12.19 31.96 32.22
C ILE D 456 13.59 32.27 31.71
N VAL D 457 13.88 31.92 30.46
CA VAL D 457 15.24 32.05 29.88
C VAL D 457 15.19 32.91 28.62
N SER D 458 16.32 33.54 28.33
CA SER D 458 16.54 34.38 27.14
C SER D 458 17.96 34.15 26.62
N ALA D 459 18.08 34.06 25.30
CA ALA D 459 19.38 34.01 24.60
C ALA D 459 19.19 34.65 23.23
N PRO D 460 19.10 35.99 23.16
CA PRO D 460 18.84 36.64 21.88
C PRO D 460 20.06 36.64 20.98
N PRO D 461 19.92 37.06 19.69
CA PRO D 461 21.08 37.20 18.83
C PRO D 461 22.14 38.09 19.50
N LEU D 462 23.42 37.73 19.33
CA LEU D 462 24.53 38.42 20.03
C LEU D 462 24.64 39.86 19.52
N VAL D 463 24.13 40.12 18.33
CA VAL D 463 24.23 41.43 17.63
C VAL D 463 23.15 42.39 18.15
N MET D 464 22.30 41.94 19.07
CA MET D 464 21.24 42.81 19.66
C MET D 464 21.86 44.14 20.12
N THR D 465 21.23 45.27 19.79
CA THR D 465 21.71 46.60 20.23
C THR D 465 21.17 46.92 21.62
N ARG D 466 21.77 47.92 22.27
CA ARG D 466 21.30 48.43 23.57
C ARG D 466 19.82 48.81 23.45
N ALA D 467 19.44 49.50 22.38
CA ALA D 467 18.03 49.91 22.14
C ALA D 467 17.15 48.67 22.09
N GLU D 468 17.63 47.60 21.45
CA GLU D 468 16.85 46.35 21.29
C GLU D 468 16.78 45.62 22.64
N VAL D 469 17.85 45.68 23.43
CA VAL D 469 17.80 45.09 24.81
C VAL D 469 16.67 45.79 25.58
N ASP D 470 16.64 47.11 25.57
CA ASP D 470 15.65 47.90 26.36
C ASP D 470 14.24 47.65 25.84
N GLU D 471 14.08 47.54 24.52
CA GLU D 471 12.76 47.23 23.88
C GLU D 471 12.26 45.87 24.40
N MET D 472 13.14 44.87 24.40
CA MET D 472 12.80 43.50 24.83
C MET D 472 12.41 43.49 26.31
N LEU D 473 13.20 44.14 27.16
CA LEU D 473 12.96 44.19 28.62
C LEU D 473 11.68 44.97 28.94
N ALA D 474 11.36 46.02 28.19
CA ALA D 474 10.10 46.78 28.37
C ALA D 474 8.89 45.85 28.17
N VAL D 475 8.91 45.00 27.14
CA VAL D 475 7.80 44.05 26.87
C VAL D 475 7.76 42.99 27.98
N ALA D 476 8.92 42.42 28.33
CA ALA D 476 9.01 41.39 29.38
C ALA D 476 8.46 41.95 30.69
N GLU D 477 8.85 43.18 31.05
CA GLU D 477 8.43 43.84 32.31
C GLU D 477 6.89 43.93 32.34
N ARG D 478 6.27 44.46 31.29
CA ARG D 478 4.79 44.61 31.22
C ARG D 478 4.14 43.22 31.33
N CYS D 479 4.75 42.22 30.70
CA CYS D 479 4.24 40.82 30.72
C CYS D 479 4.27 40.26 32.14
N LEU D 480 5.34 40.52 32.89
CA LEU D 480 5.47 40.04 34.30
CA LEU D 480 5.47 40.05 34.31
C LEU D 480 4.42 40.72 35.18
N GLU D 481 4.14 42.00 34.94
CA GLU D 481 3.08 42.74 35.68
C GLU D 481 1.75 42.01 35.47
N GLU D 482 1.43 41.66 34.22
CA GLU D 482 0.21 40.89 33.87
C GLU D 482 0.27 39.46 34.45
N PHE D 483 1.42 38.80 34.37
CA PHE D 483 1.61 37.44 34.92
C PHE D 483 1.19 37.43 36.40
N GLU D 484 1.66 38.40 37.17
CA GLU D 484 1.44 38.44 38.64
C GLU D 484 -0.06 38.63 38.92
N GLN D 485 -0.71 39.50 38.14
CA GLN D 485 -2.18 39.73 38.24
CA GLN D 485 -2.18 39.74 38.21
C GLN D 485 -2.92 38.41 38.05
N THR D 486 -2.62 37.69 36.97
CA THR D 486 -3.28 36.41 36.59
C THR D 486 -3.06 35.35 37.68
N LEU D 487 -1.82 35.24 38.17
CA LEU D 487 -1.42 34.32 39.27
C LEU D 487 -2.40 34.46 40.44
N LYS D 488 -2.57 35.69 40.91
CA LYS D 488 -3.39 36.02 42.11
C LYS D 488 -4.88 35.77 41.78
N ALA D 489 -5.30 36.16 40.57
CA ALA D 489 -6.67 35.97 40.04
C ALA D 489 -7.06 34.49 40.09
N ARG D 490 -6.14 33.60 39.76
CA ARG D 490 -6.38 32.13 39.73
C ARG D 490 -6.18 31.53 41.14
N GLY D 491 -5.85 32.35 42.13
CA GLY D 491 -5.59 31.94 43.52
C GLY D 491 -4.39 31.00 43.61
N LEU D 492 -3.40 31.19 42.73
CA LEU D 492 -2.19 30.33 42.64
C LEU D 492 -1.05 30.94 43.47
N ALA D 493 -1.16 32.21 43.86
CA ALA D 493 -0.29 32.86 44.87
C ALA D 493 -0.57 34.37 44.93
#